data_6T0F
#
_entry.id   6T0F
#
_cell.length_a   93.670
_cell.length_b   81.270
_cell.length_c   155.850
_cell.angle_alpha   90.000
_cell.angle_beta   107.286
_cell.angle_gamma   90.000
#
_symmetry.space_group_name_H-M   'P 1 21 1'
#
loop_
_entity.id
_entity.type
_entity.pdbx_description
1 polymer 'Methyl-branched lipid omega-hydroxylase'
2 non-polymer 'PROTOPORPHYRIN IX CONTAINING FE'
3 non-polymer (8ALPHA,9BETA)-CHOLEST-4-EN-3-ONE
4 non-polymer '3[N-MORPHOLINO]PROPANE SULFONIC ACID'
5 non-polymer GLYCEROL
6 non-polymer 'TRIETHYLENE GLYCOL'
7 water water
#
_entity_poly.entity_id   1
_entity_poly.type   'polypeptide(L)'
_entity_poly.pdbx_seq_one_letter_code
;MHHHHHHMGLNTAIATRVNGTPPPEVPIADIELGSLDFWALDDDVRDGAFATLRREAPISFWPTIELPGFVTGNGHWALT
KYDDVFYASRHPDIFSSYPNITINDQTPELAEYFGSMIVLDDPRHQRLRSIVSRAFTPKVVARIEAAVRDRAHRLVSSMI
ANNPDRQADLVSELAGPLPLQIICDMMGIPKADHQRIFHWTNVILGFGDPDLATDFDEFMQVSADIGAYATALAEDRRVN
HHDDLTSSLVEAEVDGERLSSREIASFFILLVVAGNETTRNAITHGVLALSRYPEQRDRWWSDFDGLAPTAVEEIVRWAS
PVVYMRRTLTQDIELRGTKMAAGDKVSLWYCSANRDESKFADPWTFDLARNPNPHLGFGGGGAHFCLGANLARREIRVAF
DELRRQMPDVVATEEPARLLSQFIHGIKTLPVTWS
;
_entity_poly.pdbx_strand_id   A,B,C,D
#
# COMPACT_ATOMS: atom_id res chain seq x y z
N HIS A 5 3.37 45.31 36.28
CA HIS A 5 3.59 44.22 37.22
C HIS A 5 3.00 44.47 38.60
N HIS A 6 1.68 44.40 38.76
CA HIS A 6 1.13 44.70 40.08
C HIS A 6 1.37 43.56 41.06
N HIS A 7 1.47 42.32 40.61
CA HIS A 7 1.80 41.22 41.51
C HIS A 7 2.83 40.34 40.84
N MET A 8 3.80 39.86 41.61
CA MET A 8 4.70 38.85 41.06
C MET A 8 3.90 37.57 40.81
N GLY A 9 4.36 36.80 39.84
CA GLY A 9 3.73 35.52 39.55
C GLY A 9 4.65 34.71 38.67
N LEU A 10 4.07 33.73 37.96
N LEU A 10 4.07 33.74 37.97
N LEU A 10 4.07 33.69 38.05
CA LEU A 10 4.88 32.68 37.34
CA LEU A 10 4.86 33.03 36.98
CA LEU A 10 4.79 32.95 37.05
C LEU A 10 5.59 33.13 36.09
C LEU A 10 5.24 33.98 35.85
C LEU A 10 5.11 33.89 35.88
N ASN A 11 5.06 34.15 35.41
N ASN A 11 6.20 33.54 35.02
N ASN A 11 5.93 33.39 34.99
CA ASN A 11 5.57 34.51 34.09
CA ASN A 11 6.69 34.35 33.92
CA ASN A 11 6.44 34.21 33.90
C ASN A 11 5.19 35.95 33.75
C ASN A 11 5.54 34.88 33.07
C ASN A 11 5.32 34.82 33.07
N THR A 12 5.61 36.36 32.56
N THR A 12 5.68 36.13 32.63
N THR A 12 5.57 36.04 32.60
CA THR A 12 5.34 37.66 31.95
CA THR A 12 4.74 36.77 31.73
CA THR A 12 4.70 36.79 31.73
C THR A 12 5.70 37.50 30.47
C THR A 12 5.45 37.08 30.41
C THR A 12 5.42 37.07 30.41
N ALA A 13 4.78 37.86 29.56
CA ALA A 13 5.12 37.93 28.13
C ALA A 13 6.50 38.50 27.91
N ILE A 14 7.19 37.99 26.88
CA ILE A 14 8.53 38.46 26.52
C ILE A 14 8.45 39.90 26.04
N ALA A 15 9.62 40.53 25.94
CA ALA A 15 9.70 41.89 25.46
C ALA A 15 9.29 41.92 24.00
N THR A 16 8.52 42.95 23.63
CA THR A 16 8.21 43.19 22.22
C THR A 16 9.42 43.83 21.54
N ARG A 17 9.40 43.86 20.21
N ARG A 17 9.41 43.88 20.21
CA ARG A 17 10.42 44.49 19.41
CA ARG A 17 10.47 44.54 19.46
C ARG A 17 9.79 45.54 18.52
C ARG A 17 9.86 45.44 18.42
N VAL A 18 10.61 46.46 18.02
CA VAL A 18 10.12 47.43 17.05
C VAL A 18 10.23 46.78 15.67
N ASN A 19 9.09 46.54 15.04
CA ASN A 19 9.10 45.91 13.73
C ASN A 19 9.86 46.78 12.75
N GLY A 20 10.59 46.14 11.83
CA GLY A 20 11.38 46.88 10.84
C GLY A 20 12.78 47.25 11.27
N THR A 21 13.18 46.99 12.52
CA THR A 21 14.52 47.36 12.98
C THR A 21 15.58 46.47 12.35
N PRO A 22 16.58 47.02 11.67
CA PRO A 22 17.65 46.18 11.10
C PRO A 22 18.55 45.67 12.21
N PRO A 23 19.29 44.58 11.98
CA PRO A 23 20.19 44.10 13.03
C PRO A 23 21.31 45.09 13.24
N PRO A 24 21.82 45.24 14.47
N PRO A 24 21.74 45.29 14.49
CA PRO A 24 23.08 45.95 14.67
CA PRO A 24 22.95 46.08 14.74
C PRO A 24 24.17 45.53 13.68
C PRO A 24 24.10 45.57 13.88
N GLU A 25 24.97 46.51 13.26
N GLU A 25 24.85 46.50 13.31
CA GLU A 25 26.02 46.28 12.28
CA GLU A 25 25.87 46.16 12.34
C GLU A 25 27.05 45.29 12.83
C GLU A 25 26.86 45.16 12.91
N VAL A 26 27.30 44.23 12.07
CA VAL A 26 28.26 43.21 12.44
C VAL A 26 29.51 43.39 11.59
N PRO A 27 30.65 43.73 12.19
CA PRO A 27 31.86 43.93 11.38
C PRO A 27 32.25 42.62 10.73
N ILE A 28 32.77 42.72 9.49
CA ILE A 28 33.07 41.51 8.74
C ILE A 28 34.10 40.65 9.49
N ALA A 29 34.98 41.29 10.26
CA ALA A 29 35.95 40.54 11.05
C ALA A 29 35.31 39.66 12.12
N ASP A 30 34.11 40.00 12.58
CA ASP A 30 33.46 39.19 13.60
C ASP A 30 32.73 37.98 13.01
N ILE A 31 32.71 37.81 11.69
CA ILE A 31 31.87 36.76 11.12
C ILE A 31 32.69 35.49 11.02
N GLU A 32 32.19 34.42 11.62
CA GLU A 32 32.91 33.16 11.69
C GLU A 32 31.99 32.02 11.27
N LEU A 33 31.69 31.93 9.99
CA LEU A 33 30.73 30.90 9.57
C LEU A 33 31.30 29.50 9.73
N GLY A 34 32.62 29.36 9.84
CA GLY A 34 33.24 28.08 10.07
C GLY A 34 33.47 27.72 11.52
N SER A 35 32.88 28.46 12.47
CA SER A 35 33.00 28.17 13.90
C SER A 35 31.63 27.76 14.42
N LEU A 36 31.54 26.56 15.01
CA LEU A 36 30.28 26.15 15.62
C LEU A 36 29.77 27.20 16.59
N ASP A 37 30.68 27.81 17.35
CA ASP A 37 30.27 28.79 18.35
C ASP A 37 29.48 29.93 17.74
N PHE A 38 29.81 30.29 16.49
CA PHE A 38 29.10 31.38 15.82
C PHE A 38 27.62 31.07 15.68
N TRP A 39 27.29 29.80 15.43
CA TRP A 39 25.91 29.39 15.20
C TRP A 39 25.10 29.36 16.49
N ALA A 40 25.76 29.41 17.64
CA ALA A 40 25.02 29.55 18.88
C ALA A 40 24.60 30.99 19.18
N LEU A 41 25.19 31.97 18.48
CA LEU A 41 24.84 33.38 18.72
C LEU A 41 23.40 33.65 18.25
N ASP A 42 22.82 34.73 18.77
N ASP A 42 22.81 34.72 18.78
CA ASP A 42 21.41 35.00 18.54
CA ASP A 42 21.37 34.92 18.55
C ASP A 42 21.21 35.45 17.10
C ASP A 42 21.13 35.44 17.14
N ASP A 43 19.94 35.50 16.69
N ASP A 43 19.85 35.49 16.76
CA ASP A 43 19.66 35.77 15.29
CA ASP A 43 19.52 35.81 15.37
C ASP A 43 19.93 37.22 14.92
C ASP A 43 20.02 37.19 14.97
N ASP A 44 20.04 38.14 15.88
N ASP A 44 20.05 38.16 15.89
CA ASP A 44 20.48 39.47 15.53
CA ASP A 44 20.48 39.49 15.48
C ASP A 44 21.92 39.46 15.03
C ASP A 44 21.95 39.47 15.02
N VAL A 45 22.81 38.75 15.75
CA VAL A 45 24.19 38.60 15.29
C VAL A 45 24.21 37.90 13.93
N ARG A 46 23.48 36.79 13.81
CA ARG A 46 23.54 36.01 12.58
C ARG A 46 22.99 36.79 11.39
N ASP A 47 21.81 37.40 11.54
CA ASP A 47 21.21 38.20 10.49
C ASP A 47 22.11 39.39 10.13
N GLY A 48 22.72 40.05 11.13
CA GLY A 48 23.61 41.14 10.79
C GLY A 48 24.87 40.67 10.08
N ALA A 49 25.35 39.47 10.42
CA ALA A 49 26.50 38.92 9.73
C ALA A 49 26.19 38.69 8.26
N PHE A 50 25.01 38.13 7.98
CA PHE A 50 24.70 37.91 6.57
C PHE A 50 24.43 39.23 5.86
N ALA A 51 23.93 40.24 6.56
CA ALA A 51 23.75 41.55 5.92
C ALA A 51 25.10 42.13 5.50
N THR A 52 26.09 42.00 6.40
CA THR A 52 27.43 42.46 6.06
C THR A 52 27.99 41.71 4.87
N LEU A 53 27.81 40.39 4.84
CA LEU A 53 28.30 39.62 3.69
C LEU A 53 27.63 40.04 2.40
N ARG A 54 26.31 40.19 2.42
CA ARG A 54 25.63 40.61 1.19
C ARG A 54 26.21 41.93 0.69
N ARG A 55 26.54 42.83 1.61
N ARG A 55 26.53 42.83 1.61
CA ARG A 55 27.03 44.13 1.18
CA ARG A 55 27.02 44.14 1.18
C ARG A 55 28.49 44.10 0.75
C ARG A 55 28.49 44.08 0.75
N GLU A 56 29.33 43.37 1.50
CA GLU A 56 30.77 43.49 1.39
C GLU A 56 31.46 42.27 0.83
N ALA A 57 30.88 41.08 0.94
CA ALA A 57 31.51 39.87 0.43
C ALA A 57 30.41 38.87 0.06
N PRO A 58 29.64 39.15 -0.99
CA PRO A 58 28.42 38.37 -1.23
C PRO A 58 28.71 36.93 -1.61
N ILE A 59 29.92 36.61 -2.07
CA ILE A 59 30.36 35.24 -2.25
C ILE A 59 31.71 35.13 -1.56
N SER A 60 31.84 34.18 -0.64
CA SER A 60 33.04 34.08 0.18
C SER A 60 33.26 32.65 0.62
N PHE A 61 34.49 32.28 0.97
CA PHE A 61 34.83 30.88 1.22
C PHE A 61 35.04 30.61 2.72
N TRP A 62 34.47 29.53 3.23
CA TRP A 62 34.48 29.24 4.67
C TRP A 62 34.80 27.77 4.89
N PRO A 63 35.45 27.40 6.01
CA PRO A 63 35.71 25.98 6.27
C PRO A 63 34.47 25.23 6.77
N THR A 64 34.52 23.91 6.53
CA THR A 64 33.52 22.99 7.10
C THR A 64 33.66 22.98 8.62
N ILE A 65 32.52 22.98 9.32
CA ILE A 65 32.51 22.81 10.77
C ILE A 65 32.66 21.34 11.11
N GLU A 66 33.69 21.01 11.88
N GLU A 66 33.66 21.01 11.93
CA GLU A 66 33.98 19.65 12.27
CA GLU A 66 33.99 19.62 12.23
C GLU A 66 33.20 19.33 13.54
C GLU A 66 33.37 19.20 13.56
N LEU A 67 32.51 18.20 13.53
CA LEU A 67 31.89 17.64 14.71
C LEU A 67 32.42 16.23 14.88
N PRO A 68 32.31 15.62 16.06
CA PRO A 68 32.79 14.25 16.24
C PRO A 68 32.21 13.29 15.22
N GLY A 69 33.08 12.50 14.61
CA GLY A 69 32.66 11.54 13.60
C GLY A 69 32.54 12.10 12.21
N PHE A 70 32.70 13.41 12.04
CA PHE A 70 32.56 13.97 10.70
C PHE A 70 33.78 13.62 9.86
N VAL A 71 33.52 13.46 8.55
CA VAL A 71 34.57 13.31 7.57
C VAL A 71 35.24 14.66 7.39
N THR A 72 36.58 14.67 7.32
CA THR A 72 37.27 15.93 7.06
C THR A 72 36.84 16.46 5.69
N GLY A 73 36.48 17.74 5.64
CA GLY A 73 35.87 18.28 4.42
C GLY A 73 36.49 19.60 3.99
N ASN A 74 36.53 19.79 2.67
CA ASN A 74 36.92 21.08 2.14
C ASN A 74 35.88 22.15 2.50
N GLY A 75 36.29 23.41 2.41
CA GLY A 75 35.38 24.52 2.65
C GLY A 75 34.35 24.71 1.54
N HIS A 76 33.59 25.82 1.65
CA HIS A 76 32.43 26.03 0.78
C HIS A 76 32.29 27.51 0.45
N TRP A 77 31.84 27.80 -0.78
CA TRP A 77 31.51 29.16 -1.22
C TRP A 77 30.09 29.51 -0.76
N ALA A 78 29.95 30.52 0.10
CA ALA A 78 28.65 30.93 0.62
C ALA A 78 27.99 31.90 -0.33
N LEU A 79 26.85 31.49 -0.94
CA LEU A 79 26.04 32.36 -1.77
C LEU A 79 25.03 33.04 -0.87
N THR A 80 25.17 34.35 -0.68
CA THR A 80 24.31 35.07 0.26
C THR A 80 23.26 35.91 -0.45
N LYS A 81 23.35 36.08 -1.77
CA LYS A 81 22.40 36.93 -2.47
C LYS A 81 21.27 36.09 -3.07
N TYR A 82 20.07 36.69 -3.05
CA TYR A 82 18.89 36.05 -3.58
C TYR A 82 19.11 35.59 -5.03
N ASP A 83 19.61 36.48 -5.89
N ASP A 83 19.61 36.47 -5.90
CA ASP A 83 19.74 36.12 -7.29
CA ASP A 83 19.71 36.07 -7.29
C ASP A 83 20.70 34.95 -7.48
C ASP A 83 20.69 34.94 -7.49
N ASP A 84 21.77 34.88 -6.68
CA ASP A 84 22.70 33.78 -6.84
C ASP A 84 22.11 32.46 -6.35
N VAL A 85 21.42 32.50 -5.22
CA VAL A 85 20.80 31.28 -4.69
C VAL A 85 19.76 30.76 -5.69
N PHE A 86 18.96 31.67 -6.24
CA PHE A 86 17.95 31.34 -7.24
C PHE A 86 18.61 30.69 -8.47
N TYR A 87 19.63 31.35 -9.00
CA TYR A 87 20.33 30.80 -10.16
C TYR A 87 20.90 29.42 -9.86
N ALA A 88 21.61 29.28 -8.76
CA ALA A 88 22.24 28.00 -8.44
C ALA A 88 21.19 26.90 -8.34
N SER A 89 20.05 27.20 -7.71
CA SER A 89 18.98 26.21 -7.57
C SER A 89 18.45 25.78 -8.92
N ARG A 90 18.39 26.70 -9.88
N ARG A 90 18.40 26.70 -9.88
CA ARG A 90 17.76 26.40 -11.16
CA ARG A 90 17.78 26.43 -11.18
C ARG A 90 18.70 25.69 -12.14
C ARG A 90 18.75 25.88 -12.22
N HIS A 91 19.98 25.57 -11.83
CA HIS A 91 20.96 25.00 -12.76
C HIS A 91 21.69 23.85 -12.11
N PRO A 92 20.99 22.73 -11.89
CA PRO A 92 21.63 21.58 -11.23
C PRO A 92 22.64 20.87 -12.11
N ASP A 93 22.61 21.09 -13.43
CA ASP A 93 23.68 20.57 -14.25
C ASP A 93 25.02 21.14 -13.83
N ILE A 94 25.02 22.36 -13.29
CA ILE A 94 26.22 23.02 -12.78
C ILE A 94 26.38 22.81 -11.27
N PHE A 95 25.30 22.99 -10.53
CA PHE A 95 25.31 22.91 -9.05
C PHE A 95 24.64 21.61 -8.64
N SER A 96 25.44 20.54 -8.50
CA SER A 96 24.89 19.22 -8.29
C SER A 96 24.48 19.03 -6.84
N SER A 97 23.42 18.23 -6.63
CA SER A 97 23.05 17.80 -5.29
C SER A 97 23.79 16.54 -4.84
N TYR A 98 24.63 15.95 -5.71
CA TYR A 98 25.53 14.83 -5.41
C TYR A 98 26.90 15.40 -5.04
N PRO A 99 27.55 14.95 -3.93
CA PRO A 99 27.20 13.74 -3.18
C PRO A 99 26.38 14.03 -1.91
N ASN A 100 26.16 15.30 -1.57
CA ASN A 100 25.45 15.57 -0.31
C ASN A 100 24.94 17.00 -0.31
N ILE A 101 23.97 17.27 0.55
CA ILE A 101 23.38 18.61 0.60
C ILE A 101 23.56 19.31 1.95
N THR A 102 24.30 18.72 2.89
CA THR A 102 24.90 19.53 3.95
C THR A 102 26.38 19.74 3.59
N ILE A 103 27.03 20.64 4.33
CA ILE A 103 28.39 21.05 3.95
C ILE A 103 29.37 19.89 4.12
N ASN A 104 29.25 19.12 5.20
CA ASN A 104 30.09 17.93 5.35
C ASN A 104 29.57 16.83 4.43
N ASP A 105 30.33 15.74 4.33
CA ASP A 105 29.98 14.64 3.44
C ASP A 105 29.58 13.42 4.25
N GLN A 106 28.91 12.48 3.57
CA GLN A 106 28.50 11.24 4.23
C GLN A 106 29.63 10.22 4.25
N THR A 107 29.75 9.46 5.34
CA THR A 107 30.57 8.26 5.33
C THR A 107 29.86 7.19 4.51
N PRO A 108 30.59 6.14 4.12
CA PRO A 108 29.92 5.00 3.47
C PRO A 108 28.84 4.40 4.35
N GLU A 109 29.05 4.34 5.67
CA GLU A 109 28.04 3.79 6.57
C GLU A 109 26.76 4.62 6.53
N LEU A 110 26.89 5.94 6.59
CA LEU A 110 25.72 6.81 6.55
C LEU A 110 24.97 6.70 5.23
N ALA A 111 25.66 6.39 4.13
CA ALA A 111 24.97 6.32 2.85
C ALA A 111 23.89 5.24 2.85
N GLU A 112 24.00 4.24 3.71
N GLU A 112 23.99 4.25 3.72
CA GLU A 112 22.94 3.25 3.79
CA GLU A 112 22.95 3.24 3.83
C GLU A 112 21.61 3.87 4.24
C GLU A 112 21.62 3.82 4.31
N TYR A 113 21.66 4.97 4.98
CA TYR A 113 20.45 5.59 5.53
C TYR A 113 20.08 6.92 4.89
N PHE A 114 21.06 7.62 4.31
CA PHE A 114 20.84 8.99 3.87
C PHE A 114 21.11 9.17 2.38
N GLY A 115 21.16 8.07 1.64
CA GLY A 115 21.34 8.16 0.20
C GLY A 115 20.03 8.23 -0.56
N SER A 116 19.19 9.19 -0.20
CA SER A 116 17.87 9.37 -0.77
C SER A 116 17.94 10.24 -2.04
N MET A 117 16.75 10.51 -2.63
CA MET A 117 16.67 11.37 -3.82
C MET A 117 17.18 12.79 -3.57
N ILE A 118 17.26 13.26 -2.30
CA ILE A 118 17.71 14.65 -2.09
C ILE A 118 19.21 14.80 -2.34
N VAL A 119 19.97 13.70 -2.38
CA VAL A 119 21.39 13.77 -2.72
C VAL A 119 21.63 13.11 -4.08
N LEU A 120 20.60 13.09 -4.92
CA LEU A 120 20.72 12.58 -6.28
C LEU A 120 20.33 13.66 -7.28
N ASP A 121 20.91 13.58 -8.48
CA ASP A 121 20.46 14.40 -9.60
C ASP A 121 19.48 13.61 -10.47
N ASP A 122 18.78 14.32 -11.36
CA ASP A 122 18.03 13.66 -12.39
C ASP A 122 18.95 12.93 -13.35
N PRO A 123 18.48 11.86 -14.03
N PRO A 123 18.46 11.89 -14.04
CA PRO A 123 17.10 11.35 -14.02
CA PRO A 123 17.07 11.41 -14.01
C PRO A 123 16.63 10.58 -12.78
C PRO A 123 16.63 10.55 -12.81
N ARG A 124 17.55 9.93 -12.06
CA ARG A 124 17.11 9.05 -10.98
C ARG A 124 16.31 9.80 -9.92
N HIS A 125 16.72 11.02 -9.58
CA HIS A 125 15.98 11.78 -8.57
C HIS A 125 14.50 11.92 -8.93
N GLN A 126 14.21 12.28 -10.19
N GLN A 126 14.20 12.30 -10.18
N GLN A 126 14.20 12.30 -10.19
CA GLN A 126 12.83 12.51 -10.58
CA GLN A 126 12.79 12.53 -10.50
CA GLN A 126 12.80 12.52 -10.54
C GLN A 126 12.04 11.21 -10.55
C GLN A 126 12.01 11.22 -10.57
C GLN A 126 12.03 11.21 -10.56
N ARG A 127 12.68 10.11 -10.97
CA ARG A 127 11.99 8.83 -10.98
C ARG A 127 11.59 8.44 -9.57
N LEU A 128 12.46 8.73 -8.60
CA LEU A 128 12.13 8.46 -7.20
C LEU A 128 11.00 9.38 -6.70
N ARG A 129 11.13 10.68 -6.97
CA ARG A 129 10.14 11.63 -6.48
C ARG A 129 8.75 11.29 -6.95
N SER A 130 8.62 10.82 -8.20
CA SER A 130 7.28 10.51 -8.72
C SER A 130 6.55 9.38 -7.98
N ILE A 131 7.27 8.56 -7.19
CA ILE A 131 6.65 7.47 -6.46
C ILE A 131 5.67 8.01 -5.41
N VAL A 132 5.99 9.14 -4.80
CA VAL A 132 5.20 9.65 -3.70
C VAL A 132 4.55 10.99 -3.99
N SER A 133 4.85 11.64 -5.11
CA SER A 133 4.45 13.05 -5.19
C SER A 133 2.94 13.23 -5.28
N ARG A 134 2.18 12.22 -5.73
CA ARG A 134 0.73 12.38 -5.77
C ARG A 134 0.18 12.66 -4.39
N ALA A 135 0.76 12.01 -3.37
CA ALA A 135 0.26 12.18 -2.01
C ALA A 135 0.45 13.59 -1.51
N PHE A 136 1.29 14.37 -2.17
CA PHE A 136 1.65 15.68 -1.66
C PHE A 136 1.05 16.81 -2.49
N THR A 137 0.27 16.47 -3.51
CA THR A 137 -0.36 17.48 -4.35
C THR A 137 -1.46 18.21 -3.57
N PRO A 138 -1.77 19.45 -3.96
CA PRO A 138 -2.82 20.19 -3.26
C PRO A 138 -4.15 19.43 -3.17
N LYS A 139 -4.60 18.78 -4.24
CA LYS A 139 -5.90 18.10 -4.16
C LYS A 139 -5.90 16.97 -3.15
N VAL A 140 -4.77 16.26 -3.00
CA VAL A 140 -4.73 15.15 -2.06
C VAL A 140 -4.55 15.67 -0.63
N VAL A 141 -3.69 16.68 -0.46
N VAL A 141 -3.71 16.67 -0.43
CA VAL A 141 -3.55 17.37 0.83
CA VAL A 141 -3.60 17.22 0.93
C VAL A 141 -4.91 17.86 1.33
C VAL A 141 -4.90 17.90 1.36
N ALA A 142 -5.74 18.33 0.40
CA ALA A 142 -7.09 18.78 0.76
C ALA A 142 -7.87 17.65 1.43
N ARG A 143 -7.60 16.40 1.05
N ARG A 143 -7.62 16.40 1.04
CA ARG A 143 -8.31 15.27 1.64
CA ARG A 143 -8.34 15.29 1.67
C ARG A 143 -7.95 15.05 3.10
C ARG A 143 -8.00 15.16 3.15
N ILE A 144 -6.75 15.45 3.52
CA ILE A 144 -6.32 15.27 4.90
C ILE A 144 -6.39 16.57 5.67
N GLU A 145 -6.82 17.65 5.03
CA GLU A 145 -7.10 18.91 5.74
C GLU A 145 -7.88 18.68 7.02
N ALA A 146 -8.97 17.91 6.95
CA ALA A 146 -9.78 17.67 8.15
C ALA A 146 -8.95 17.01 9.25
N ALA A 147 -8.06 16.09 8.88
CA ALA A 147 -7.19 15.45 9.87
C ALA A 147 -6.17 16.42 10.44
N VAL A 148 -5.59 17.27 9.57
CA VAL A 148 -4.69 18.32 10.05
C VAL A 148 -5.43 19.22 11.05
N ARG A 149 -6.66 19.59 10.69
CA ARG A 149 -7.50 20.41 11.55
C ARG A 149 -7.78 19.71 12.87
N ASP A 150 -8.17 18.43 12.81
CA ASP A 150 -8.55 17.73 14.03
C ASP A 150 -7.36 17.58 14.96
N ARG A 151 -6.19 17.31 14.38
CA ARG A 151 -4.98 17.17 15.19
C ARG A 151 -4.63 18.48 15.89
N ALA A 152 -4.62 19.58 15.13
CA ALA A 152 -4.32 20.88 15.73
C ALA A 152 -5.33 21.24 16.81
N HIS A 153 -6.61 20.99 16.54
CA HIS A 153 -7.66 21.34 17.50
C HIS A 153 -7.49 20.57 18.80
N ARG A 154 -7.26 19.26 18.68
CA ARG A 154 -7.13 18.43 19.87
C ARG A 154 -5.90 18.84 20.67
N LEU A 155 -4.79 19.17 19.98
CA LEU A 155 -3.56 19.53 20.69
C LEU A 155 -3.73 20.84 21.45
N VAL A 156 -4.37 21.85 20.83
CA VAL A 156 -4.57 23.10 21.55
C VAL A 156 -5.54 22.93 22.72
N SER A 157 -6.62 22.15 22.52
N SER A 157 -6.61 22.14 22.52
CA SER A 157 -7.53 21.86 23.63
CA SER A 157 -7.53 21.85 23.61
C SER A 157 -6.82 21.14 24.76
C SER A 157 -6.82 21.13 24.75
N SER A 158 -5.90 20.22 24.42
CA SER A 158 -5.18 19.50 25.47
C SER A 158 -4.25 20.44 26.22
N MET A 159 -3.62 21.38 25.51
CA MET A 159 -2.84 22.40 26.18
C MET A 159 -3.65 23.07 27.26
N ILE A 160 -4.88 23.46 26.91
CA ILE A 160 -5.71 24.18 27.88
C ILE A 160 -6.12 23.28 29.04
N ALA A 161 -6.56 22.06 28.73
CA ALA A 161 -7.11 21.19 29.78
C ALA A 161 -6.04 20.69 30.74
N ASN A 162 -4.82 20.51 30.26
CA ASN A 162 -3.80 19.84 31.06
C ASN A 162 -2.77 20.77 31.65
N ASN A 163 -2.94 22.10 31.49
CA ASN A 163 -2.01 23.09 32.05
C ASN A 163 -2.81 24.13 32.82
N PRO A 164 -3.26 23.79 34.02
CA PRO A 164 -4.16 24.71 34.76
C PRO A 164 -3.46 25.98 35.23
N ASP A 165 -2.12 26.01 35.32
CA ASP A 165 -1.40 27.27 35.49
C ASP A 165 -1.32 28.08 34.20
N ARG A 166 -1.84 27.55 33.10
CA ARG A 166 -1.91 28.26 31.81
C ARG A 166 -0.54 28.59 31.23
N GLN A 167 0.41 27.68 31.42
N GLN A 167 0.40 27.67 31.39
CA GLN A 167 1.66 27.78 30.69
CA GLN A 167 1.70 27.78 30.74
C GLN A 167 2.04 26.40 30.19
C GLN A 167 2.11 26.41 30.24
N ALA A 168 2.78 26.41 29.08
CA ALA A 168 3.20 25.16 28.47
C ALA A 168 4.31 25.47 27.48
N ASP A 169 5.06 24.44 27.11
CA ASP A 169 6.03 24.57 26.01
C ASP A 169 5.30 24.39 24.67
N LEU A 170 5.27 25.45 23.85
CA LEU A 170 4.63 25.36 22.53
C LEU A 170 5.24 24.25 21.68
N VAL A 171 6.53 23.99 21.80
CA VAL A 171 7.17 23.04 20.89
C VAL A 171 6.69 21.63 21.19
N SER A 172 6.77 21.21 22.47
CA SER A 172 6.38 19.83 22.78
C SER A 172 4.87 19.64 22.73
N GLU A 173 4.06 20.69 22.90
N GLU A 173 4.08 20.70 22.92
CA GLU A 173 2.63 20.49 22.99
CA GLU A 173 2.63 20.56 23.02
C GLU A 173 1.85 20.85 21.73
C GLU A 173 1.92 20.74 21.69
N LEU A 174 2.49 21.49 20.74
CA LEU A 174 1.76 21.77 19.52
C LEU A 174 2.68 21.73 18.31
N ALA A 175 3.75 22.55 18.33
CA ALA A 175 4.50 22.75 17.09
C ALA A 175 5.15 21.46 16.63
N GLY A 176 5.69 20.68 17.57
CA GLY A 176 6.25 19.37 17.28
C GLY A 176 5.22 18.30 16.95
N PRO A 177 4.24 18.06 17.84
CA PRO A 177 3.33 16.91 17.62
C PRO A 177 2.32 17.06 16.48
N LEU A 178 1.99 18.28 16.02
CA LEU A 178 1.05 18.37 14.90
C LEU A 178 1.67 17.83 13.60
N PRO A 179 2.80 18.38 13.11
CA PRO A 179 3.41 17.86 11.88
C PRO A 179 3.88 16.42 12.04
N LEU A 180 4.30 16.03 13.24
CA LEU A 180 4.74 14.66 13.50
C LEU A 180 3.61 13.68 13.18
N GLN A 181 2.45 13.90 13.79
CA GLN A 181 1.35 12.95 13.55
C GLN A 181 0.98 12.92 12.09
N ILE A 182 0.96 14.08 11.43
N ILE A 182 0.95 14.09 11.43
CA ILE A 182 0.47 14.11 10.04
CA ILE A 182 0.49 14.12 10.04
C ILE A 182 1.40 13.32 9.11
C ILE A 182 1.41 13.30 9.14
N ILE A 183 2.72 13.57 9.19
CA ILE A 183 3.61 12.87 8.26
C ILE A 183 3.71 11.39 8.64
N CYS A 184 3.67 11.05 9.94
CA CYS A 184 3.77 9.64 10.30
C CYS A 184 2.53 8.88 9.88
N ASP A 185 1.35 9.51 9.98
CA ASP A 185 0.14 8.85 9.50
C ASP A 185 0.19 8.68 7.99
N MET A 186 0.71 9.69 7.26
CA MET A 186 0.84 9.51 5.80
C MET A 186 1.73 8.33 5.46
N MET A 187 2.81 8.14 6.25
CA MET A 187 3.70 7.00 6.01
C MET A 187 3.05 5.68 6.40
N GLY A 188 2.01 5.70 7.21
CA GLY A 188 1.45 4.46 7.73
C GLY A 188 2.08 3.96 9.01
N ILE A 189 2.83 4.79 9.71
CA ILE A 189 3.44 4.39 10.97
C ILE A 189 2.37 4.37 12.06
N PRO A 190 2.22 3.29 12.81
CA PRO A 190 1.21 3.27 13.88
C PRO A 190 1.48 4.36 14.91
N LYS A 191 0.38 4.95 15.40
N LYS A 191 0.38 4.96 15.41
CA LYS A 191 0.44 6.04 16.37
CA LYS A 191 0.49 6.07 16.35
C LYS A 191 1.35 5.72 17.55
C LYS A 191 1.35 5.73 17.57
N ALA A 192 1.34 4.47 18.01
CA ALA A 192 2.16 4.07 19.16
C ALA A 192 3.65 4.33 18.99
N ASP A 193 4.13 4.39 17.75
CA ASP A 193 5.54 4.59 17.46
C ASP A 193 5.89 6.03 17.05
N HIS A 194 4.93 6.97 17.03
CA HIS A 194 5.28 8.30 16.51
C HIS A 194 6.32 9.00 17.39
N GLN A 195 6.20 8.88 18.71
CA GLN A 195 7.20 9.54 19.55
C GLN A 195 8.59 8.92 19.38
N ARG A 196 8.68 7.60 19.14
N ARG A 196 8.67 7.61 19.13
CA ARG A 196 9.98 7.00 18.83
CA ARG A 196 9.94 6.98 18.82
C ARG A 196 10.56 7.61 17.55
C ARG A 196 10.55 7.59 17.56
N ILE A 197 9.74 7.73 16.51
CA ILE A 197 10.20 8.37 15.27
C ILE A 197 10.71 9.78 15.57
N PHE A 198 9.94 10.54 16.34
CA PHE A 198 10.30 11.93 16.60
C PHE A 198 11.61 12.02 17.35
N HIS A 199 11.83 11.12 18.33
CA HIS A 199 13.15 11.15 18.99
C HIS A 199 14.25 10.91 17.97
N TRP A 200 14.05 9.91 17.11
CA TRP A 200 15.09 9.65 16.10
C TRP A 200 15.34 10.85 15.20
N THR A 201 14.27 11.48 14.67
CA THR A 201 14.54 12.59 13.75
C THR A 201 15.06 13.80 14.49
N ASN A 202 14.69 13.98 15.78
CA ASN A 202 15.27 15.08 16.56
C ASN A 202 16.78 14.88 16.69
N VAL A 203 17.22 13.64 16.89
CA VAL A 203 18.67 13.39 16.96
C VAL A 203 19.32 13.59 15.60
N ILE A 204 18.71 13.04 14.54
CA ILE A 204 19.36 13.09 13.22
C ILE A 204 19.64 14.54 12.83
N LEU A 205 18.74 15.46 13.12
CA LEU A 205 18.94 16.86 12.75
C LEU A 205 19.22 17.74 13.96
N GLY A 206 19.72 17.14 15.03
CA GLY A 206 20.14 17.88 16.23
C GLY A 206 21.57 17.61 16.60
N PHE A 207 22.32 16.90 15.74
CA PHE A 207 23.64 16.41 16.16
C PHE A 207 24.62 17.58 16.28
N GLY A 208 25.35 17.59 17.38
CA GLY A 208 26.20 18.71 17.76
C GLY A 208 25.60 19.59 18.87
N ASP A 209 24.29 19.56 19.09
CA ASP A 209 23.70 20.26 20.24
C ASP A 209 23.71 19.32 21.44
N PRO A 210 24.35 19.69 22.56
CA PRO A 210 24.42 18.80 23.73
C PRO A 210 23.07 18.35 24.24
N ASP A 211 22.03 19.17 24.03
CA ASP A 211 20.69 18.79 24.47
C ASP A 211 20.09 17.67 23.63
N LEU A 212 20.65 17.42 22.43
CA LEU A 212 20.12 16.40 21.53
C LEU A 212 21.10 15.22 21.47
N ALA A 213 22.29 15.42 20.91
CA ALA A 213 23.28 14.35 20.85
C ALA A 213 24.60 14.94 20.38
N THR A 214 25.68 14.50 21.02
CA THR A 214 27.02 14.84 20.55
C THR A 214 27.92 13.63 20.34
N ASP A 215 27.46 12.44 20.69
CA ASP A 215 28.25 11.22 20.62
C ASP A 215 27.94 10.58 19.27
N PHE A 216 28.96 10.49 18.39
CA PHE A 216 28.71 9.94 17.05
C PHE A 216 28.21 8.50 17.10
N ASP A 217 28.60 7.72 18.13
CA ASP A 217 28.10 6.35 18.20
C ASP A 217 26.59 6.33 18.43
N GLU A 218 26.09 7.25 19.25
CA GLU A 218 24.64 7.39 19.44
C GLU A 218 23.96 7.82 18.16
N PHE A 219 24.56 8.74 17.41
CA PHE A 219 23.99 9.13 16.13
C PHE A 219 23.90 7.93 15.18
N MET A 220 24.96 7.11 15.12
CA MET A 220 24.95 5.94 14.23
C MET A 220 23.97 4.87 14.72
N GLN A 221 23.78 4.75 16.04
CA GLN A 221 22.78 3.83 16.54
C GLN A 221 21.36 4.29 16.19
N VAL A 222 21.08 5.59 16.35
CA VAL A 222 19.79 6.15 15.95
C VAL A 222 19.55 5.90 14.46
N SER A 223 20.57 6.18 13.63
CA SER A 223 20.37 5.99 12.19
C SER A 223 20.06 4.55 11.88
N ALA A 224 20.79 3.61 12.51
CA ALA A 224 20.53 2.19 12.30
C ALA A 224 19.12 1.82 12.77
N ASP A 225 18.70 2.38 13.90
CA ASP A 225 17.42 2.00 14.48
C ASP A 225 16.25 2.48 13.61
N ILE A 226 16.29 3.74 13.15
CA ILE A 226 15.20 4.19 12.30
C ILE A 226 15.23 3.45 10.96
N GLY A 227 16.42 3.14 10.44
CA GLY A 227 16.50 2.33 9.24
C GLY A 227 15.89 0.94 9.42
N ALA A 228 16.21 0.28 10.54
CA ALA A 228 15.60 -1.01 10.81
C ALA A 228 14.08 -0.91 10.94
N TYR A 229 13.60 0.13 11.63
CA TYR A 229 12.16 0.36 11.72
C TYR A 229 11.53 0.49 10.34
N ALA A 230 12.09 1.36 9.49
CA ALA A 230 11.60 1.52 8.13
C ALA A 230 11.52 0.18 7.43
N THR A 231 12.58 -0.60 7.53
CA THR A 231 12.61 -1.90 6.83
C THR A 231 11.54 -2.84 7.37
N ALA A 232 11.38 -2.89 8.70
CA ALA A 232 10.36 -3.76 9.28
C ALA A 232 8.95 -3.36 8.81
N LEU A 233 8.66 -2.05 8.79
CA LEU A 233 7.35 -1.61 8.32
C LEU A 233 7.18 -1.90 6.83
N ALA A 234 8.25 -1.76 6.06
CA ALA A 234 8.17 -2.05 4.63
C ALA A 234 7.91 -3.53 4.40
N GLU A 235 8.52 -4.40 5.22
CA GLU A 235 8.24 -5.81 5.07
C GLU A 235 6.79 -6.09 5.39
N ASP A 236 6.25 -5.44 6.42
N ASP A 236 6.22 -5.41 6.37
CA ASP A 236 4.82 -5.51 6.71
CA ASP A 236 4.80 -5.68 6.61
C ASP A 236 3.98 -5.19 5.48
C ASP A 236 3.94 -5.20 5.44
N ARG A 237 4.25 -4.04 4.85
CA ARG A 237 3.44 -3.59 3.71
C ARG A 237 3.64 -4.47 2.48
N ARG A 238 4.79 -5.16 2.38
N ARG A 238 4.79 -5.17 2.37
CA ARG A 238 4.97 -6.09 1.26
CA ARG A 238 4.97 -6.09 1.25
C ARG A 238 3.96 -7.23 1.29
C ARG A 238 3.95 -7.22 1.29
N VAL A 239 3.52 -7.64 2.48
CA VAL A 239 2.58 -8.74 2.53
C VAL A 239 1.15 -8.19 2.63
N ASN A 240 0.96 -7.04 3.30
CA ASN A 240 -0.37 -6.49 3.51
C ASN A 240 -0.38 -5.01 3.11
N HIS A 241 -0.91 -4.75 1.92
CA HIS A 241 -1.03 -3.39 1.43
C HIS A 241 -1.89 -2.56 2.37
N HIS A 242 -1.44 -1.36 2.69
CA HIS A 242 -2.29 -0.29 3.21
C HIS A 242 -2.23 0.90 2.26
N ASP A 243 -3.16 1.84 2.41
N ASP A 243 -3.21 1.79 2.40
CA ASP A 243 -3.15 3.05 1.58
CA ASP A 243 -3.19 3.07 1.70
C ASP A 243 -2.28 4.13 2.24
C ASP A 243 -2.29 4.02 2.50
N ASP A 244 -0.98 3.84 2.31
CA ASP A 244 -0.02 4.72 2.94
C ASP A 244 1.22 4.80 2.04
N LEU A 245 2.11 5.74 2.38
CA LEU A 245 3.28 5.95 1.54
C LEU A 245 4.28 4.81 1.62
N THR A 246 4.38 4.12 2.76
CA THR A 246 5.31 2.98 2.82
C THR A 246 4.88 1.89 1.85
N SER A 247 3.56 1.68 1.71
CA SER A 247 3.11 0.71 0.70
C SER A 247 3.48 1.18 -0.70
N SER A 248 3.32 2.47 -0.99
N SER A 248 3.34 2.48 -0.98
CA SER A 248 3.71 2.99 -2.30
CA SER A 248 3.71 2.94 -2.32
C SER A 248 5.19 2.72 -2.56
C SER A 248 5.19 2.73 -2.57
N LEU A 249 6.03 2.90 -1.54
CA LEU A 249 7.47 2.64 -1.68
C LEU A 249 7.75 1.19 -2.02
N VAL A 250 7.13 0.24 -1.32
CA VAL A 250 7.47 -1.16 -1.62
C VAL A 250 6.84 -1.67 -2.90
N GLU A 251 5.73 -1.07 -3.36
CA GLU A 251 5.07 -1.54 -4.57
C GLU A 251 5.63 -0.90 -5.84
N ALA A 252 6.38 0.20 -5.70
CA ALA A 252 6.89 0.94 -6.86
C ALA A 252 7.88 0.12 -7.69
N GLU A 253 7.88 0.37 -8.99
CA GLU A 253 8.93 -0.11 -9.89
C GLU A 253 9.40 1.04 -10.76
N VAL A 254 10.72 1.12 -10.94
CA VAL A 254 11.32 2.08 -11.86
C VAL A 254 11.93 1.27 -12.99
N ASP A 255 11.33 1.36 -14.17
CA ASP A 255 11.80 0.60 -15.34
C ASP A 255 11.96 -0.88 -15.00
N GLY A 256 10.91 -1.43 -14.36
CA GLY A 256 10.85 -2.83 -14.02
C GLY A 256 11.60 -3.25 -12.78
N GLU A 257 12.26 -2.33 -12.07
CA GLU A 257 13.06 -2.67 -10.90
C GLU A 257 12.41 -2.12 -9.64
N ARG A 258 12.20 -2.99 -8.66
CA ARG A 258 11.78 -2.54 -7.34
C ARG A 258 12.88 -1.71 -6.69
N LEU A 259 12.50 -0.88 -5.71
CA LEU A 259 13.50 -0.18 -4.91
C LEU A 259 14.21 -1.18 -4.02
N SER A 260 15.51 -0.98 -3.84
CA SER A 260 16.26 -1.80 -2.89
C SER A 260 15.83 -1.45 -1.45
N SER A 261 16.28 -2.28 -0.50
CA SER A 261 15.96 -1.99 0.89
C SER A 261 16.61 -0.71 1.35
N ARG A 262 17.85 -0.47 0.90
N ARG A 262 17.84 -0.41 0.90
CA ARG A 262 18.58 0.78 1.12
CA ARG A 262 18.43 0.85 1.33
C ARG A 262 17.76 1.97 0.65
C ARG A 262 17.74 2.04 0.67
N GLU A 263 17.23 1.86 -0.57
CA GLU A 263 16.49 2.96 -1.18
C GLU A 263 15.18 3.22 -0.45
N ILE A 264 14.48 2.15 -0.08
CA ILE A 264 13.23 2.30 0.67
C ILE A 264 13.51 2.94 2.03
N ALA A 265 14.51 2.44 2.75
CA ALA A 265 14.81 3.00 4.07
C ALA A 265 15.22 4.47 3.98
N SER A 266 16.05 4.83 3.01
N SER A 266 16.06 4.81 3.00
CA SER A 266 16.48 6.22 2.93
CA SER A 266 16.50 6.21 2.87
C SER A 266 15.32 7.12 2.50
C SER A 266 15.33 7.12 2.50
N PHE A 267 14.41 6.62 1.66
CA PHE A 267 13.24 7.41 1.28
C PHE A 267 12.34 7.65 2.50
N PHE A 268 12.10 6.58 3.27
CA PHE A 268 11.29 6.70 4.48
C PHE A 268 11.89 7.72 5.43
N ILE A 269 13.19 7.58 5.68
CA ILE A 269 13.89 8.50 6.59
C ILE A 269 13.80 9.92 6.09
N LEU A 270 14.07 10.15 4.79
CA LEU A 270 14.00 11.50 4.26
C LEU A 270 12.64 12.12 4.54
N LEU A 271 11.57 11.35 4.32
CA LEU A 271 10.22 11.88 4.46
C LEU A 271 9.92 12.23 5.92
N VAL A 272 10.25 11.33 6.86
CA VAL A 272 9.89 11.65 8.26
C VAL A 272 10.82 12.71 8.83
N VAL A 273 12.09 12.71 8.44
CA VAL A 273 12.99 13.75 8.93
C VAL A 273 12.53 15.11 8.44
N ALA A 274 12.30 15.24 7.13
CA ALA A 274 11.84 16.51 6.59
C ALA A 274 10.49 16.93 7.17
N GLY A 275 9.57 15.98 7.36
CA GLY A 275 8.25 16.32 7.88
C GLY A 275 8.29 16.75 9.34
N ASN A 276 9.30 16.27 10.09
CA ASN A 276 9.34 16.46 11.54
C ASN A 276 10.20 17.62 11.99
N GLU A 277 11.08 18.13 11.13
CA GLU A 277 12.14 19.00 11.63
C GLU A 277 12.16 20.31 10.86
N THR A 278 11.01 20.70 10.30
CA THR A 278 10.87 21.91 9.49
C THR A 278 9.64 22.71 9.92
N THR A 279 8.45 22.19 9.66
CA THR A 279 7.25 22.96 9.99
C THR A 279 7.20 23.37 11.46
N ARG A 280 7.66 22.48 12.35
CA ARG A 280 7.59 22.80 13.78
C ARG A 280 8.35 24.10 14.06
N ASN A 281 9.44 24.35 13.32
CA ASN A 281 10.17 25.60 13.53
C ASN A 281 9.50 26.79 12.86
N ALA A 282 8.86 26.60 11.70
CA ALA A 282 8.05 27.70 11.17
C ALA A 282 6.97 28.11 12.20
N ILE A 283 6.30 27.14 12.81
CA ILE A 283 5.23 27.47 13.75
C ILE A 283 5.80 28.17 14.97
N THR A 284 6.92 27.65 15.50
CA THR A 284 7.44 28.21 16.74
C THR A 284 8.00 29.61 16.51
N HIS A 285 8.75 29.78 15.41
CA HIS A 285 9.19 31.14 15.08
C HIS A 285 8.02 32.06 14.83
N GLY A 286 6.94 31.54 14.22
CA GLY A 286 5.78 32.38 13.98
C GLY A 286 5.18 32.89 15.30
N VAL A 287 5.06 32.01 16.30
CA VAL A 287 4.51 32.44 17.59
C VAL A 287 5.45 33.43 18.26
N LEU A 288 6.76 33.20 18.14
CA LEU A 288 7.74 34.16 18.65
C LEU A 288 7.54 35.53 17.99
N ALA A 289 7.37 35.55 16.67
CA ALA A 289 7.18 36.82 15.97
C ALA A 289 5.87 37.48 16.38
N LEU A 290 4.78 36.70 16.53
CA LEU A 290 3.51 37.30 16.98
C LEU A 290 3.68 37.90 18.36
N SER A 291 4.48 37.26 19.20
CA SER A 291 4.74 37.77 20.53
C SER A 291 5.55 39.04 20.48
N ARG A 292 6.50 39.11 19.56
CA ARG A 292 7.31 40.32 19.48
C ARG A 292 6.59 41.48 18.77
N TYR A 293 5.67 41.19 17.84
CA TYR A 293 5.01 42.21 17.02
C TYR A 293 3.51 42.06 17.17
N PRO A 294 2.94 42.45 18.32
N PRO A 294 2.95 42.47 18.30
CA PRO A 294 1.51 42.20 18.54
CA PRO A 294 1.52 42.23 18.56
C PRO A 294 0.60 42.89 17.53
C PRO A 294 0.61 42.87 17.53
N GLU A 295 1.04 43.98 16.90
CA GLU A 295 0.18 44.60 15.90
C GLU A 295 -0.06 43.64 14.73
N GLN A 296 0.90 42.75 14.47
CA GLN A 296 0.72 41.78 13.39
C GLN A 296 -0.26 40.68 13.81
N ARG A 297 -0.15 40.22 15.07
CA ARG A 297 -1.15 39.29 15.59
C ARG A 297 -2.53 39.91 15.48
N ASP A 298 -2.69 41.15 15.97
CA ASP A 298 -4.01 41.79 15.99
C ASP A 298 -4.58 41.89 14.58
N ARG A 299 -3.73 42.27 13.61
CA ARG A 299 -4.20 42.38 12.24
C ARG A 299 -4.68 41.03 11.74
N TRP A 300 -3.86 39.98 11.93
CA TRP A 300 -4.25 38.66 11.42
C TRP A 300 -5.54 38.18 12.10
N TRP A 301 -5.63 38.37 13.41
CA TRP A 301 -6.81 37.88 14.13
C TRP A 301 -8.06 38.60 13.67
N SER A 302 -7.95 39.87 13.29
CA SER A 302 -9.15 40.56 12.83
C SER A 302 -9.61 40.10 11.44
N ASP A 303 -8.78 39.34 10.72
CA ASP A 303 -9.17 38.86 9.39
C ASP A 303 -8.40 37.60 9.06
N PHE A 304 -8.71 36.52 9.76
CA PHE A 304 -7.82 35.37 9.68
C PHE A 304 -7.78 34.78 8.28
N ASP A 305 -8.96 34.52 7.70
CA ASP A 305 -9.00 33.88 6.38
C ASP A 305 -8.48 34.81 5.29
N GLY A 306 -8.70 36.11 5.42
CA GLY A 306 -8.26 37.02 4.37
C GLY A 306 -6.74 37.14 4.34
N LEU A 307 -6.11 37.17 5.51
N LEU A 307 -6.11 37.17 5.52
CA LEU A 307 -4.66 37.36 5.56
CA LEU A 307 -4.66 37.36 5.57
C LEU A 307 -3.89 36.06 5.57
C LEU A 307 -3.89 36.06 5.57
N ALA A 308 -4.54 34.93 5.85
CA ALA A 308 -3.79 33.68 6.01
C ALA A 308 -2.84 33.36 4.86
N PRO A 309 -3.19 33.50 3.57
CA PRO A 309 -2.22 33.11 2.52
C PRO A 309 -0.92 33.86 2.64
N THR A 310 -1.00 35.19 2.80
CA THR A 310 0.24 35.96 2.92
C THR A 310 0.89 35.79 4.28
N ALA A 311 0.09 35.59 5.34
CA ALA A 311 0.67 35.44 6.66
C ALA A 311 1.53 34.18 6.72
N VAL A 312 1.03 33.08 6.16
CA VAL A 312 1.79 31.84 6.15
C VAL A 312 3.10 32.02 5.38
N GLU A 313 3.02 32.67 4.20
CA GLU A 313 4.27 32.85 3.45
C GLU A 313 5.26 33.70 4.23
N GLU A 314 4.77 34.75 4.89
CA GLU A 314 5.71 35.60 5.62
C GLU A 314 6.32 34.87 6.82
N ILE A 315 5.57 34.01 7.49
CA ILE A 315 6.16 33.18 8.56
C ILE A 315 7.29 32.31 8.01
N VAL A 316 7.11 31.76 6.79
CA VAL A 316 8.22 30.94 6.25
C VAL A 316 9.41 31.82 5.90
N ARG A 317 9.16 32.99 5.26
CA ARG A 317 10.27 33.88 4.94
C ARG A 317 10.99 34.31 6.21
N TRP A 318 10.22 34.63 7.25
CA TRP A 318 10.80 35.13 8.49
C TRP A 318 11.59 34.06 9.19
N ALA A 319 11.02 32.86 9.31
CA ALA A 319 11.65 31.77 10.05
C ALA A 319 12.80 31.13 9.27
N SER A 320 12.70 31.08 7.95
CA SER A 320 13.57 30.31 7.06
C SER A 320 14.04 29.03 7.76
N PRO A 321 13.13 28.07 8.00
CA PRO A 321 13.47 26.89 8.83
C PRO A 321 14.66 26.09 8.36
N VAL A 322 14.88 26.02 7.05
CA VAL A 322 16.09 25.41 6.50
C VAL A 322 17.05 26.55 6.17
N VAL A 323 18.19 26.58 6.87
CA VAL A 323 19.05 27.76 6.81
C VAL A 323 19.77 27.80 5.47
N TYR A 324 20.18 26.63 4.97
CA TYR A 324 20.97 26.57 3.75
C TYR A 324 20.79 25.18 3.16
N MET A 325 21.20 25.05 1.88
CA MET A 325 21.46 23.73 1.28
C MET A 325 22.77 23.80 0.50
N ARG A 326 23.50 22.70 0.45
N ARG A 326 23.51 22.69 0.46
CA ARG A 326 24.77 22.74 -0.26
CA ARG A 326 24.78 22.64 -0.24
C ARG A 326 24.65 22.04 -1.62
C ARG A 326 24.60 22.06 -1.65
N ARG A 327 25.50 22.47 -2.55
CA ARG A 327 25.62 21.91 -3.88
C ARG A 327 27.11 21.70 -4.13
N THR A 328 27.44 20.99 -5.21
CA THR A 328 28.82 20.74 -5.60
C THR A 328 28.99 21.07 -7.07
N LEU A 329 29.97 21.90 -7.39
CA LEU A 329 30.12 22.32 -8.77
C LEU A 329 30.62 21.19 -9.65
N THR A 330 30.05 21.09 -10.86
CA THR A 330 30.49 20.14 -11.86
C THR A 330 31.44 20.76 -12.89
N GLN A 331 31.67 22.07 -12.80
CA GLN A 331 32.51 22.80 -13.75
C GLN A 331 32.95 24.10 -13.08
N ASP A 332 34.03 24.69 -13.58
CA ASP A 332 34.37 26.04 -13.13
C ASP A 332 33.23 26.98 -13.48
N ILE A 333 32.98 27.97 -12.61
N ILE A 333 32.99 27.95 -12.60
CA ILE A 333 32.02 29.05 -12.90
CA ILE A 333 32.11 29.07 -12.92
C ILE A 333 32.36 30.29 -12.09
C ILE A 333 32.71 30.32 -12.31
N GLU A 334 32.15 31.46 -12.70
CA GLU A 334 32.43 32.74 -12.07
C GLU A 334 31.11 33.44 -11.80
N LEU A 335 30.90 33.84 -10.55
N LEU A 335 30.92 33.87 -10.55
CA LEU A 335 29.72 34.61 -10.16
CA LEU A 335 29.73 34.61 -10.15
C LEU A 335 30.19 35.83 -9.38
C LEU A 335 30.19 35.83 -9.37
N ARG A 336 29.67 37.01 -9.71
CA ARG A 336 30.02 38.24 -8.98
C ARG A 336 31.53 38.48 -8.95
N GLY A 337 32.20 38.15 -10.05
CA GLY A 337 33.64 38.29 -10.13
C GLY A 337 34.44 37.30 -9.31
N THR A 338 33.80 36.33 -8.67
CA THR A 338 34.45 35.28 -7.90
C THR A 338 34.49 33.99 -8.71
N LYS A 339 35.71 33.52 -9.01
CA LYS A 339 35.91 32.27 -9.71
C LYS A 339 35.82 31.11 -8.71
N MET A 340 34.92 30.16 -8.99
CA MET A 340 34.77 28.93 -8.22
C MET A 340 35.12 27.76 -9.13
N ALA A 341 35.77 26.74 -8.57
CA ALA A 341 36.35 25.64 -9.33
C ALA A 341 35.44 24.44 -9.36
N ALA A 342 35.48 23.70 -10.48
CA ALA A 342 34.84 22.39 -10.55
C ALA A 342 35.19 21.59 -9.30
N GLY A 343 34.18 21.01 -8.68
CA GLY A 343 34.39 20.20 -7.50
C GLY A 343 34.24 20.95 -6.19
N ASP A 344 34.28 22.29 -6.22
CA ASP A 344 34.06 23.07 -5.00
C ASP A 344 32.62 22.93 -4.48
N LYS A 345 32.49 22.98 -3.15
CA LYS A 345 31.20 23.08 -2.48
C LYS A 345 30.69 24.50 -2.54
N VAL A 346 29.38 24.61 -2.62
CA VAL A 346 28.68 25.89 -2.68
C VAL A 346 27.49 25.81 -1.72
N SER A 347 27.34 26.79 -0.83
CA SER A 347 26.23 26.76 0.11
C SER A 347 25.23 27.86 -0.24
N LEU A 348 23.95 27.50 -0.27
N LEU A 348 23.96 27.50 -0.26
CA LEU A 348 22.88 28.39 -0.69
CA LEU A 348 22.89 28.40 -0.69
C LEU A 348 22.17 28.86 0.59
C LEU A 348 22.18 28.86 0.58
N TRP A 349 22.41 30.13 0.98
CA TRP A 349 21.95 30.62 2.30
C TRP A 349 20.55 31.21 2.14
N TYR A 350 19.54 30.36 2.32
CA TYR A 350 18.17 30.84 2.24
C TYR A 350 17.88 31.89 3.29
N CYS A 351 18.48 31.73 4.48
CA CYS A 351 18.27 32.71 5.56
C CYS A 351 18.68 34.10 5.11
N SER A 352 19.65 34.17 4.21
CA SER A 352 20.19 35.44 3.72
C SER A 352 19.43 35.93 2.50
N ALA A 353 19.14 35.03 1.55
CA ALA A 353 18.29 35.36 0.41
C ALA A 353 17.00 36.00 0.87
N ASN A 354 16.45 35.51 1.99
CA ASN A 354 15.18 35.99 2.51
C ASN A 354 15.30 37.27 3.33
N ARG A 355 16.46 37.90 3.34
CA ARG A 355 16.61 39.27 3.83
C ARG A 355 17.29 40.17 2.79
N ASP A 356 17.38 39.73 1.53
CA ASP A 356 18.22 40.43 0.57
C ASP A 356 17.58 41.78 0.21
N GLU A 357 18.29 42.88 0.52
CA GLU A 357 17.79 44.23 0.35
C GLU A 357 17.64 44.62 -1.11
N SER A 358 18.29 43.89 -2.03
N SER A 358 18.26 43.88 -2.03
CA SER A 358 18.11 44.11 -3.46
CA SER A 358 18.11 44.13 -3.45
C SER A 358 16.80 43.53 -3.97
C SER A 358 16.91 43.39 -4.04
N LYS A 359 16.23 42.57 -3.26
CA LYS A 359 15.03 41.85 -3.68
C LYS A 359 13.77 42.23 -2.89
N PHE A 360 13.87 42.30 -1.57
CA PHE A 360 12.71 42.53 -0.70
C PHE A 360 12.70 43.97 -0.19
N ALA A 361 11.56 44.65 -0.36
CA ALA A 361 11.35 45.90 0.33
C ALA A 361 11.20 45.61 1.82
N ASP A 362 11.58 46.57 2.66
N ASP A 362 11.67 46.52 2.64
CA ASP A 362 11.40 46.48 4.12
CA ASP A 362 11.42 46.48 4.08
C ASP A 362 11.75 45.07 4.62
C ASP A 362 11.77 45.10 4.63
N PRO A 363 12.96 44.56 4.32
CA PRO A 363 13.23 43.15 4.62
C PRO A 363 13.17 42.82 6.10
N TRP A 364 13.39 43.80 6.97
CA TRP A 364 13.41 43.58 8.40
C TRP A 364 12.04 43.76 9.02
N THR A 365 11.01 43.93 8.20
CA THR A 365 9.64 44.05 8.69
C THR A 365 8.94 42.72 8.52
N PHE A 366 8.40 42.21 9.63
CA PHE A 366 7.53 41.04 9.66
C PHE A 366 6.16 41.56 9.26
N ASP A 367 5.78 41.36 8.01
CA ASP A 367 4.61 41.96 7.36
C ASP A 367 3.67 40.85 6.89
N LEU A 368 2.64 40.55 7.69
CA LEU A 368 1.78 39.40 7.36
C LEU A 368 0.92 39.66 6.13
N ALA A 369 0.92 40.90 5.60
CA ALA A 369 0.25 41.23 4.35
C ALA A 369 1.19 41.26 3.15
N ARG A 370 2.47 40.90 3.32
CA ARG A 370 3.46 41.06 2.26
C ARG A 370 3.06 40.30 1.00
N ASN A 371 3.03 40.98 -0.13
CA ASN A 371 2.49 40.35 -1.35
C ASN A 371 2.87 41.22 -2.54
N PRO A 372 3.67 40.70 -3.49
CA PRO A 372 4.21 39.33 -3.57
C PRO A 372 5.22 39.04 -2.47
N ASN A 373 5.55 37.76 -2.32
CA ASN A 373 6.53 37.32 -1.33
C ASN A 373 7.27 36.12 -1.89
N PRO A 374 8.18 36.35 -2.84
CA PRO A 374 8.92 35.28 -3.54
C PRO A 374 10.08 34.75 -2.73
N HIS A 375 9.80 34.41 -1.47
CA HIS A 375 10.85 33.95 -0.58
C HIS A 375 11.40 32.59 -1.01
N LEU A 376 12.61 32.30 -0.55
CA LEU A 376 13.27 31.05 -0.86
C LEU A 376 13.26 30.08 0.33
N GLY A 377 12.23 30.18 1.18
CA GLY A 377 12.17 29.32 2.35
C GLY A 377 12.04 27.85 1.99
N PHE A 378 11.34 27.57 0.88
CA PHE A 378 11.23 26.22 0.36
C PHE A 378 12.31 25.95 -0.71
N GLY A 379 13.38 26.75 -0.75
CA GLY A 379 14.41 26.63 -1.76
C GLY A 379 14.19 27.62 -2.90
N GLY A 380 15.18 27.65 -3.79
CA GLY A 380 15.21 28.52 -4.96
C GLY A 380 14.38 28.09 -6.15
N GLY A 381 13.66 26.98 -6.05
CA GLY A 381 12.95 26.40 -7.17
C GLY A 381 13.80 25.33 -7.83
N GLY A 382 13.27 24.76 -8.90
CA GLY A 382 14.00 23.75 -9.61
C GLY A 382 13.62 22.35 -9.18
N ALA A 383 14.52 21.41 -9.49
CA ALA A 383 14.20 19.99 -9.45
C ALA A 383 13.86 19.51 -8.05
N HIS A 384 14.44 20.11 -7.01
CA HIS A 384 14.26 19.61 -5.66
C HIS A 384 13.32 20.47 -4.82
N PHE A 385 12.56 21.39 -5.44
CA PHE A 385 11.66 22.24 -4.69
C PHE A 385 10.85 21.45 -3.66
N CYS A 386 10.82 21.94 -2.41
CA CYS A 386 10.22 21.23 -1.28
C CYS A 386 8.99 20.41 -1.65
N LEU A 387 9.08 19.10 -1.43
CA LEU A 387 7.95 18.21 -1.71
C LEU A 387 6.80 18.49 -0.76
N GLY A 388 7.12 18.93 0.45
CA GLY A 388 6.08 19.08 1.46
C GLY A 388 5.51 20.48 1.53
N ALA A 389 5.74 21.35 0.53
CA ALA A 389 5.42 22.77 0.73
C ALA A 389 3.92 22.99 0.94
N ASN A 390 3.08 22.33 0.14
N ASN A 390 3.07 22.32 0.16
CA ASN A 390 1.63 22.46 0.31
CA ASN A 390 1.64 22.55 0.37
C ASN A 390 1.19 21.98 1.69
C ASN A 390 1.19 22.00 1.73
N LEU A 391 1.72 20.83 2.11
CA LEU A 391 1.38 20.28 3.40
C LEU A 391 1.85 21.19 4.52
N ALA A 392 3.07 21.71 4.40
CA ALA A 392 3.58 22.61 5.43
C ALA A 392 2.71 23.86 5.55
N ARG A 393 2.33 24.46 4.42
CA ARG A 393 1.45 25.64 4.47
C ARG A 393 0.14 25.33 5.19
N ARG A 394 -0.43 24.15 4.97
N ARG A 394 -0.43 24.15 4.96
CA ARG A 394 -1.70 23.85 5.64
CA ARG A 394 -1.69 23.79 5.63
C ARG A 394 -1.50 23.60 7.13
C ARG A 394 -1.48 23.63 7.13
N GLU A 395 -0.40 22.92 7.50
CA GLU A 395 -0.08 22.72 8.91
C GLU A 395 0.08 24.04 9.63
N ILE A 396 0.79 24.99 9.01
CA ILE A 396 1.03 26.28 9.64
C ILE A 396 -0.28 27.01 9.80
N ARG A 397 -1.07 27.09 8.72
N ARG A 397 -1.07 27.09 8.72
CA ARG A 397 -2.32 27.83 8.76
CA ARG A 397 -2.32 27.83 8.76
C ARG A 397 -3.23 27.30 9.86
C ARG A 397 -3.23 27.32 9.86
N VAL A 398 -3.36 25.98 9.96
N VAL A 398 -3.39 26.00 9.96
CA VAL A 398 -4.31 25.41 10.91
CA VAL A 398 -4.34 25.46 10.92
C VAL A 398 -3.80 25.59 12.33
C VAL A 398 -3.80 25.62 12.35
N ALA A 399 -2.49 25.49 12.54
CA ALA A 399 -1.95 25.68 13.89
C ALA A 399 -2.30 27.08 14.38
N PHE A 400 -2.08 28.10 13.54
CA PHE A 400 -2.41 29.45 14.01
C PHE A 400 -3.90 29.65 14.11
N ASP A 401 -4.67 28.99 13.27
CA ASP A 401 -6.11 29.19 13.38
C ASP A 401 -6.62 28.62 14.70
N GLU A 402 -6.06 27.48 15.13
CA GLU A 402 -6.55 26.89 16.38
C GLU A 402 -6.09 27.71 17.56
N LEU A 403 -4.87 28.26 17.51
CA LEU A 403 -4.44 29.17 18.58
C LEU A 403 -5.39 30.38 18.66
N ARG A 404 -5.62 31.04 17.52
CA ARG A 404 -6.59 32.13 17.47
C ARG A 404 -7.94 31.75 18.05
N ARG A 405 -8.45 30.56 17.70
CA ARG A 405 -9.80 30.20 18.11
C ARG A 405 -9.88 29.92 19.61
N GLN A 406 -8.85 29.29 20.18
CA GLN A 406 -8.94 28.72 21.53
C GLN A 406 -8.15 29.51 22.58
N MET A 407 -7.03 30.13 22.20
CA MET A 407 -6.24 30.93 23.14
C MET A 407 -5.63 32.11 22.38
N PRO A 408 -6.48 33.05 21.95
CA PRO A 408 -5.99 34.09 21.02
C PRO A 408 -4.85 34.93 21.54
N ASP A 409 -4.70 35.08 22.87
CA ASP A 409 -3.62 35.92 23.40
C ASP A 409 -2.38 35.10 23.76
N VAL A 410 -2.24 33.88 23.24
CA VAL A 410 -1.08 33.06 23.55
C VAL A 410 0.18 33.87 23.25
N VAL A 411 1.13 33.86 24.18
CA VAL A 411 2.34 34.65 23.99
C VAL A 411 3.53 33.95 24.66
N ALA A 412 4.70 34.07 24.04
CA ALA A 412 5.90 33.51 24.65
C ALA A 412 6.16 34.23 25.96
N THR A 413 6.68 33.47 26.94
CA THR A 413 7.07 33.99 28.24
C THR A 413 8.56 33.94 28.49
N GLU A 414 9.34 33.23 27.67
CA GLU A 414 10.79 33.27 27.75
C GLU A 414 11.33 33.33 26.33
N GLU A 415 12.53 33.88 26.17
CA GLU A 415 13.17 33.77 24.86
C GLU A 415 13.42 32.28 24.54
N PRO A 416 13.34 31.89 23.27
CA PRO A 416 13.48 30.48 22.93
C PRO A 416 14.88 29.96 23.23
N ALA A 417 14.93 28.67 23.56
CA ALA A 417 16.20 27.96 23.57
C ALA A 417 16.47 27.53 22.13
N ARG A 418 17.56 27.99 21.55
CA ARG A 418 17.83 27.77 20.11
C ARG A 418 18.66 26.52 19.89
N LEU A 419 18.25 25.71 18.90
CA LEU A 419 19.04 24.56 18.50
C LEU A 419 20.41 25.01 18.01
N LEU A 420 21.45 24.31 18.45
CA LEU A 420 22.80 24.58 17.95
C LEU A 420 22.93 23.86 16.62
N SER A 421 22.68 24.59 15.53
CA SER A 421 22.68 23.98 14.21
C SER A 421 23.02 25.06 13.19
N GLN A 422 23.84 24.70 12.21
CA GLN A 422 24.08 25.55 11.04
C GLN A 422 23.02 25.38 9.95
N PHE A 423 22.23 24.30 10.03
CA PHE A 423 21.43 23.82 8.92
C PHE A 423 19.94 24.04 9.15
N ILE A 424 19.50 23.92 10.41
CA ILE A 424 18.08 23.95 10.78
C ILE A 424 17.90 25.12 11.76
N HIS A 425 16.94 26.02 11.46
CA HIS A 425 16.72 27.19 12.34
C HIS A 425 15.81 26.75 13.50
N GLY A 426 16.36 25.89 14.34
CA GLY A 426 15.54 25.15 15.30
C GLY A 426 15.33 25.93 16.59
N ILE A 427 14.11 25.81 17.12
CA ILE A 427 13.82 26.24 18.48
C ILE A 427 13.47 24.97 19.27
N LYS A 428 14.17 24.75 20.39
CA LYS A 428 14.01 23.50 21.15
C LYS A 428 12.80 23.61 22.07
N THR A 429 12.65 24.75 22.71
CA THR A 429 11.54 25.00 23.64
C THR A 429 11.10 26.44 23.50
N LEU A 430 9.79 26.67 23.65
CA LEU A 430 9.25 28.02 23.69
C LEU A 430 8.11 28.04 24.69
N PRO A 431 8.38 28.41 25.95
CA PRO A 431 7.30 28.54 26.93
C PRO A 431 6.34 29.62 26.49
N VAL A 432 5.03 29.35 26.62
CA VAL A 432 3.98 30.31 26.30
C VAL A 432 2.95 30.30 27.43
N THR A 433 2.17 31.39 27.49
CA THR A 433 1.04 31.49 28.41
C THR A 433 -0.16 32.06 27.67
N TRP A 434 -1.33 31.91 28.27
CA TRP A 434 -2.57 32.35 27.67
C TRP A 434 -3.56 32.62 28.78
N SER A 435 -4.64 33.31 28.41
CA SER A 435 -5.78 33.55 29.33
C SER A 435 -6.82 32.43 29.16
N HIS B 6 2.33 31.77 -8.08
CA HIS B 6 3.03 32.18 -9.30
C HIS B 6 3.28 33.69 -9.29
N HIS B 7 2.27 34.46 -8.88
CA HIS B 7 2.46 35.90 -8.70
C HIS B 7 2.93 36.24 -7.30
N MET B 8 2.35 35.60 -6.27
N MET B 8 2.33 35.62 -6.28
CA MET B 8 2.86 35.79 -4.91
CA MET B 8 2.75 35.90 -4.91
C MET B 8 4.20 35.08 -4.71
C MET B 8 4.07 35.22 -4.57
N GLY B 9 4.36 33.91 -5.33
N GLY B 9 4.37 34.07 -5.19
CA GLY B 9 5.51 33.06 -5.07
CA GLY B 9 5.54 33.30 -4.83
C GLY B 9 6.53 33.00 -6.19
C GLY B 9 6.52 33.08 -5.96
N LEU B 10 6.96 31.80 -6.55
N LEU B 10 7.24 31.97 -5.89
CA LEU B 10 8.00 31.60 -7.57
CA LEU B 10 8.11 31.58 -6.99
C LEU B 10 7.38 31.12 -8.87
C LEU B 10 7.29 31.14 -8.20
N ASN B 11 7.67 31.81 -9.97
N ASN B 11 7.81 31.49 -9.38
CA ASN B 11 7.34 31.29 -11.28
CA ASN B 11 7.28 31.04 -10.67
C ASN B 11 8.34 30.18 -11.60
C ASN B 11 8.30 30.11 -11.30
N THR B 12 7.84 28.97 -11.81
CA THR B 12 8.73 27.86 -12.13
C THR B 12 9.25 27.85 -13.57
N ALA B 13 8.73 28.68 -14.47
CA ALA B 13 9.12 28.57 -15.88
C ALA B 13 10.53 29.11 -16.14
N ILE B 14 11.13 28.61 -17.22
N ILE B 14 11.16 28.57 -17.18
CA ILE B 14 12.46 29.04 -17.62
CA ILE B 14 12.50 29.03 -17.56
C ILE B 14 12.43 30.51 -18.02
C ILE B 14 12.44 30.48 -18.03
N ALA B 15 13.61 31.11 -18.09
CA ALA B 15 13.71 32.49 -18.53
C ALA B 15 13.21 32.57 -19.98
N THR B 16 12.46 33.64 -20.29
N THR B 16 12.51 33.67 -20.29
CA THR B 16 12.17 33.84 -21.70
CA THR B 16 12.18 33.94 -21.68
C THR B 16 13.36 34.52 -22.38
C THR B 16 13.32 34.69 -22.35
N ARG B 17 13.26 34.68 -23.70
N ARG B 17 13.34 34.64 -23.67
CA ARG B 17 14.29 35.35 -24.45
CA ARG B 17 14.34 35.32 -24.47
C ARG B 17 13.65 36.33 -25.42
C ARG B 17 13.68 36.31 -25.41
N VAL B 18 14.44 37.30 -25.85
CA VAL B 18 13.94 38.31 -26.77
C VAL B 18 14.06 37.68 -28.15
N ASN B 19 12.94 37.42 -28.78
CA ASN B 19 12.96 36.88 -30.12
C ASN B 19 13.77 37.80 -31.02
N GLY B 20 14.53 37.20 -31.95
CA GLY B 20 15.33 37.98 -32.88
C GLY B 20 16.71 38.34 -32.40
N THR B 21 17.07 38.01 -31.14
CA THR B 21 18.38 38.38 -30.63
C THR B 21 19.46 37.50 -31.25
N PRO B 22 20.48 38.08 -31.90
CA PRO B 22 21.57 37.25 -32.42
C PRO B 22 22.46 36.76 -31.30
N PRO B 23 23.20 35.66 -31.51
CA PRO B 23 24.12 35.20 -30.47
C PRO B 23 25.24 36.22 -30.27
N PRO B 24 25.72 36.37 -29.03
CA PRO B 24 26.88 37.25 -28.82
C PRO B 24 28.02 36.78 -29.71
N GLU B 25 28.85 37.72 -30.15
CA GLU B 25 29.89 37.42 -31.12
C GLU B 25 30.87 36.38 -30.59
N VAL B 26 31.21 35.41 -31.41
CA VAL B 26 32.20 34.39 -31.04
C VAL B 26 33.47 34.63 -31.83
N PRO B 27 34.59 34.97 -31.19
CA PRO B 27 35.82 35.17 -31.95
C PRO B 27 36.28 33.87 -32.60
N ILE B 28 36.84 34.00 -33.79
CA ILE B 28 37.16 32.79 -34.57
C ILE B 28 38.22 31.94 -33.85
N ALA B 29 39.05 32.55 -33.00
CA ALA B 29 40.00 31.76 -32.22
C ALA B 29 39.35 30.86 -31.18
N ASP B 30 38.10 31.15 -30.78
CA ASP B 30 37.40 30.34 -29.79
C ASP B 30 36.68 29.13 -30.38
N ILE B 31 36.69 28.97 -31.69
CA ILE B 31 35.86 27.97 -32.33
C ILE B 31 36.70 26.71 -32.48
N GLU B 32 36.21 25.60 -31.93
CA GLU B 32 36.95 24.33 -31.93
C GLU B 32 36.02 23.21 -32.38
N LEU B 33 35.71 23.19 -33.67
CA LEU B 33 34.81 22.16 -34.17
C LEU B 33 35.41 20.77 -34.01
N GLY B 34 36.72 20.67 -33.84
CA GLY B 34 37.36 19.38 -33.66
C GLY B 34 37.48 18.92 -32.22
N SER B 35 36.85 19.60 -31.27
CA SER B 35 36.91 19.24 -29.86
C SER B 35 35.52 18.86 -29.36
N LEU B 36 35.39 17.67 -28.79
CA LEU B 36 34.09 17.26 -28.24
C LEU B 36 33.57 18.30 -27.22
N ASP B 37 34.48 18.88 -26.45
CA ASP B 37 34.09 19.87 -25.45
C ASP B 37 33.35 21.05 -26.08
N PHE B 38 33.70 21.40 -27.31
CA PHE B 38 32.99 22.47 -28.01
C PHE B 38 31.53 22.14 -28.19
N TRP B 39 31.24 20.87 -28.51
CA TRP B 39 29.88 20.46 -28.78
C TRP B 39 29.06 20.36 -27.51
N ALA B 40 29.72 20.36 -26.33
CA ALA B 40 28.95 20.47 -25.08
C ALA B 40 28.46 21.90 -24.78
N LEU B 41 29.01 22.94 -25.43
CA LEU B 41 28.63 24.33 -25.17
C LEU B 41 27.19 24.61 -25.64
N ASP B 42 26.58 25.66 -25.08
CA ASP B 42 25.16 25.79 -25.36
C ASP B 42 24.93 26.36 -26.75
N ASP B 43 23.67 26.36 -27.17
N ASP B 43 23.65 26.42 -27.13
CA ASP B 43 23.43 26.72 -28.56
CA ASP B 43 23.31 26.78 -28.50
C ASP B 43 23.87 28.14 -28.88
C ASP B 43 23.79 28.17 -28.88
N ASP B 44 23.94 29.05 -27.89
N ASP B 44 23.94 29.09 -27.92
CA ASP B 44 24.33 30.41 -28.21
CA ASP B 44 24.32 30.45 -28.31
C ASP B 44 25.77 30.49 -28.69
C ASP B 44 25.79 30.50 -28.71
N VAL B 45 26.66 29.76 -28.02
CA VAL B 45 28.05 29.68 -28.43
C VAL B 45 28.16 29.00 -29.79
N ARG B 46 27.48 27.86 -29.95
CA ARG B 46 27.52 27.12 -31.20
C ARG B 46 27.01 27.97 -32.36
N ASP B 47 25.84 28.59 -32.19
CA ASP B 47 25.24 29.42 -33.24
C ASP B 47 26.12 30.62 -33.55
N GLY B 48 26.72 31.23 -32.51
CA GLY B 48 27.65 32.33 -32.77
C GLY B 48 28.90 31.87 -33.49
N ALA B 49 29.39 30.68 -33.16
CA ALA B 49 30.56 30.17 -33.87
C ALA B 49 30.24 30.03 -35.33
N PHE B 50 29.09 29.44 -35.66
CA PHE B 50 28.82 29.25 -37.08
C PHE B 50 28.52 30.59 -37.76
N ALA B 51 27.98 31.56 -37.04
CA ALA B 51 27.82 32.89 -37.63
C ALA B 51 29.18 33.48 -38.00
N THR B 52 30.15 33.33 -37.08
CA THR B 52 31.48 33.84 -37.35
C THR B 52 32.11 33.12 -38.55
N LEU B 53 31.96 31.79 -38.63
CA LEU B 53 32.47 31.08 -39.80
C LEU B 53 31.82 31.55 -41.09
N ARG B 54 30.48 31.70 -41.12
CA ARG B 54 29.85 32.15 -42.36
C ARG B 54 30.43 33.48 -42.80
N ARG B 55 30.70 34.37 -41.84
N ARG B 55 30.72 34.36 -41.85
CA ARG B 55 31.19 35.71 -42.17
CA ARG B 55 31.18 35.71 -42.18
C ARG B 55 32.66 35.70 -42.58
C ARG B 55 32.66 35.74 -42.56
N GLU B 56 33.49 34.98 -41.85
CA GLU B 56 34.95 35.12 -41.94
C GLU B 56 35.66 33.93 -42.55
N ALA B 57 35.10 32.74 -42.47
CA ALA B 57 35.78 31.53 -42.96
C ALA B 57 34.70 30.52 -43.36
N PRO B 58 33.94 30.83 -44.40
CA PRO B 58 32.76 30.00 -44.70
C PRO B 58 33.08 28.59 -45.11
N ILE B 59 34.31 28.31 -45.56
CA ILE B 59 34.76 26.93 -45.80
C ILE B 59 36.10 26.81 -45.10
N SER B 60 36.22 25.84 -44.19
CA SER B 60 37.41 25.71 -43.39
C SER B 60 37.57 24.25 -42.99
N PHE B 61 38.78 23.87 -42.61
CA PHE B 61 39.15 22.46 -42.41
C PHE B 61 39.36 22.15 -40.92
N TRP B 62 38.80 21.02 -40.45
CA TRP B 62 38.78 20.67 -39.03
C TRP B 62 39.08 19.19 -38.84
N PRO B 63 39.66 18.81 -37.71
CA PRO B 63 39.95 17.38 -37.49
C PRO B 63 38.73 16.60 -37.02
N THR B 64 38.72 15.31 -37.37
CA THR B 64 37.75 14.36 -36.81
C THR B 64 37.87 14.32 -35.28
N ILE B 65 36.73 14.35 -34.60
CA ILE B 65 36.71 14.10 -33.15
C ILE B 65 36.86 12.60 -32.89
N GLU B 66 37.89 12.27 -32.11
N GLU B 66 37.85 12.19 -32.11
CA GLU B 66 38.14 10.93 -31.61
CA GLU B 66 38.04 10.75 -31.93
C GLU B 66 37.21 10.62 -30.44
C GLU B 66 37.51 10.29 -30.57
N LEU B 67 36.51 9.50 -30.51
N LEU B 67 36.39 9.54 -30.57
CA LEU B 67 35.84 8.88 -29.38
CA LEU B 67 35.80 8.88 -29.41
C LEU B 67 36.40 7.47 -29.23
C LEU B 67 36.41 7.48 -29.23
N PRO B 68 36.24 6.85 -28.05
CA PRO B 68 36.82 5.51 -27.86
C PRO B 68 36.23 4.55 -28.86
N GLY B 69 37.11 3.73 -29.45
CA GLY B 69 36.66 2.84 -30.51
C GLY B 69 36.55 3.48 -31.89
N PHE B 70 36.66 4.80 -32.02
CA PHE B 70 36.61 5.38 -33.36
C PHE B 70 37.91 5.08 -34.10
N VAL B 71 37.80 4.90 -35.42
N VAL B 71 37.75 4.98 -35.42
CA VAL B 71 39.01 4.76 -36.22
CA VAL B 71 38.84 4.88 -36.37
C VAL B 71 39.61 6.15 -36.44
C VAL B 71 39.50 6.25 -36.53
N THR B 72 40.93 6.22 -36.54
N THR B 72 40.83 6.29 -36.58
CA THR B 72 41.58 7.46 -36.93
CA THR B 72 41.58 7.51 -36.85
C THR B 72 41.09 7.89 -38.31
C THR B 72 41.36 7.95 -38.29
N GLY B 73 40.88 9.19 -38.48
CA GLY B 73 40.40 9.65 -39.77
C GLY B 73 40.89 11.05 -40.09
N ASN B 74 40.91 11.32 -41.39
CA ASN B 74 41.25 12.65 -41.87
C ASN B 74 40.22 13.69 -41.44
N GLY B 75 40.61 14.95 -41.55
CA GLY B 75 39.75 16.08 -41.26
C GLY B 75 38.68 16.28 -42.34
N HIS B 76 37.93 17.36 -42.19
CA HIS B 76 36.82 17.64 -43.08
C HIS B 76 36.71 19.15 -43.33
N TRP B 77 36.24 19.47 -44.53
CA TRP B 77 35.89 20.85 -44.94
C TRP B 77 34.46 21.14 -44.52
N ALA B 78 34.29 22.08 -43.61
CA ALA B 78 32.98 22.49 -43.12
C ALA B 78 32.33 23.51 -44.07
N LEU B 79 31.23 23.11 -44.73
CA LEU B 79 30.41 24.02 -45.53
C LEU B 79 29.36 24.63 -44.63
N THR B 80 29.48 25.93 -44.38
CA THR B 80 28.60 26.62 -43.46
C THR B 80 27.56 27.49 -44.15
N LYS B 81 27.69 27.73 -45.46
CA LYS B 81 26.77 28.57 -46.20
C LYS B 81 25.69 27.75 -46.86
N TYR B 82 24.47 28.31 -46.86
CA TYR B 82 23.32 27.64 -47.46
C TYR B 82 23.61 27.24 -48.90
N ASP B 83 24.14 28.16 -49.71
N ASP B 83 24.14 28.15 -49.73
CA ASP B 83 24.31 27.87 -51.13
CA ASP B 83 24.26 27.81 -51.14
C ASP B 83 25.27 26.71 -51.35
C ASP B 83 25.28 26.70 -51.36
N ASP B 84 26.33 26.63 -50.56
CA ASP B 84 27.29 25.53 -50.70
C ASP B 84 26.69 24.20 -50.24
N VAL B 85 25.94 24.21 -49.12
CA VAL B 85 25.31 22.96 -48.67
C VAL B 85 24.31 22.47 -49.72
N PHE B 86 23.50 23.39 -50.27
CA PHE B 86 22.58 23.05 -51.37
C PHE B 86 23.35 22.44 -52.54
N TYR B 87 24.40 23.13 -52.97
CA TYR B 87 25.14 22.67 -54.14
C TYR B 87 25.74 21.29 -53.90
N ALA B 88 26.34 21.08 -52.72
CA ALA B 88 26.95 19.78 -52.44
C ALA B 88 25.89 18.68 -52.44
N SER B 89 24.73 18.97 -51.86
CA SER B 89 23.66 17.99 -51.79
C SER B 89 23.20 17.57 -53.18
N ARG B 90 23.16 18.52 -54.11
CA ARG B 90 22.57 18.25 -55.43
C ARG B 90 23.58 17.73 -56.44
N HIS B 91 24.84 17.53 -56.04
CA HIS B 91 25.87 17.00 -56.94
C HIS B 91 26.56 15.81 -56.31
N PRO B 92 25.81 14.72 -56.10
CA PRO B 92 26.40 13.54 -55.47
C PRO B 92 27.43 12.82 -56.34
N ASP B 93 27.48 13.07 -57.65
N ASP B 93 27.45 13.09 -57.66
CA ASP B 93 28.58 12.52 -58.43
CA ASP B 93 28.55 12.62 -58.49
C ASP B 93 29.91 13.11 -57.99
C ASP B 93 29.89 13.10 -57.95
N ILE B 94 29.90 14.32 -57.41
CA ILE B 94 31.10 14.96 -56.86
C ILE B 94 31.21 14.74 -55.35
N PHE B 95 30.10 14.90 -54.64
CA PHE B 95 30.02 14.82 -53.17
C PHE B 95 29.33 13.51 -52.80
N SER B 96 30.10 12.43 -52.71
CA SER B 96 29.57 11.08 -52.55
C SER B 96 29.15 10.81 -51.11
N SER B 97 28.10 10.02 -50.95
N SER B 97 28.09 10.02 -50.95
CA SER B 97 27.70 9.55 -49.63
CA SER B 97 27.68 9.54 -49.64
C SER B 97 28.46 8.27 -49.22
C SER B 97 28.43 8.27 -49.22
N TYR B 98 29.31 7.75 -50.09
CA TYR B 98 30.15 6.60 -49.77
C TYR B 98 31.50 7.14 -49.30
N PRO B 99 32.11 6.64 -48.21
CA PRO B 99 31.74 5.44 -47.45
C PRO B 99 30.84 5.69 -46.24
N ASN B 100 30.68 6.94 -45.82
CA ASN B 100 29.89 7.19 -44.61
C ASN B 100 29.37 8.62 -44.58
N ILE B 101 28.33 8.86 -43.78
CA ILE B 101 27.75 10.21 -43.72
C ILE B 101 27.89 10.87 -42.36
N THR B 102 28.61 10.27 -41.42
CA THR B 102 29.17 11.08 -40.33
C THR B 102 30.65 11.31 -40.61
N ILE B 103 31.29 12.15 -39.80
CA ILE B 103 32.65 12.57 -40.13
C ILE B 103 33.64 11.43 -39.93
N ASN B 104 33.45 10.61 -38.89
CA ASN B 104 34.26 9.42 -38.71
C ASN B 104 33.83 8.32 -39.68
N ASP B 105 34.65 7.28 -39.77
CA ASP B 105 34.37 6.18 -40.70
C ASP B 105 33.92 4.93 -39.96
N GLN B 106 33.27 4.02 -40.68
CA GLN B 106 32.79 2.77 -40.10
C GLN B 106 33.89 1.72 -40.09
N THR B 107 33.99 0.95 -39.00
CA THR B 107 34.84 -0.26 -39.01
C THR B 107 34.17 -1.35 -39.86
N PRO B 108 34.94 -2.37 -40.31
CA PRO B 108 34.28 -3.52 -40.94
C PRO B 108 33.16 -4.12 -40.10
N GLU B 109 33.32 -4.22 -38.77
CA GLU B 109 32.27 -4.81 -37.96
C GLU B 109 31.02 -3.93 -37.95
N LEU B 110 31.19 -2.61 -37.97
CA LEU B 110 30.04 -1.72 -38.01
C LEU B 110 29.32 -1.76 -39.34
N ALA B 111 30.06 -1.99 -40.44
CA ALA B 111 29.45 -2.06 -41.76
C ALA B 111 28.40 -3.17 -41.87
N GLU B 112 28.47 -4.19 -41.01
N GLU B 112 28.46 -4.18 -41.01
CA GLU B 112 27.43 -5.21 -41.02
CA GLU B 112 27.43 -5.22 -40.96
C GLU B 112 26.07 -4.65 -40.61
C GLU B 112 26.07 -4.66 -40.59
N TYR B 113 26.04 -3.57 -39.83
CA TYR B 113 24.78 -3.03 -39.32
C TYR B 113 24.43 -1.67 -39.93
N PHE B 114 25.41 -0.94 -40.47
CA PHE B 114 25.19 0.44 -40.89
C PHE B 114 25.51 0.69 -42.37
N GLY B 115 25.71 -0.37 -43.14
N GLY B 115 25.59 -0.36 -43.19
CA GLY B 115 25.82 -0.28 -44.58
CA GLY B 115 25.86 -0.19 -44.61
C GLY B 115 24.44 -0.34 -45.20
C GLY B 115 24.64 0.01 -45.49
N SER B 116 23.66 0.72 -44.97
CA SER B 116 22.36 0.89 -45.61
C SER B 116 22.47 1.84 -46.80
N MET B 117 21.32 2.18 -47.40
CA MET B 117 21.30 3.05 -48.58
C MET B 117 21.78 4.47 -48.26
N ILE B 118 21.82 4.87 -46.98
CA ILE B 118 22.24 6.24 -46.72
C ILE B 118 23.74 6.40 -46.95
N VAL B 119 24.50 5.29 -47.00
CA VAL B 119 25.93 5.41 -47.28
C VAL B 119 26.24 4.79 -48.65
N LEU B 120 25.26 4.83 -49.55
CA LEU B 120 25.49 4.36 -50.92
C LEU B 120 25.12 5.46 -51.90
N ASP B 121 25.76 5.44 -53.08
CA ASP B 121 25.33 6.30 -54.15
C ASP B 121 24.38 5.55 -55.08
N ASP B 122 23.73 6.29 -55.97
CA ASP B 122 23.02 5.66 -57.06
C ASP B 122 24.00 4.98 -58.02
N PRO B 123 23.57 3.92 -58.68
CA PRO B 123 22.19 3.41 -58.73
C PRO B 123 21.76 2.51 -57.57
N ARG B 124 22.70 1.96 -56.79
CA ARG B 124 22.27 0.98 -55.80
C ARG B 124 21.40 1.62 -54.73
N HIS B 125 21.71 2.87 -54.36
CA HIS B 125 20.89 3.58 -53.40
C HIS B 125 19.43 3.63 -53.83
N GLN B 126 19.17 4.03 -55.08
CA GLN B 126 17.79 4.17 -55.55
C GLN B 126 17.09 2.83 -55.58
N ARG B 127 17.79 1.77 -56.01
CA ARG B 127 17.15 0.46 -56.04
C ARG B 127 16.66 0.09 -54.63
N LEU B 128 17.47 0.38 -53.62
CA LEU B 128 17.08 0.09 -52.24
C LEU B 128 15.92 0.98 -51.81
N ARG B 129 16.02 2.29 -52.09
CA ARG B 129 15.00 3.22 -51.64
C ARG B 129 13.64 2.89 -52.23
N SER B 130 13.60 2.40 -53.48
N SER B 130 13.61 2.42 -53.48
CA SER B 130 12.34 2.09 -54.15
CA SER B 130 12.34 2.13 -54.13
C SER B 130 11.60 0.91 -53.56
C SER B 130 11.55 1.04 -53.41
N ILE B 131 12.22 0.16 -52.65
CA ILE B 131 11.50 -0.90 -51.96
C ILE B 131 10.49 -0.31 -50.97
N VAL B 132 10.84 0.80 -50.35
CA VAL B 132 10.02 1.37 -49.28
C VAL B 132 9.42 2.72 -49.64
N SER B 133 9.75 3.31 -50.78
CA SER B 133 9.36 4.71 -50.98
C SER B 133 7.84 4.87 -51.05
N ARG B 134 7.12 3.90 -51.60
CA ARG B 134 5.66 4.05 -51.68
C ARG B 134 5.07 4.26 -50.30
N ALA B 135 5.57 3.52 -49.31
CA ALA B 135 5.04 3.57 -47.96
C ALA B 135 5.21 4.93 -47.31
N PHE B 136 6.11 5.77 -47.83
CA PHE B 136 6.39 7.05 -47.21
C PHE B 136 5.87 8.21 -48.06
N THR B 137 5.16 7.94 -49.17
CA THR B 137 4.62 9.01 -50.00
C THR B 137 3.48 9.69 -49.24
N PRO B 138 3.24 10.99 -49.53
CA PRO B 138 2.16 11.69 -48.81
C PRO B 138 0.82 10.98 -48.84
N LYS B 139 0.45 10.41 -50.00
CA LYS B 139 -0.87 9.78 -50.09
C LYS B 139 -0.95 8.55 -49.21
N VAL B 140 0.15 7.83 -49.04
CA VAL B 140 0.08 6.63 -48.20
C VAL B 140 0.18 7.00 -46.73
N VAL B 141 1.05 7.97 -46.37
CA VAL B 141 1.12 8.41 -44.97
C VAL B 141 -0.18 9.10 -44.49
N ALA B 142 -0.95 9.65 -45.43
CA ALA B 142 -2.29 10.13 -45.10
C ALA B 142 -3.10 9.05 -44.40
N ARG B 143 -2.89 7.77 -44.73
CA ARG B 143 -3.67 6.69 -44.14
C ARG B 143 -3.25 6.36 -42.71
N ILE B 144 -2.08 6.85 -42.29
CA ILE B 144 -1.58 6.66 -40.94
C ILE B 144 -1.84 7.88 -40.06
N GLU B 145 -2.39 8.96 -40.65
CA GLU B 145 -2.75 10.13 -39.85
C GLU B 145 -3.57 9.77 -38.61
N ALA B 146 -4.63 8.96 -38.77
CA ALA B 146 -5.44 8.60 -37.61
C ALA B 146 -4.62 7.90 -36.53
N ALA B 147 -3.64 7.08 -36.92
CA ALA B 147 -2.81 6.42 -35.91
C ALA B 147 -1.89 7.41 -35.21
N VAL B 148 -1.35 8.36 -35.97
CA VAL B 148 -0.53 9.40 -35.35
C VAL B 148 -1.36 10.22 -34.36
N ARG B 149 -2.58 10.57 -34.77
CA ARG B 149 -3.50 11.31 -33.91
C ARG B 149 -3.83 10.52 -32.65
N ASP B 150 -4.19 9.25 -32.80
CA ASP B 150 -4.57 8.46 -31.64
C ASP B 150 -3.41 8.35 -30.66
N ARG B 151 -2.19 8.12 -31.17
CA ARG B 151 -1.02 7.98 -30.30
C ARG B 151 -0.71 9.29 -29.57
N ALA B 152 -0.69 10.42 -30.29
CA ALA B 152 -0.46 11.71 -29.63
C ALA B 152 -1.51 11.99 -28.58
N HIS B 153 -2.78 11.79 -28.95
CA HIS B 153 -3.87 12.06 -28.01
C HIS B 153 -3.72 11.24 -26.74
N ARG B 154 -3.49 9.93 -26.88
CA ARG B 154 -3.36 9.07 -25.71
C ARG B 154 -2.16 9.46 -24.86
N LEU B 155 -1.02 9.76 -25.49
CA LEU B 155 0.15 10.17 -24.71
C LEU B 155 -0.11 11.44 -23.89
N VAL B 156 -0.68 12.48 -24.50
CA VAL B 156 -0.94 13.71 -23.75
C VAL B 156 -1.96 13.45 -22.65
N SER B 157 -2.98 12.63 -22.95
N SER B 157 -2.99 12.63 -22.95
CA SER B 157 -3.96 12.31 -21.90
CA SER B 157 -3.97 12.30 -21.92
C SER B 157 -3.32 11.55 -20.75
C SER B 157 -3.32 11.55 -20.77
N SER B 158 -2.41 10.63 -21.07
CA SER B 158 -1.71 9.89 -20.02
C SER B 158 -0.80 10.82 -19.20
N MET B 159 -0.13 11.75 -19.87
N MET B 159 -0.15 11.77 -19.87
CA MET B 159 0.65 12.77 -19.15
CA MET B 159 0.67 12.75 -19.16
C MET B 159 -0.19 13.45 -18.09
C MET B 159 -0.16 13.49 -18.11
N ILE B 160 -1.40 13.87 -18.47
CA ILE B 160 -2.25 14.56 -17.51
C ILE B 160 -2.70 13.61 -16.41
N ALA B 161 -3.07 12.38 -16.79
CA ALA B 161 -3.67 11.47 -15.81
C ALA B 161 -2.65 10.95 -14.81
N ASN B 162 -1.40 10.80 -15.21
CA ASN B 162 -0.42 10.11 -14.39
C ASN B 162 0.55 11.06 -13.71
N ASN B 163 0.33 12.37 -13.85
CA ASN B 163 1.17 13.39 -13.25
C ASN B 163 0.28 14.42 -12.57
N PRO B 164 -0.36 14.04 -11.46
CA PRO B 164 -1.21 15.02 -10.74
C PRO B 164 -0.44 16.20 -10.19
N ASP B 165 0.89 16.10 -10.09
CA ASP B 165 1.71 17.27 -9.79
C ASP B 165 1.80 18.21 -10.98
N ARG B 166 1.23 17.84 -12.13
N ARG B 166 1.24 17.83 -12.12
CA ARG B 166 1.24 18.67 -13.34
CA ARG B 166 1.24 18.64 -13.36
C ARG B 166 2.66 19.02 -13.79
C ARG B 166 2.65 19.01 -13.79
N GLN B 167 3.58 18.07 -13.62
CA GLN B 167 4.96 18.20 -14.08
C GLN B 167 5.39 16.89 -14.71
N ALA B 168 6.14 16.95 -15.80
CA ALA B 168 6.58 15.71 -16.44
C ALA B 168 7.74 16.04 -17.38
N ASP B 169 8.47 15.02 -17.81
CA ASP B 169 9.50 15.19 -18.82
C ASP B 169 8.85 15.06 -20.20
N LEU B 170 8.90 16.12 -20.99
CA LEU B 170 8.29 16.09 -22.31
C LEU B 170 8.93 15.01 -23.20
N VAL B 171 10.22 14.76 -23.02
CA VAL B 171 10.87 13.81 -23.93
C VAL B 171 10.36 12.39 -23.65
N SER B 172 10.39 11.95 -22.39
CA SER B 172 10.00 10.57 -22.13
C SER B 172 8.49 10.36 -22.25
N GLU B 173 7.69 11.41 -22.07
CA GLU B 173 6.24 11.25 -22.03
C GLU B 173 5.53 11.53 -23.36
N LEU B 174 6.14 12.28 -24.27
CA LEU B 174 5.50 12.60 -25.55
C LEU B 174 6.45 12.60 -26.73
N ALA B 175 7.52 13.39 -26.67
CA ALA B 175 8.30 13.61 -27.88
C ALA B 175 8.97 12.33 -28.37
N GLY B 176 9.50 11.54 -27.46
CA GLY B 176 10.07 10.25 -27.76
C GLY B 176 9.05 9.19 -28.16
N PRO B 177 8.06 8.91 -27.30
CA PRO B 177 7.19 7.72 -27.55
C PRO B 177 6.23 7.88 -28.72
N LEU B 178 5.89 9.13 -29.14
CA LEU B 178 4.99 9.29 -30.29
C LEU B 178 5.66 8.82 -31.59
N PRO B 179 6.79 9.37 -32.03
CA PRO B 179 7.41 8.89 -33.26
C PRO B 179 7.86 7.44 -33.17
N LEU B 180 8.28 7.03 -31.97
CA LEU B 180 8.68 5.65 -31.75
C LEU B 180 7.57 4.70 -32.13
N GLN B 181 6.36 4.90 -31.58
N GLN B 181 6.38 4.90 -31.56
CA GLN B 181 5.32 3.94 -31.90
CA GLN B 181 5.25 4.01 -31.87
C GLN B 181 4.97 3.96 -33.40
C GLN B 181 4.97 3.98 -33.37
N ILE B 182 4.93 5.16 -34.00
CA ILE B 182 4.55 5.24 -35.40
C ILE B 182 5.53 4.46 -36.30
N ILE B 183 6.84 4.71 -36.16
N ILE B 183 6.83 4.70 -36.14
CA ILE B 183 7.75 4.00 -37.06
CA ILE B 183 7.76 4.02 -37.04
C ILE B 183 7.79 2.50 -36.73
C ILE B 183 7.80 2.52 -36.72
N CYS B 184 7.72 2.14 -35.44
CA CYS B 184 7.80 0.73 -35.07
C CYS B 184 6.60 -0.04 -35.60
N ASP B 185 5.40 0.56 -35.57
CA ASP B 185 4.25 -0.12 -36.14
C ASP B 185 4.35 -0.20 -37.66
N MET B 186 4.90 0.85 -38.32
CA MET B 186 5.10 0.72 -39.76
C MET B 186 6.04 -0.44 -40.08
N MET B 187 7.05 -0.65 -39.25
CA MET B 187 7.99 -1.76 -39.46
C MET B 187 7.35 -3.11 -39.18
N GLY B 188 6.30 -3.13 -38.38
CA GLY B 188 5.72 -4.37 -37.93
C GLY B 188 6.30 -4.90 -36.64
N ILE B 189 6.98 -4.06 -35.86
CA ILE B 189 7.57 -4.49 -34.60
C ILE B 189 6.45 -4.56 -33.57
N PRO B 190 6.28 -5.69 -32.86
CA PRO B 190 5.22 -5.76 -31.85
C PRO B 190 5.42 -4.74 -30.75
N LYS B 191 4.30 -4.19 -30.29
CA LYS B 191 4.30 -3.16 -29.26
C LYS B 191 5.17 -3.54 -28.07
N ALA B 192 5.18 -4.83 -27.68
CA ALA B 192 5.95 -5.26 -26.52
C ALA B 192 7.44 -4.89 -26.63
N ASP B 193 7.95 -4.78 -27.85
CA ASP B 193 9.36 -4.54 -28.08
C ASP B 193 9.71 -3.11 -28.42
N HIS B 194 8.75 -2.19 -28.46
CA HIS B 194 9.07 -0.84 -28.91
C HIS B 194 10.12 -0.16 -28.00
N GLN B 195 9.98 -0.31 -26.69
CA GLN B 195 10.95 0.34 -25.81
C GLN B 195 12.36 -0.26 -25.93
N ARG B 196 12.49 -1.57 -26.16
N ARG B 196 12.49 -1.58 -26.14
CA ARG B 196 13.82 -2.12 -26.40
CA ARG B 196 13.80 -2.15 -26.42
C ARG B 196 14.43 -1.52 -27.66
C ARG B 196 14.42 -1.50 -27.64
N ILE B 197 13.61 -1.33 -28.70
CA ILE B 197 14.07 -0.67 -29.92
C ILE B 197 14.54 0.74 -29.60
N PHE B 198 13.75 1.46 -28.80
CA PHE B 198 14.09 2.85 -28.50
C PHE B 198 15.39 2.95 -27.69
N HIS B 199 15.61 2.03 -26.74
CA HIS B 199 16.88 2.04 -26.02
C HIS B 199 18.03 1.83 -26.98
N TRP B 200 17.88 0.85 -27.88
CA TRP B 200 18.94 0.61 -28.86
C TRP B 200 19.23 1.85 -29.70
N THR B 201 18.20 2.48 -30.28
CA THR B 201 18.49 3.63 -31.14
C THR B 201 19.01 4.82 -30.32
N ASN B 202 18.59 4.98 -29.06
CA ASN B 202 19.13 6.05 -28.21
C ASN B 202 20.62 5.89 -28.03
N VAL B 203 21.08 4.64 -27.88
CA VAL B 203 22.51 4.40 -27.73
C VAL B 203 23.23 4.60 -29.06
N ILE B 204 22.65 4.09 -30.16
CA ILE B 204 23.30 4.17 -31.46
C ILE B 204 23.63 5.62 -31.82
N LEU B 205 22.71 6.56 -31.55
CA LEU B 205 22.92 7.98 -31.86
C LEU B 205 23.15 8.79 -30.58
N GLY B 206 23.71 8.15 -29.57
CA GLY B 206 23.99 8.82 -28.30
C GLY B 206 25.43 8.60 -27.86
N PHE B 207 26.23 7.96 -28.73
CA PHE B 207 27.51 7.46 -28.27
C PHE B 207 28.46 8.63 -28.05
N GLY B 208 29.16 8.59 -26.93
CA GLY B 208 29.97 9.71 -26.50
C GLY B 208 29.36 10.51 -25.38
N ASP B 209 28.04 10.46 -25.21
CA ASP B 209 27.40 11.13 -24.09
C ASP B 209 27.34 10.17 -22.91
N PRO B 210 27.98 10.48 -21.78
CA PRO B 210 28.01 9.52 -20.66
C PRO B 210 26.62 9.13 -20.14
N ASP B 211 25.59 9.93 -20.42
CA ASP B 211 24.23 9.53 -20.07
C ASP B 211 23.70 8.41 -20.94
N LEU B 212 24.30 8.19 -22.12
CA LEU B 212 23.84 7.16 -23.04
C LEU B 212 24.81 5.98 -23.12
N ALA B 213 26.02 6.21 -23.61
CA ALA B 213 27.02 5.16 -23.70
C ALA B 213 28.32 5.81 -24.09
N THR B 214 29.40 5.39 -23.44
CA THR B 214 30.73 5.80 -23.83
C THR B 214 31.67 4.63 -24.05
N ASP B 215 31.26 3.40 -23.74
CA ASP B 215 32.10 2.24 -23.88
C ASP B 215 31.82 1.61 -25.23
N PHE B 216 32.84 1.56 -26.08
CA PHE B 216 32.63 1.06 -27.43
C PHE B 216 32.13 -0.39 -27.43
N ASP B 217 32.51 -1.19 -26.41
CA ASP B 217 32.02 -2.57 -26.39
C ASP B 217 30.51 -2.61 -26.23
N GLU B 218 29.95 -1.74 -25.37
CA GLU B 218 28.50 -1.62 -25.25
C GLU B 218 27.87 -1.17 -26.55
N PHE B 219 28.51 -0.22 -27.25
CA PHE B 219 27.97 0.21 -28.53
C PHE B 219 27.87 -0.96 -29.51
N MET B 220 28.93 -1.77 -29.59
CA MET B 220 28.93 -2.91 -30.50
C MET B 220 27.93 -3.98 -30.06
N GLN B 221 27.75 -4.17 -28.75
CA GLN B 221 26.74 -5.12 -28.31
C GLN B 221 25.34 -4.64 -28.67
N VAL B 222 25.04 -3.36 -28.47
CA VAL B 222 23.76 -2.81 -28.88
C VAL B 222 23.54 -3.01 -30.38
N SER B 223 24.56 -2.68 -31.19
CA SER B 223 24.44 -2.84 -32.64
C SER B 223 24.13 -4.29 -33.01
N ALA B 224 24.88 -5.24 -32.42
CA ALA B 224 24.63 -6.64 -32.66
C ALA B 224 23.22 -7.04 -32.24
N ASP B 225 22.74 -6.52 -31.10
CA ASP B 225 21.43 -6.94 -30.58
C ASP B 225 20.29 -6.46 -31.46
N ILE B 226 20.34 -5.20 -31.92
CA ILE B 226 19.26 -4.73 -32.79
C ILE B 226 19.36 -5.39 -34.16
N GLY B 227 20.58 -5.67 -34.64
CA GLY B 227 20.73 -6.45 -35.86
C GLY B 227 20.13 -7.84 -35.74
N ALA B 228 20.36 -8.52 -34.61
CA ALA B 228 19.78 -9.85 -34.43
C ALA B 228 18.27 -9.77 -34.31
N TYR B 229 17.76 -8.72 -33.65
CA TYR B 229 16.32 -8.50 -33.58
C TYR B 229 15.73 -8.36 -34.98
N ALA B 230 16.31 -7.49 -35.80
CA ALA B 230 15.81 -7.29 -37.17
C ALA B 230 15.80 -8.60 -37.93
N THR B 231 16.87 -9.38 -37.80
CA THR B 231 16.92 -10.65 -38.52
C THR B 231 15.85 -11.63 -38.04
N ALA B 232 15.61 -11.69 -36.73
CA ALA B 232 14.57 -12.59 -36.22
C ALA B 232 13.20 -12.17 -36.72
N LEU B 233 12.92 -10.86 -36.74
CA LEU B 233 11.62 -10.39 -37.22
C LEU B 233 11.48 -10.67 -38.72
N ALA B 234 12.56 -10.48 -39.47
CA ALA B 234 12.53 -10.80 -40.89
C ALA B 234 12.23 -12.28 -41.12
N GLU B 235 12.82 -13.16 -40.30
CA GLU B 235 12.53 -14.59 -40.44
C GLU B 235 11.06 -14.88 -40.16
N ASP B 236 10.49 -14.22 -39.16
CA ASP B 236 9.05 -14.36 -38.93
C ASP B 236 8.27 -13.97 -40.19
N ARG B 237 8.59 -12.82 -40.77
CA ARG B 237 7.81 -12.34 -41.91
C ARG B 237 8.06 -13.18 -43.17
N ARG B 238 9.19 -13.89 -43.24
CA ARG B 238 9.43 -14.78 -44.38
C ARG B 238 8.45 -15.94 -44.41
N VAL B 239 7.95 -16.36 -43.25
CA VAL B 239 6.98 -17.43 -43.23
C VAL B 239 5.56 -16.89 -43.19
N ASN B 240 5.33 -15.79 -42.49
CA ASN B 240 3.99 -15.25 -42.29
C ASN B 240 4.02 -13.79 -42.71
N HIS B 241 3.53 -13.51 -43.92
CA HIS B 241 3.47 -12.15 -44.43
C HIS B 241 2.58 -11.28 -43.55
N HIS B 242 3.03 -10.05 -43.26
CA HIS B 242 2.18 -9.00 -42.71
C HIS B 242 2.26 -7.78 -43.61
N ASP B 243 1.29 -6.88 -43.54
N ASP B 243 1.24 -6.94 -43.56
CA ASP B 243 1.36 -5.69 -44.40
CA ASP B 243 1.30 -5.63 -44.22
C ASP B 243 2.19 -4.59 -43.73
C ASP B 243 2.18 -4.73 -43.37
N ASP B 244 3.49 -4.88 -43.54
CA ASP B 244 4.43 -4.02 -42.85
C ASP B 244 5.72 -3.92 -43.67
N LEU B 245 6.60 -3.02 -43.24
CA LEU B 245 7.81 -2.75 -44.02
C LEU B 245 8.81 -3.88 -43.93
N THR B 246 8.88 -4.56 -42.79
CA THR B 246 9.77 -5.71 -42.69
C THR B 246 9.40 -6.78 -43.70
N SER B 247 8.09 -7.08 -43.86
CA SER B 247 7.69 -8.01 -44.91
C SER B 247 8.06 -7.49 -46.29
N SER B 248 7.91 -6.18 -46.52
N SER B 248 7.89 -6.18 -46.52
N SER B 248 7.89 -6.18 -46.51
CA SER B 248 8.30 -5.68 -47.83
CA SER B 248 8.30 -5.61 -47.79
CA SER B 248 8.30 -5.61 -47.78
C SER B 248 9.80 -5.82 -48.07
C SER B 248 9.79 -5.86 -48.05
C SER B 248 9.78 -5.87 -48.04
N LEU B 249 10.62 -5.69 -47.02
CA LEU B 249 12.06 -5.93 -47.18
C LEU B 249 12.38 -7.38 -47.51
N VAL B 250 11.75 -8.34 -46.81
CA VAL B 250 12.09 -9.73 -47.10
C VAL B 250 11.52 -10.20 -48.43
N GLU B 251 10.46 -9.55 -48.95
CA GLU B 251 9.85 -10.02 -50.18
C GLU B 251 10.43 -9.34 -51.41
N ALA B 252 11.25 -8.31 -51.22
CA ALA B 252 11.78 -7.54 -52.34
C ALA B 252 12.84 -8.32 -53.11
N GLU B 253 12.86 -8.10 -54.42
CA GLU B 253 13.93 -8.57 -55.29
C GLU B 253 14.47 -7.40 -56.09
N VAL B 254 15.79 -7.27 -56.12
CA VAL B 254 16.47 -6.30 -56.97
C VAL B 254 17.16 -7.08 -58.07
N ASP B 255 16.71 -6.90 -59.30
CA ASP B 255 17.22 -7.68 -60.43
C ASP B 255 17.23 -9.17 -60.11
N GLY B 256 16.15 -9.63 -59.49
CA GLY B 256 16.02 -11.04 -59.21
C GLY B 256 16.79 -11.54 -58.02
N GLU B 257 17.48 -10.66 -57.28
CA GLU B 257 18.17 -11.06 -56.07
C GLU B 257 17.46 -10.49 -54.86
N ARG B 258 17.18 -11.37 -53.90
CA ARG B 258 16.72 -10.95 -52.59
C ARG B 258 17.80 -10.12 -51.90
N LEU B 259 17.35 -9.28 -50.96
CA LEU B 259 18.28 -8.62 -50.07
C LEU B 259 18.95 -9.66 -49.19
N SER B 260 20.23 -9.44 -48.90
CA SER B 260 20.97 -10.31 -47.99
C SER B 260 20.55 -9.98 -46.56
N SER B 261 20.95 -10.85 -45.63
N SER B 261 20.88 -10.87 -45.62
CA SER B 261 20.59 -10.62 -44.24
CA SER B 261 20.49 -10.59 -44.24
C SER B 261 21.16 -9.31 -43.72
C SER B 261 21.18 -9.34 -43.72
N ARG B 262 22.40 -8.98 -44.10
N ARG B 262 22.40 -9.09 -44.18
CA ARG B 262 22.94 -7.71 -43.63
CA ARG B 262 23.09 -7.84 -43.85
C ARG B 262 22.26 -6.53 -44.32
C ARG B 262 22.29 -6.64 -44.33
N GLU B 263 21.79 -6.72 -45.56
CA GLU B 263 21.06 -5.60 -46.18
C GLU B 263 19.73 -5.37 -45.48
N ILE B 264 19.02 -6.44 -45.16
CA ILE B 264 17.76 -6.29 -44.45
C ILE B 264 17.98 -5.72 -43.06
N ALA B 265 18.98 -6.23 -42.32
CA ALA B 265 19.24 -5.68 -40.99
C ALA B 265 19.63 -4.20 -41.04
N SER B 266 20.53 -3.81 -41.97
N SER B 266 20.53 -3.81 -41.97
CA SER B 266 20.90 -2.40 -42.01
CA SER B 266 20.91 -2.39 -42.02
C SER B 266 19.75 -1.51 -42.46
C SER B 266 19.75 -1.51 -42.46
N PHE B 267 18.87 -2.02 -43.34
CA PHE B 267 17.70 -1.24 -43.74
C PHE B 267 16.77 -1.03 -42.56
N PHE B 268 16.46 -2.12 -41.83
CA PHE B 268 15.63 -2.04 -40.64
C PHE B 268 16.22 -1.01 -39.66
N ILE B 269 17.53 -1.11 -39.40
CA ILE B 269 18.18 -0.24 -38.43
C ILE B 269 18.12 1.22 -38.89
N LEU B 270 18.37 1.46 -40.18
CA LEU B 270 18.29 2.82 -40.70
C LEU B 270 16.91 3.43 -40.43
N LEU B 271 15.86 2.66 -40.71
CA LEU B 271 14.51 3.20 -40.58
C LEU B 271 14.16 3.50 -39.11
N VAL B 272 14.46 2.57 -38.20
CA VAL B 272 14.04 2.83 -36.82
C VAL B 272 14.92 3.89 -36.18
N VAL B 273 16.19 3.96 -36.56
CA VAL B 273 17.07 4.97 -35.98
C VAL B 273 16.65 6.35 -36.45
N ALA B 274 16.45 6.50 -37.76
CA ALA B 274 16.00 7.80 -38.28
C ALA B 274 14.62 8.19 -37.74
N GLY B 275 13.73 7.22 -37.61
CA GLY B 275 12.40 7.55 -37.13
C GLY B 275 12.36 7.92 -35.66
N ASN B 276 13.30 7.36 -34.87
CA ASN B 276 13.29 7.53 -33.41
C ASN B 276 14.13 8.70 -32.92
N GLU B 277 15.07 9.20 -33.72
CA GLU B 277 16.11 10.06 -33.17
C GLU B 277 16.13 11.41 -33.87
N THR B 278 15.01 11.81 -34.45
CA THR B 278 14.93 13.06 -35.20
C THR B 278 13.70 13.86 -34.76
N THR B 279 12.53 13.36 -35.14
CA THR B 279 11.29 14.08 -34.84
C THR B 279 11.20 14.45 -33.37
N ARG B 280 11.65 13.56 -32.48
CA ARG B 280 11.53 13.84 -31.05
C ARG B 280 12.27 15.12 -30.69
N ASN B 281 13.37 15.40 -31.40
CA ASN B 281 14.08 16.64 -31.11
C ASN B 281 13.41 17.85 -31.75
N ALA B 282 12.80 17.68 -32.91
CA ALA B 282 11.99 18.77 -33.44
C ALA B 282 10.90 19.17 -32.45
N ILE B 283 10.19 18.18 -31.92
CA ILE B 283 9.11 18.45 -30.98
C ILE B 283 9.66 19.12 -29.73
N THR B 284 10.74 18.55 -29.16
CA THR B 284 11.22 19.09 -27.89
C THR B 284 11.77 20.51 -28.06
N HIS B 285 12.58 20.72 -29.10
CA HIS B 285 13.04 22.10 -29.38
C HIS B 285 11.86 23.02 -29.66
N GLY B 286 10.83 22.51 -30.33
CA GLY B 286 9.62 23.29 -30.54
C GLY B 286 9.00 23.77 -29.24
N VAL B 287 8.84 22.87 -28.26
CA VAL B 287 8.24 23.29 -26.99
C VAL B 287 9.15 24.26 -26.26
N LEU B 288 10.47 24.03 -26.32
CA LEU B 288 11.42 24.98 -25.74
C LEU B 288 11.25 26.36 -26.36
N ALA B 289 11.11 26.41 -27.69
CA ALA B 289 10.96 27.69 -28.37
C ALA B 289 9.66 28.35 -27.99
N LEU B 290 8.54 27.61 -27.94
CA LEU B 290 7.28 28.22 -27.51
C LEU B 290 7.39 28.77 -26.09
N SER B 291 8.14 28.06 -25.22
CA SER B 291 8.36 28.51 -23.85
C SER B 291 9.15 29.81 -23.80
N ARG B 292 10.12 29.96 -24.71
N ARG B 292 10.11 29.96 -24.72
CA ARG B 292 10.94 31.17 -24.71
CA ARG B 292 10.96 31.15 -24.74
C ARG B 292 10.27 32.34 -25.43
C ARG B 292 10.30 32.33 -25.46
N TYR B 293 9.39 32.06 -26.40
CA TYR B 293 8.78 33.09 -27.24
C TYR B 293 7.26 32.95 -27.17
N PRO B 294 6.66 33.31 -26.04
CA PRO B 294 5.22 33.03 -25.87
C PRO B 294 4.32 33.72 -26.90
N GLU B 295 4.73 34.86 -27.46
CA GLU B 295 3.95 35.45 -28.54
C GLU B 295 3.76 34.48 -29.70
N GLN B 296 4.75 33.64 -29.98
CA GLN B 296 4.59 32.70 -31.09
C GLN B 296 3.59 31.62 -30.73
N ARG B 297 3.63 31.14 -29.48
CA ARG B 297 2.59 30.22 -29.02
C ARG B 297 1.22 30.84 -29.17
N ASP B 298 1.05 32.09 -28.71
CA ASP B 298 -0.27 32.73 -28.76
C ASP B 298 -0.78 32.84 -30.19
N ARG B 299 0.10 33.25 -31.10
N ARG B 299 0.10 33.24 -31.12
N ARG B 299 0.10 33.23 -31.11
CA ARG B 299 -0.28 33.35 -32.51
CA ARG B 299 -0.32 33.36 -32.51
CA ARG B 299 -0.27 33.35 -32.52
C ARG B 299 -0.74 32.00 -33.05
C ARG B 299 -0.74 32.00 -33.08
C ARG B 299 -0.71 32.01 -33.09
N TRP B 300 0.06 30.96 -32.82
CA TRP B 300 -0.31 29.64 -33.34
C TRP B 300 -1.61 29.15 -32.73
N TRP B 301 -1.76 29.30 -31.41
CA TRP B 301 -2.96 28.78 -30.76
C TRP B 301 -4.18 29.52 -31.24
N SER B 302 -4.03 30.79 -31.64
N SER B 302 -4.04 30.78 -31.62
CA SER B 302 -5.16 31.57 -32.12
CA SER B 302 -5.19 31.53 -32.09
C SER B 302 -5.56 31.25 -33.56
C SER B 302 -5.67 31.02 -33.46
N ASP B 303 -4.76 30.45 -34.27
CA ASP B 303 -5.13 29.98 -35.60
C ASP B 303 -4.34 28.71 -35.92
N PHE B 304 -4.67 27.61 -35.24
CA PHE B 304 -3.79 26.46 -35.30
C PHE B 304 -3.71 25.90 -36.72
N ASP B 305 -4.85 25.62 -37.33
CA ASP B 305 -4.83 24.99 -38.66
C ASP B 305 -4.26 25.92 -39.72
N GLY B 306 -4.52 27.22 -39.60
CA GLY B 306 -4.01 28.15 -40.59
C GLY B 306 -2.50 28.30 -40.55
N LEU B 307 -1.94 28.33 -39.33
N LEU B 307 -1.92 28.33 -39.35
CA LEU B 307 -0.50 28.52 -39.13
CA LEU B 307 -0.48 28.52 -39.25
C LEU B 307 0.27 27.22 -39.16
C LEU B 307 0.28 27.21 -39.19
N ALA B 308 -0.39 26.07 -38.96
CA ALA B 308 0.34 24.80 -38.82
C ALA B 308 1.38 24.53 -39.90
N PRO B 309 1.09 24.71 -41.21
CA PRO B 309 2.15 24.40 -42.20
C PRO B 309 3.45 25.16 -42.00
N THR B 310 3.35 26.49 -41.89
CA THR B 310 4.54 27.28 -41.68
C THR B 310 5.11 27.06 -40.29
N ALA B 311 4.26 26.78 -39.29
CA ALA B 311 4.81 26.57 -37.95
C ALA B 311 5.68 25.33 -37.90
N VAL B 312 5.22 24.23 -38.52
CA VAL B 312 6.00 22.99 -38.56
C VAL B 312 7.34 23.25 -39.23
N GLU B 313 7.30 23.94 -40.40
CA GLU B 313 8.56 24.16 -41.09
C GLU B 313 9.51 24.99 -40.24
N GLU B 314 9.00 26.01 -39.55
CA GLU B 314 9.88 26.84 -38.74
C GLU B 314 10.42 26.08 -37.53
N ILE B 315 9.63 25.16 -36.98
CA ILE B 315 10.16 24.32 -35.91
C ILE B 315 11.33 23.53 -36.41
N VAL B 316 11.25 23.05 -37.65
CA VAL B 316 12.37 22.24 -38.15
C VAL B 316 13.57 23.11 -38.48
N ARG B 317 13.34 24.28 -39.10
CA ARG B 317 14.47 25.20 -39.34
C ARG B 317 15.15 25.57 -38.03
N TRP B 318 14.34 25.91 -37.02
CA TRP B 318 14.88 26.36 -35.75
C TRP B 318 15.67 25.25 -35.07
N ALA B 319 15.08 24.05 -35.00
CA ALA B 319 15.69 22.94 -34.28
C ALA B 319 16.89 22.36 -35.02
N SER B 320 16.87 22.39 -36.37
CA SER B 320 17.76 21.57 -37.20
C SER B 320 18.18 20.24 -36.53
N PRO B 321 17.25 19.31 -36.36
CA PRO B 321 17.53 18.09 -35.56
C PRO B 321 18.74 17.31 -36.00
N VAL B 322 19.02 17.30 -37.30
CA VAL B 322 20.26 16.73 -37.81
C VAL B 322 21.21 17.89 -38.08
N VAL B 323 22.34 17.90 -37.36
CA VAL B 323 23.22 19.07 -37.37
C VAL B 323 23.99 19.17 -38.68
N TYR B 324 24.48 18.04 -39.18
CA TYR B 324 25.24 18.04 -40.45
C TYR B 324 25.10 16.66 -41.05
N MET B 325 25.55 16.54 -42.30
CA MET B 325 25.83 15.22 -42.90
C MET B 325 27.18 15.32 -43.62
N ARG B 326 27.92 14.21 -43.67
N ARG B 326 27.92 14.23 -43.69
CA ARG B 326 29.20 14.19 -44.37
CA ARG B 326 29.20 14.29 -44.37
C ARG B 326 29.04 13.70 -45.82
C ARG B 326 29.11 13.65 -45.76
N ARG B 327 29.97 14.13 -46.67
CA ARG B 327 30.15 13.63 -48.02
C ARG B 327 31.65 13.44 -48.22
N THR B 328 32.01 12.80 -49.32
CA THR B 328 33.42 12.57 -49.64
C THR B 328 33.62 12.90 -51.12
N LEU B 329 34.59 13.77 -51.41
CA LEU B 329 34.80 14.21 -52.78
C LEU B 329 35.35 13.08 -53.67
N THR B 330 34.80 12.98 -54.88
CA THR B 330 35.28 12.08 -55.90
C THR B 330 36.25 12.77 -56.86
N GLN B 331 36.39 14.09 -56.77
CA GLN B 331 37.25 14.84 -57.65
C GLN B 331 37.62 16.15 -56.94
N ASP B 332 38.68 16.81 -57.41
CA ASP B 332 39.00 18.14 -56.89
C ASP B 332 37.85 19.10 -57.19
N ILE B 333 37.65 20.07 -56.30
CA ILE B 333 36.68 21.13 -56.60
C ILE B 333 37.06 22.37 -55.81
N GLU B 334 36.82 23.54 -56.40
CA GLU B 334 37.03 24.79 -55.70
C GLU B 334 35.70 25.47 -55.45
N LEU B 335 35.44 25.83 -54.19
CA LEU B 335 34.23 26.53 -53.78
C LEU B 335 34.64 27.74 -52.96
N ARG B 336 34.14 28.94 -53.33
CA ARG B 336 34.46 30.16 -52.57
C ARG B 336 35.95 30.40 -52.46
N GLY B 337 36.67 30.16 -53.55
CA GLY B 337 38.11 30.30 -53.52
C GLY B 337 38.85 29.28 -52.69
N THR B 338 38.18 28.26 -52.15
CA THR B 338 38.83 27.22 -51.36
C THR B 338 38.93 25.94 -52.19
N LYS B 339 40.16 25.53 -52.47
CA LYS B 339 40.39 24.30 -53.20
C LYS B 339 40.34 23.12 -52.25
N MET B 340 39.49 22.14 -52.56
CA MET B 340 39.34 20.90 -51.81
C MET B 340 39.73 19.75 -52.74
N ALA B 341 40.37 18.72 -52.18
CA ALA B 341 40.98 17.69 -53.01
C ALA B 341 40.12 16.43 -53.07
N ALA B 342 40.17 15.77 -54.23
CA ALA B 342 39.58 14.43 -54.34
C ALA B 342 39.94 13.59 -53.12
N GLY B 343 38.95 12.92 -52.55
CA GLY B 343 39.16 12.12 -51.37
C GLY B 343 38.92 12.83 -50.06
N ASP B 344 38.87 14.17 -50.07
CA ASP B 344 38.62 14.94 -48.85
C ASP B 344 37.19 14.74 -48.36
N LYS B 345 37.04 14.67 -47.04
CA LYS B 345 35.72 14.76 -46.42
C LYS B 345 35.19 16.19 -46.45
N VAL B 346 33.87 16.28 -46.47
N VAL B 346 33.87 16.31 -46.61
CA VAL B 346 33.14 17.53 -46.63
CA VAL B 346 33.19 17.60 -46.62
C VAL B 346 31.95 17.45 -45.69
C VAL B 346 31.96 17.49 -45.71
N SER B 347 31.82 18.40 -44.77
CA SER B 347 30.68 18.38 -43.87
C SER B 347 29.67 19.47 -44.22
N LEU B 348 28.39 19.11 -44.20
CA LEU B 348 27.30 19.99 -44.66
C LEU B 348 26.55 20.41 -43.41
N TRP B 349 26.76 21.66 -42.93
CA TRP B 349 26.23 22.11 -41.63
C TRP B 349 24.83 22.72 -41.82
N TYR B 350 23.82 21.83 -41.81
CA TYR B 350 22.46 22.30 -41.90
C TYR B 350 22.14 23.30 -40.79
N CYS B 351 22.68 23.08 -39.58
CA CYS B 351 22.42 24.02 -38.49
C CYS B 351 22.86 25.42 -38.86
N SER B 352 23.88 25.53 -39.70
CA SER B 352 24.40 26.84 -40.09
C SER B 352 23.71 27.38 -41.34
N ALA B 353 23.44 26.51 -42.32
CA ALA B 353 22.65 26.92 -43.48
C ALA B 353 21.33 27.53 -43.05
N ASN B 354 20.74 26.99 -41.97
CA ASN B 354 19.43 27.39 -41.50
C ASN B 354 19.48 28.67 -40.67
N ARG B 355 20.64 29.31 -40.60
CA ARG B 355 20.77 30.67 -40.07
C ARG B 355 21.45 31.60 -41.07
N ASP B 356 21.57 31.19 -42.35
CA ASP B 356 22.43 31.95 -43.25
C ASP B 356 21.77 33.29 -43.61
N GLU B 357 22.48 34.38 -43.30
CA GLU B 357 21.98 35.73 -43.53
C GLU B 357 21.88 36.10 -45.01
N SER B 358 22.57 35.36 -45.88
CA SER B 358 22.38 35.59 -47.33
C SER B 358 21.05 35.05 -47.80
N LYS B 359 20.46 34.15 -47.03
CA LYS B 359 19.27 33.42 -47.45
C LYS B 359 18.04 33.75 -46.65
N PHE B 360 18.17 33.88 -45.34
CA PHE B 360 17.02 34.06 -44.46
C PHE B 360 16.99 35.47 -43.92
N ALA B 361 15.86 36.14 -44.10
CA ALA B 361 15.60 37.35 -43.35
C ALA B 361 15.41 37.01 -41.88
N ASP B 362 15.85 37.92 -41.01
CA ASP B 362 15.66 37.79 -39.57
C ASP B 362 15.94 36.35 -39.13
N PRO B 363 17.13 35.84 -39.41
CA PRO B 363 17.37 34.42 -39.15
C PRO B 363 17.29 34.03 -37.68
N TRP B 364 17.47 34.99 -36.77
CA TRP B 364 17.42 34.71 -35.34
C TRP B 364 16.03 34.90 -34.78
N THR B 365 15.04 35.11 -35.64
CA THR B 365 13.65 35.21 -35.21
C THR B 365 12.98 33.87 -35.42
N PHE B 366 12.41 33.33 -34.35
CA PHE B 366 11.56 32.13 -34.42
C PHE B 366 10.18 32.65 -34.86
N ASP B 367 9.86 32.48 -36.14
CA ASP B 367 8.70 33.11 -36.77
C ASP B 367 7.80 32.02 -37.33
N LEU B 368 6.73 31.69 -36.60
CA LEU B 368 5.90 30.58 -37.01
C LEU B 368 5.11 30.87 -38.26
N ALA B 369 5.06 32.15 -38.70
CA ALA B 369 4.41 32.51 -39.95
C ALA B 369 5.42 32.63 -41.10
N ARG B 370 6.69 32.27 -40.87
CA ARG B 370 7.73 32.43 -41.91
C ARG B 370 7.34 31.69 -43.18
N ASN B 371 7.26 32.43 -44.30
N ASN B 371 7.25 32.42 -44.31
CA ASN B 371 6.85 31.84 -45.56
CA ASN B 371 6.81 31.85 -45.57
C ASN B 371 7.29 32.75 -46.70
C ASN B 371 7.29 32.75 -46.70
N PRO B 372 8.11 32.26 -47.63
CA PRO B 372 8.61 30.88 -47.71
C PRO B 372 9.65 30.53 -46.67
N ASN B 373 10.00 29.25 -46.57
CA ASN B 373 10.97 28.80 -45.57
C ASN B 373 11.69 27.60 -46.13
N PRO B 374 12.60 27.84 -47.11
CA PRO B 374 13.29 26.76 -47.83
C PRO B 374 14.45 26.22 -46.99
N HIS B 375 14.15 25.84 -45.74
CA HIS B 375 15.20 25.41 -44.84
C HIS B 375 15.78 24.07 -45.27
N LEU B 376 17.00 23.81 -44.78
CA LEU B 376 17.70 22.56 -45.06
C LEU B 376 17.64 21.55 -43.90
N GLY B 377 16.60 21.64 -43.08
CA GLY B 377 16.55 20.73 -41.94
C GLY B 377 16.38 19.29 -42.36
N PHE B 378 15.70 19.05 -43.48
CA PHE B 378 15.62 17.70 -44.06
C PHE B 378 16.75 17.48 -45.05
N GLY B 379 17.79 18.31 -44.95
CA GLY B 379 18.92 18.27 -45.86
C GLY B 379 18.71 19.21 -47.02
N GLY B 380 19.69 19.19 -47.93
CA GLY B 380 19.76 20.07 -49.09
C GLY B 380 18.91 19.68 -50.27
N GLY B 381 18.16 18.58 -50.18
CA GLY B 381 17.37 18.13 -51.32
C GLY B 381 18.20 17.16 -52.16
N GLY B 382 17.52 16.54 -53.13
CA GLY B 382 18.24 15.64 -54.01
C GLY B 382 18.06 14.17 -53.68
N ALA B 383 19.05 13.35 -54.04
CA ALA B 383 18.84 11.91 -54.08
C ALA B 383 18.49 11.33 -52.72
N HIS B 384 19.08 11.86 -51.64
CA HIS B 384 18.87 11.33 -50.28
C HIS B 384 17.88 12.15 -49.47
N PHE B 385 17.09 13.01 -50.13
CA PHE B 385 16.14 13.86 -49.41
C PHE B 385 15.32 13.03 -48.42
N CYS B 386 15.23 13.52 -47.17
CA CYS B 386 14.66 12.76 -46.07
C CYS B 386 13.45 11.90 -46.47
N LEU B 387 13.58 10.58 -46.30
CA LEU B 387 12.48 9.69 -46.66
C LEU B 387 11.27 9.93 -45.76
N GLY B 388 11.53 10.31 -44.51
CA GLY B 388 10.45 10.46 -43.55
C GLY B 388 9.87 11.88 -43.44
N ALA B 389 10.14 12.77 -44.39
CA ALA B 389 9.81 14.18 -44.14
C ALA B 389 8.31 14.40 -44.00
N ASN B 390 7.49 13.78 -44.87
N ASN B 390 7.51 13.74 -44.82
CA ASN B 390 6.03 13.92 -44.73
CA ASN B 390 6.09 14.02 -44.67
C ASN B 390 5.56 13.37 -43.40
C ASN B 390 5.52 13.35 -43.42
N LEU B 391 6.09 12.19 -43.04
CA LEU B 391 5.72 11.55 -41.78
C LEU B 391 6.10 12.43 -40.61
N ALA B 392 7.32 12.97 -40.61
CA ALA B 392 7.77 13.84 -39.53
C ALA B 392 6.87 15.07 -39.43
N ARG B 393 6.54 15.68 -40.57
CA ARG B 393 5.65 16.84 -40.54
C ARG B 393 4.32 16.52 -39.87
N ARG B 394 3.75 15.36 -40.17
CA ARG B 394 2.49 15.00 -39.51
C ARG B 394 2.68 14.76 -38.01
N GLU B 395 3.77 14.05 -37.65
CA GLU B 395 4.01 13.81 -36.23
C GLU B 395 4.14 15.13 -35.47
N ILE B 396 4.86 16.10 -36.04
CA ILE B 396 5.06 17.38 -35.34
C ILE B 396 3.73 18.11 -35.19
N ARG B 397 3.00 18.24 -36.30
CA ARG B 397 1.72 18.96 -36.28
C ARG B 397 0.79 18.37 -35.24
N VAL B 398 0.64 17.03 -35.24
N VAL B 398 0.62 17.04 -35.24
CA VAL B 398 -0.32 16.40 -34.36
CA VAL B 398 -0.37 16.49 -34.32
C VAL B 398 0.13 16.53 -32.91
C VAL B 398 0.12 16.55 -32.88
N ALA B 399 1.44 16.45 -32.64
CA ALA B 399 1.92 16.57 -31.25
C ALA B 399 1.55 17.94 -30.70
N PHE B 400 1.81 19.01 -31.48
CA PHE B 400 1.47 20.35 -30.98
C PHE B 400 -0.03 20.57 -30.94
N ASP B 401 -0.79 19.95 -31.85
N ASP B 401 -0.78 19.95 -31.85
CA ASP B 401 -2.23 20.14 -31.76
CA ASP B 401 -2.23 20.07 -31.83
C ASP B 401 -2.79 19.49 -30.50
C ASP B 401 -2.78 19.49 -30.53
N GLU B 402 -2.29 18.32 -30.13
CA GLU B 402 -2.78 17.71 -28.90
C GLU B 402 -2.34 18.48 -27.66
N LEU B 403 -1.12 19.01 -27.65
CA LEU B 403 -0.72 19.91 -26.56
C LEU B 403 -1.66 21.13 -26.47
N ARG B 404 -1.89 21.80 -27.60
CA ARG B 404 -2.86 22.89 -27.63
C ARG B 404 -4.23 22.48 -27.10
N ARG B 405 -4.71 21.30 -27.50
CA ARG B 405 -6.09 20.90 -27.12
C ARG B 405 -6.18 20.56 -25.63
N GLN B 406 -5.17 19.91 -25.08
CA GLN B 406 -5.28 19.36 -23.75
C GLN B 406 -4.54 20.14 -22.67
N MET B 407 -3.43 20.79 -23.00
CA MET B 407 -2.63 21.52 -22.01
C MET B 407 -2.00 22.73 -22.70
N PRO B 408 -2.82 23.66 -23.15
CA PRO B 408 -2.29 24.73 -24.04
C PRO B 408 -1.21 25.61 -23.42
N ASP B 409 -1.13 25.76 -22.08
CA ASP B 409 -0.06 26.54 -21.49
C ASP B 409 1.18 25.72 -21.10
N VAL B 410 1.33 24.50 -21.62
CA VAL B 410 2.49 23.68 -21.30
C VAL B 410 3.77 24.47 -21.58
N VAL B 411 4.67 24.45 -20.60
CA VAL B 411 5.87 25.29 -20.65
C VAL B 411 7.00 24.55 -19.96
N ALA B 412 8.22 24.73 -20.47
CA ALA B 412 9.41 24.17 -19.81
C ALA B 412 9.69 24.87 -18.49
N THR B 413 10.15 24.10 -17.51
N THR B 413 10.23 24.11 -17.53
CA THR B 413 10.46 24.67 -16.21
CA THR B 413 10.57 24.64 -16.22
C THR B 413 11.94 24.67 -15.92
C THR B 413 12.03 24.49 -15.85
N GLU B 414 12.73 23.93 -16.69
N GLU B 414 12.82 23.78 -16.67
CA GLU B 414 14.17 23.81 -16.55
CA GLU B 414 14.25 23.63 -16.52
C GLU B 414 14.75 23.83 -17.96
C GLU B 414 14.82 23.68 -17.91
N GLU B 415 15.96 24.36 -18.08
CA GLU B 415 16.65 24.32 -19.36
C GLU B 415 16.91 22.85 -19.73
N PRO B 416 16.91 22.53 -21.02
CA PRO B 416 17.12 21.14 -21.44
C PRO B 416 18.48 20.57 -21.07
N ALA B 417 18.49 19.30 -20.71
CA ALA B 417 19.74 18.55 -20.69
C ALA B 417 20.04 18.21 -22.14
N ARG B 418 21.13 18.76 -22.66
N ARG B 418 21.12 18.77 -22.67
CA ARG B 418 21.45 18.61 -24.06
CA ARG B 418 21.43 18.62 -24.09
C ARG B 418 22.30 17.37 -24.30
C ARG B 418 22.31 17.41 -24.34
N LEU B 419 21.97 16.65 -25.37
CA LEU B 419 22.76 15.48 -25.76
C LEU B 419 24.14 15.94 -26.22
N LEU B 420 25.19 15.25 -25.76
CA LEU B 420 26.54 15.56 -26.19
C LEU B 420 26.73 14.90 -27.55
N SER B 421 26.54 15.67 -28.60
CA SER B 421 26.57 15.14 -29.97
C SER B 421 26.98 16.22 -30.95
N GLN B 422 27.84 15.85 -31.92
CA GLN B 422 28.14 16.73 -33.03
C GLN B 422 27.13 16.59 -34.17
N PHE B 423 26.39 15.48 -34.18
CA PHE B 423 25.58 15.04 -35.32
C PHE B 423 24.09 15.29 -35.11
N ILE B 424 23.59 15.17 -33.88
CA ILE B 424 22.17 15.17 -33.58
C ILE B 424 21.93 16.28 -32.56
N HIS B 425 20.94 17.15 -32.83
CA HIS B 425 20.70 18.29 -31.93
C HIS B 425 19.76 17.82 -30.83
N GLY B 426 20.26 16.92 -30.00
CA GLY B 426 19.39 16.16 -29.15
C GLY B 426 19.10 16.86 -27.83
N ILE B 427 17.87 16.66 -27.34
CA ILE B 427 17.51 17.03 -25.96
C ILE B 427 17.16 15.74 -25.23
N LYS B 428 17.87 15.47 -24.13
CA LYS B 428 17.62 14.25 -23.39
C LYS B 428 16.39 14.37 -22.51
N THR B 429 16.21 15.51 -21.86
CA THR B 429 15.09 15.72 -20.95
C THR B 429 14.64 17.17 -21.06
N LEU B 430 13.34 17.40 -20.91
CA LEU B 430 12.81 18.76 -20.87
C LEU B 430 11.63 18.77 -19.92
N PRO B 431 11.86 19.11 -18.64
CA PRO B 431 10.75 19.19 -17.69
C PRO B 431 9.76 20.27 -18.12
N VAL B 432 8.47 19.95 -18.06
CA VAL B 432 7.41 20.87 -18.41
C VAL B 432 6.34 20.84 -17.32
N THR B 433 5.50 21.86 -17.33
CA THR B 433 4.36 21.96 -16.44
C THR B 433 3.18 22.57 -17.19
N TRP B 434 1.98 22.38 -16.66
CA TRP B 434 0.77 22.86 -17.31
C TRP B 434 -0.27 23.12 -16.22
N SER B 435 -1.32 23.85 -16.60
CA SER B 435 -2.40 24.10 -15.65
C SER B 435 -3.40 22.98 -15.81
N HIS C 6 -5.35 -29.04 25.49
CA HIS C 6 -5.52 -30.34 24.85
C HIS C 6 -4.91 -31.43 25.72
N HIS C 7 -4.12 -31.03 26.71
CA HIS C 7 -3.54 -31.96 27.68
C HIS C 7 -4.33 -31.89 28.98
N MET C 8 -4.19 -30.80 29.75
N MET C 8 -4.19 -30.79 29.72
CA MET C 8 -4.97 -30.62 30.98
CA MET C 8 -4.92 -30.58 30.96
C MET C 8 -6.31 -29.95 30.73
C MET C 8 -6.28 -29.93 30.73
N GLY C 9 -6.39 -29.07 29.71
CA GLY C 9 -7.61 -28.30 29.43
C GLY C 9 -8.32 -28.67 28.15
N LEU C 10 -8.80 -27.69 27.37
CA LEU C 10 -9.64 -28.00 26.21
C LEU C 10 -8.84 -28.16 24.93
N ASN C 11 -9.11 -29.24 24.20
CA ASN C 11 -8.57 -29.38 22.85
C ASN C 11 -9.48 -28.61 21.90
N THR C 12 -8.93 -27.62 21.18
CA THR C 12 -9.77 -26.75 20.35
C THR C 12 -9.97 -27.29 18.92
N ALA C 13 -9.30 -28.39 18.55
CA ALA C 13 -9.40 -28.89 17.19
C ALA C 13 -10.79 -29.47 16.90
N ILE C 14 -11.17 -29.41 15.61
CA ILE C 14 -12.44 -30.00 15.18
C ILE C 14 -12.35 -31.51 15.33
N ALA C 15 -13.50 -32.15 15.29
CA ALA C 15 -13.52 -33.62 15.37
C ALA C 15 -12.80 -34.22 14.16
N THR C 16 -12.05 -35.32 14.40
CA THR C 16 -11.52 -36.08 13.28
C THR C 16 -12.61 -36.99 12.69
N ARG C 17 -12.33 -37.58 11.53
CA ARG C 17 -13.25 -38.51 10.90
C ARG C 17 -12.51 -39.79 10.52
N VAL C 18 -13.27 -40.86 10.38
CA VAL C 18 -12.69 -42.14 10.01
C VAL C 18 -12.55 -42.13 8.50
N ASN C 19 -11.31 -42.18 8.02
CA ASN C 19 -11.09 -42.13 6.58
C ASN C 19 -11.75 -43.33 5.92
N GLY C 20 -12.29 -43.11 4.71
CA GLY C 20 -12.94 -44.17 3.97
C GLY C 20 -14.40 -44.41 4.32
N THR C 21 -14.97 -43.64 5.25
CA THR C 21 -16.39 -43.84 5.60
C THR C 21 -17.32 -43.36 4.49
N PRO C 22 -18.21 -44.20 3.96
CA PRO C 22 -19.17 -43.70 2.95
C PRO C 22 -20.20 -42.79 3.58
N PRO C 23 -20.81 -41.93 2.80
CA PRO C 23 -21.95 -41.11 3.32
C PRO C 23 -23.11 -42.00 3.74
N PRO C 24 -23.83 -41.63 4.80
CA PRO C 24 -25.06 -42.35 5.12
C PRO C 24 -25.96 -42.39 3.90
N GLU C 25 -26.77 -43.45 3.79
CA GLU C 25 -27.59 -43.65 2.60
C GLU C 25 -28.66 -42.57 2.48
N VAL C 26 -28.78 -41.98 1.31
CA VAL C 26 -29.76 -40.92 1.10
C VAL C 26 -30.87 -41.48 0.21
N PRO C 27 -32.10 -41.61 0.69
CA PRO C 27 -33.18 -42.09 -0.19
C PRO C 27 -33.39 -41.14 -1.36
N ILE C 28 -33.67 -41.72 -2.53
CA ILE C 28 -33.76 -40.88 -3.73
C ILE C 28 -34.88 -39.84 -3.59
N ALA C 29 -35.94 -40.14 -2.83
CA ALA C 29 -37.00 -39.16 -2.58
C ALA C 29 -36.54 -37.93 -1.79
N ASP C 30 -35.44 -38.00 -1.04
CA ASP C 30 -34.94 -36.85 -0.31
C ASP C 30 -34.06 -35.92 -1.15
N ILE C 31 -33.77 -36.28 -2.38
CA ILE C 31 -32.81 -35.54 -3.20
C ILE C 31 -33.56 -34.45 -3.96
N GLU C 32 -33.11 -33.21 -3.82
CA GLU C 32 -33.80 -32.08 -4.46
C GLU C 32 -32.75 -31.16 -5.08
N LEU C 33 -32.17 -31.59 -6.21
CA LEU C 33 -31.14 -30.78 -6.86
C LEU C 33 -31.68 -29.44 -7.31
N GLY C 34 -33.00 -29.30 -7.45
CA GLY C 34 -33.58 -28.05 -7.89
C GLY C 34 -34.04 -27.13 -6.77
N SER C 35 -33.62 -27.39 -5.53
CA SER C 35 -33.96 -26.56 -4.39
C SER C 35 -32.69 -25.96 -3.80
N LEU C 36 -32.65 -24.64 -3.63
CA LEU C 36 -31.44 -24.04 -3.05
C LEU C 36 -31.16 -24.59 -1.64
N ASP C 37 -32.24 -24.90 -0.91
CA ASP C 37 -32.08 -25.42 0.44
C ASP C 37 -31.27 -26.70 0.43
N PHE C 38 -31.39 -27.49 -0.63
CA PHE C 38 -30.62 -28.72 -0.73
C PHE C 38 -29.12 -28.43 -0.69
N TRP C 39 -28.70 -27.37 -1.38
CA TRP C 39 -27.30 -27.02 -1.47
C TRP C 39 -26.77 -26.43 -0.17
N ALA C 40 -27.67 -26.04 0.75
CA ALA C 40 -27.18 -25.72 2.09
C ALA C 40 -26.88 -26.95 2.96
N LEU C 41 -27.44 -28.13 2.65
N LEU C 41 -27.33 -28.16 2.58
CA LEU C 41 -27.31 -29.29 3.52
CA LEU C 41 -27.08 -29.34 3.40
C LEU C 41 -25.86 -29.70 3.64
C LEU C 41 -25.59 -29.72 3.34
N ASP C 42 -25.53 -30.40 4.72
N ASP C 42 -25.17 -30.53 4.32
CA ASP C 42 -24.11 -30.65 4.88
CA ASP C 42 -23.73 -30.75 4.50
C ASP C 42 -23.65 -31.64 3.82
C ASP C 42 -23.17 -31.61 3.38
N ASP C 43 -22.34 -31.65 3.59
N ASP C 43 -21.83 -31.70 3.34
CA ASP C 43 -21.81 -32.36 2.45
CA ASP C 43 -21.18 -32.52 2.32
C ASP C 43 -21.96 -33.87 2.54
C ASP C 43 -21.63 -33.98 2.39
N ASP C 44 -22.11 -34.44 3.74
N ASP C 44 -21.99 -34.49 3.57
CA ASP C 44 -22.40 -35.87 3.82
CA ASP C 44 -22.32 -35.91 3.64
C ASP C 44 -23.70 -36.18 3.10
C ASP C 44 -23.70 -36.19 3.04
N VAL C 45 -24.69 -35.30 3.25
CA VAL C 45 -25.98 -35.48 2.59
C VAL C 45 -25.82 -35.30 1.08
N ARG C 46 -25.05 -34.28 0.64
CA ARG C 46 -24.84 -34.06 -0.78
C ARG C 46 -24.12 -35.26 -1.43
N ASP C 47 -23.01 -35.69 -0.83
CA ASP C 47 -22.26 -36.82 -1.38
C ASP C 47 -23.13 -38.07 -1.40
N GLY C 48 -23.92 -38.30 -0.34
CA GLY C 48 -24.80 -39.45 -0.36
C GLY C 48 -25.84 -39.35 -1.46
N ALA C 49 -26.33 -38.13 -1.73
CA ALA C 49 -27.36 -37.99 -2.73
C ALA C 49 -26.80 -38.34 -4.09
N PHE C 50 -25.60 -37.89 -4.38
CA PHE C 50 -25.03 -38.23 -5.69
C PHE C 50 -24.67 -39.72 -5.74
N ALA C 51 -24.32 -40.33 -4.62
CA ALA C 51 -24.10 -41.77 -4.64
C ALA C 51 -25.38 -42.51 -4.99
N THR C 52 -26.50 -42.05 -4.44
CA THR C 52 -27.78 -42.69 -4.78
C THR C 52 -28.11 -42.49 -6.25
N LEU C 53 -27.91 -41.28 -6.77
CA LEU C 53 -28.18 -41.06 -8.20
C LEU C 53 -27.27 -41.93 -9.08
N ARG C 54 -25.97 -42.02 -8.76
CA ARG C 54 -25.11 -42.88 -9.59
C ARG C 54 -25.63 -44.30 -9.63
N ARG C 55 -26.14 -44.79 -8.50
CA ARG C 55 -26.59 -46.18 -8.47
C ARG C 55 -27.98 -46.37 -9.09
N GLU C 56 -28.91 -45.46 -8.80
CA GLU C 56 -30.31 -45.67 -9.12
C GLU C 56 -30.87 -44.79 -10.23
N ALA C 57 -30.29 -43.62 -10.50
CA ALA C 57 -30.78 -42.71 -11.52
C ALA C 57 -29.61 -41.89 -12.07
N PRO C 58 -28.69 -42.55 -12.78
CA PRO C 58 -27.44 -41.86 -13.15
C PRO C 58 -27.63 -40.70 -14.11
N ILE C 59 -28.75 -40.63 -14.85
CA ILE C 59 -29.09 -39.44 -15.59
C ILE C 59 -30.53 -39.13 -15.24
N SER C 60 -30.78 -37.91 -14.79
CA SER C 60 -32.12 -37.56 -14.36
C SER C 60 -32.29 -36.05 -14.55
N PHE C 61 -33.54 -35.62 -14.59
CA PHE C 61 -33.89 -34.25 -14.99
C PHE C 61 -34.34 -33.43 -13.78
N TRP C 62 -33.86 -32.19 -13.68
CA TRP C 62 -34.13 -31.33 -12.54
C TRP C 62 -34.42 -29.91 -12.96
N PRO C 63 -35.18 -29.17 -12.17
CA PRO C 63 -35.46 -27.77 -12.53
C PRO C 63 -34.28 -26.85 -12.20
N THR C 64 -34.18 -25.76 -12.97
CA THR C 64 -33.28 -24.67 -12.61
C THR C 64 -33.69 -24.04 -11.28
N ILE C 65 -32.69 -23.71 -10.45
CA ILE C 65 -32.97 -22.98 -9.22
C ILE C 65 -33.13 -21.50 -9.52
N GLU C 66 -34.25 -20.90 -9.10
N GLU C 66 -34.25 -20.94 -9.08
CA GLU C 66 -34.52 -19.51 -9.48
CA GLU C 66 -34.50 -19.52 -9.21
C GLU C 66 -34.25 -18.56 -8.32
C GLU C 66 -33.87 -18.75 -8.06
N LEU C 67 -33.18 -17.77 -8.44
N LEU C 67 -33.15 -17.70 -8.42
CA LEU C 67 -32.81 -16.73 -7.48
CA LEU C 67 -32.68 -16.68 -7.50
C LEU C 67 -33.29 -15.38 -7.98
C LEU C 67 -33.19 -15.35 -8.00
N PRO C 68 -33.33 -14.36 -7.12
CA PRO C 68 -33.86 -13.05 -7.56
C PRO C 68 -33.02 -12.48 -8.68
N GLY C 69 -33.69 -12.06 -9.74
CA GLY C 69 -32.98 -11.60 -10.90
C GLY C 69 -32.65 -12.65 -11.92
N PHE C 70 -32.82 -13.94 -11.60
CA PHE C 70 -32.55 -14.97 -12.60
C PHE C 70 -33.66 -15.01 -13.62
N VAL C 71 -33.25 -15.34 -14.84
N VAL C 71 -33.30 -15.26 -14.88
CA VAL C 71 -34.14 -15.64 -15.95
CA VAL C 71 -34.34 -15.48 -15.87
C VAL C 71 -34.85 -16.97 -15.69
C VAL C 71 -34.86 -16.90 -15.72
N THR C 72 -36.14 -17.06 -16.03
CA THR C 72 -36.80 -18.37 -15.96
C THR C 72 -36.20 -19.25 -17.04
N GLY C 73 -35.89 -20.49 -16.69
CA GLY C 73 -35.23 -21.37 -17.64
C GLY C 73 -35.64 -22.81 -17.44
N ASN C 74 -35.42 -23.58 -18.49
CA ASN C 74 -35.72 -25.00 -18.49
C ASN C 74 -34.80 -25.78 -17.55
N GLY C 75 -35.21 -27.01 -17.25
CA GLY C 75 -34.45 -27.89 -16.39
C GLY C 75 -33.23 -28.46 -17.11
N HIS C 76 -32.56 -29.41 -16.43
CA HIS C 76 -31.31 -29.93 -16.94
C HIS C 76 -31.17 -31.41 -16.60
N TRP C 77 -30.52 -32.14 -17.51
CA TRP C 77 -30.13 -33.53 -17.32
C TRP C 77 -28.82 -33.59 -16.53
N ALA C 78 -28.89 -34.13 -15.32
CA ALA C 78 -27.72 -34.30 -14.47
C ALA C 78 -26.94 -35.56 -14.83
N LEU C 79 -25.71 -35.40 -15.35
CA LEU C 79 -24.79 -36.51 -15.60
C LEU C 79 -23.97 -36.72 -14.34
N THR C 80 -24.18 -37.84 -13.66
CA THR C 80 -23.50 -38.10 -12.40
C THR C 80 -22.39 -39.13 -12.53
N LYS C 81 -22.29 -39.84 -13.65
CA LYS C 81 -21.27 -40.86 -13.78
C LYS C 81 -20.05 -40.29 -14.48
N TYR C 82 -18.87 -40.74 -14.05
CA TYR C 82 -17.60 -40.30 -14.61
C TYR C 82 -17.56 -40.49 -16.14
N ASP C 83 -17.93 -41.67 -16.62
N ASP C 83 -17.95 -41.67 -16.62
CA ASP C 83 -17.83 -41.93 -18.06
CA ASP C 83 -17.81 -41.91 -18.06
C ASP C 83 -18.70 -40.95 -18.86
C ASP C 83 -18.71 -40.98 -18.88
N ASP C 84 -19.88 -40.61 -18.36
CA ASP C 84 -20.75 -39.71 -19.11
C ASP C 84 -20.21 -38.28 -19.07
N VAL C 85 -19.67 -37.84 -17.91
CA VAL C 85 -19.12 -36.49 -17.86
C VAL C 85 -17.92 -36.37 -18.80
N PHE C 86 -17.06 -37.39 -18.81
CA PHE C 86 -15.93 -37.44 -19.72
C PHE C 86 -16.41 -37.37 -21.17
N TYR C 87 -17.37 -38.23 -21.53
CA TYR C 87 -17.89 -38.23 -22.90
C TYR C 87 -18.44 -36.85 -23.27
N ALA C 88 -19.29 -36.26 -22.42
CA ALA C 88 -19.88 -34.97 -22.75
C ALA C 88 -18.80 -33.90 -22.93
N SER C 89 -17.79 -33.91 -22.05
CA SER C 89 -16.69 -32.94 -22.15
C SER C 89 -15.95 -33.07 -23.48
N ARG C 90 -15.74 -34.30 -23.97
CA ARG C 90 -14.93 -34.48 -25.16
C ARG C 90 -15.75 -34.43 -26.45
N HIS C 91 -17.07 -34.17 -26.38
CA HIS C 91 -17.86 -34.04 -27.60
C HIS C 91 -18.60 -32.71 -27.61
N PRO C 92 -17.85 -31.61 -27.70
CA PRO C 92 -18.48 -30.28 -27.70
C PRO C 92 -19.31 -29.99 -28.94
N ASP C 93 -19.14 -30.70 -30.07
N ASP C 93 -19.11 -30.71 -30.06
CA ASP C 93 -20.08 -30.52 -31.16
CA ASP C 93 -20.04 -30.63 -31.18
C ASP C 93 -21.48 -30.96 -30.78
C ASP C 93 -21.45 -30.97 -30.77
N ILE C 94 -21.61 -31.89 -29.82
CA ILE C 94 -22.90 -32.31 -29.32
C ILE C 94 -23.28 -31.55 -28.06
N PHE C 95 -22.32 -31.39 -27.14
CA PHE C 95 -22.55 -30.76 -25.83
C PHE C 95 -21.92 -29.37 -25.85
N SER C 96 -22.71 -28.39 -26.29
CA SER C 96 -22.18 -27.05 -26.56
C SER C 96 -21.99 -26.24 -25.27
N SER C 97 -20.93 -25.42 -25.24
N SER C 97 -20.93 -25.43 -25.24
CA SER C 97 -20.78 -24.48 -24.13
CA SER C 97 -20.77 -24.48 -24.15
C SER C 97 -21.53 -23.17 -24.37
C SER C 97 -21.54 -23.18 -24.38
N TYR C 98 -22.18 -23.02 -25.54
CA TYR C 98 -23.03 -21.88 -25.80
C TYR C 98 -24.45 -22.27 -25.45
N PRO C 99 -25.24 -21.46 -24.73
CA PRO C 99 -25.01 -20.03 -24.44
C PRO C 99 -24.37 -19.76 -23.07
N ASN C 100 -24.31 -20.76 -22.18
CA ASN C 100 -23.80 -20.48 -20.85
C ASN C 100 -23.36 -21.79 -20.20
N ILE C 101 -22.56 -21.70 -19.14
CA ILE C 101 -22.03 -22.90 -18.50
C ILE C 101 -22.46 -23.02 -17.03
N THR C 102 -23.32 -22.15 -16.55
CA THR C 102 -24.11 -22.49 -15.36
C THR C 102 -25.51 -22.86 -15.84
N ILE C 103 -26.32 -23.37 -14.90
CA ILE C 103 -27.61 -23.93 -15.30
C ILE C 103 -28.59 -22.85 -15.73
N ASN C 104 -28.58 -21.68 -15.06
CA ASN C 104 -29.41 -20.55 -15.46
C ASN C 104 -28.73 -19.87 -16.66
N ASP C 105 -29.44 -18.92 -17.25
N ASP C 105 -29.45 -18.95 -17.28
CA ASP C 105 -29.03 -18.26 -18.48
CA ASP C 105 -28.94 -18.29 -18.48
C ASP C 105 -28.63 -16.81 -18.20
C ASP C 105 -28.57 -16.84 -18.17
N GLN C 106 -27.77 -16.26 -19.05
CA GLN C 106 -27.38 -14.86 -18.92
C GLN C 106 -28.44 -13.92 -19.50
N THR C 107 -28.68 -12.78 -18.83
CA THR C 107 -29.47 -11.71 -19.48
C THR C 107 -28.61 -11.01 -20.55
N PRO C 108 -29.22 -10.22 -21.46
CA PRO C 108 -28.39 -9.38 -22.34
C PRO C 108 -27.44 -8.47 -21.58
N GLU C 109 -27.88 -7.89 -20.46
CA GLU C 109 -27.02 -7.01 -19.66
C GLU C 109 -25.82 -7.78 -19.11
N LEU C 110 -26.05 -8.99 -18.61
CA LEU C 110 -24.95 -9.80 -18.10
C LEU C 110 -23.98 -10.18 -19.21
N ALA C 111 -24.49 -10.39 -20.42
CA ALA C 111 -23.62 -10.86 -21.51
C ALA C 111 -22.54 -9.85 -21.84
N GLU C 112 -22.75 -8.58 -21.51
N GLU C 112 -22.73 -8.58 -21.48
CA GLU C 112 -21.69 -7.60 -21.65
CA GLU C 112 -21.68 -7.57 -21.63
C GLU C 112 -20.45 -7.99 -20.85
C GLU C 112 -20.47 -7.85 -20.75
N TYR C 113 -20.63 -8.62 -19.68
CA TYR C 113 -19.51 -8.92 -18.80
C TYR C 113 -19.09 -10.38 -18.78
N PHE C 114 -19.98 -11.29 -19.21
CA PHE C 114 -19.71 -12.71 -19.01
C PHE C 114 -19.72 -13.50 -20.31
N GLY C 115 -19.71 -12.81 -21.44
N GLY C 115 -19.60 -12.83 -21.45
CA GLY C 115 -19.57 -13.41 -22.75
CA GLY C 115 -19.63 -13.50 -22.76
C GLY C 115 -18.11 -13.58 -23.10
C GLY C 115 -18.26 -13.96 -23.26
N SER C 116 -17.43 -14.45 -22.36
CA SER C 116 -16.03 -14.78 -22.61
C SER C 116 -15.93 -16.10 -23.38
N MET C 117 -14.68 -16.56 -23.60
CA MET C 117 -14.46 -17.80 -24.33
C MET C 117 -15.04 -19.02 -23.60
N ILE C 118 -15.34 -18.92 -22.31
CA ILE C 118 -15.85 -20.10 -21.63
C ILE C 118 -17.29 -20.40 -22.06
N VAL C 119 -18.02 -19.43 -22.63
CA VAL C 119 -19.35 -19.72 -23.13
C VAL C 119 -19.36 -19.68 -24.66
N LEU C 120 -18.22 -19.97 -25.28
CA LEU C 120 -18.15 -20.10 -26.75
C LEU C 120 -17.60 -21.45 -27.16
N ASP C 121 -18.02 -21.91 -28.36
CA ASP C 121 -17.42 -23.08 -28.95
C ASP C 121 -16.28 -22.65 -29.88
N ASP C 122 -15.49 -23.64 -30.30
CA ASP C 122 -14.56 -23.42 -31.40
C ASP C 122 -15.35 -23.18 -32.70
N PRO C 123 -14.78 -22.43 -33.64
CA PRO C 123 -13.40 -21.96 -33.59
C PRO C 123 -13.12 -20.66 -32.80
N ARG C 124 -14.14 -19.87 -32.47
CA ARG C 124 -13.85 -18.60 -31.84
C ARG C 124 -13.24 -18.80 -30.46
N HIS C 125 -13.69 -19.82 -29.74
CA HIS C 125 -13.14 -20.11 -28.42
C HIS C 125 -11.62 -20.23 -28.48
N GLN C 126 -11.13 -21.01 -29.44
CA GLN C 126 -9.70 -21.30 -29.48
C GLN C 126 -8.90 -20.06 -29.88
N ARG C 127 -9.44 -19.24 -30.78
CA ARG C 127 -8.78 -17.99 -31.15
C ARG C 127 -8.58 -17.10 -29.93
N LEU C 128 -9.62 -17.03 -29.07
CA LEU C 128 -9.48 -16.24 -27.85
C LEU C 128 -8.48 -16.89 -26.90
N ARG C 129 -8.57 -18.19 -26.73
CA ARG C 129 -7.69 -18.86 -25.76
C ARG C 129 -6.23 -18.71 -26.14
N SER C 130 -5.92 -18.74 -27.44
N SER C 130 -5.93 -18.73 -27.44
CA SER C 130 -4.51 -18.65 -27.85
CA SER C 130 -4.53 -18.64 -27.86
C SER C 130 -3.91 -17.27 -27.60
C SER C 130 -3.90 -17.30 -27.51
N ILE C 131 -4.72 -16.27 -27.27
CA ILE C 131 -4.16 -14.97 -26.89
C ILE C 131 -3.40 -15.07 -25.57
N VAL C 132 -3.85 -15.91 -24.64
CA VAL C 132 -3.27 -15.95 -23.31
C VAL C 132 -2.63 -17.29 -22.98
N SER C 133 -2.71 -18.28 -23.86
CA SER C 133 -2.35 -19.62 -23.41
C SER C 133 -0.84 -19.78 -23.17
N ARG C 134 0.01 -19.06 -23.93
CA ARG C 134 1.45 -19.09 -23.64
C ARG C 134 1.73 -18.76 -22.18
N ALA C 135 0.99 -17.80 -21.62
CA ALA C 135 1.26 -17.34 -20.26
C ALA C 135 0.96 -18.41 -19.22
N PHE C 136 0.17 -19.42 -19.57
CA PHE C 136 -0.24 -20.42 -18.61
C PHE C 136 0.42 -21.78 -18.86
N THR C 137 1.27 -21.88 -19.89
CA THR C 137 1.96 -23.15 -20.19
C THR C 137 2.91 -23.49 -19.04
N PRO C 138 3.22 -24.78 -18.86
CA PRO C 138 4.14 -25.16 -17.77
C PRO C 138 5.46 -24.41 -17.76
N LYS C 139 6.09 -24.20 -18.92
CA LYS C 139 7.40 -23.54 -18.92
C LYS C 139 7.29 -22.10 -18.45
N VAL C 140 6.19 -21.43 -18.81
CA VAL C 140 6.06 -20.03 -18.44
C VAL C 140 5.66 -19.90 -16.99
N VAL C 141 4.78 -20.78 -16.50
CA VAL C 141 4.43 -20.73 -15.09
C VAL C 141 5.63 -21.09 -14.19
N ALA C 142 6.55 -21.92 -14.71
CA ALA C 142 7.77 -22.18 -13.97
C ALA C 142 8.51 -20.90 -13.59
N ARG C 143 8.40 -19.84 -14.41
N ARG C 143 8.39 -19.84 -14.41
CA ARG C 143 9.07 -18.57 -14.12
CA ARG C 143 9.08 -18.58 -14.12
C ARG C 143 8.36 -17.76 -13.05
C ARG C 143 8.39 -17.80 -13.01
N ILE C 144 7.15 -18.17 -12.67
CA ILE C 144 6.38 -17.51 -11.63
C ILE C 144 6.41 -18.29 -10.34
N GLU C 145 6.98 -19.51 -10.37
CA GLU C 145 7.16 -20.29 -9.14
C GLU C 145 7.76 -19.47 -8.01
N ALA C 146 8.82 -18.70 -8.29
CA ALA C 146 9.44 -17.94 -7.22
C ALA C 146 8.47 -16.93 -6.61
N ALA C 147 7.62 -16.32 -7.44
CA ALA C 147 6.62 -15.38 -6.93
C ALA C 147 5.57 -16.09 -6.09
N VAL C 148 5.11 -17.25 -6.56
CA VAL C 148 4.16 -18.02 -5.76
C VAL C 148 4.77 -18.37 -4.41
N ARG C 149 6.05 -18.78 -4.42
CA ARG C 149 6.73 -19.17 -3.18
C ARG C 149 6.87 -17.98 -2.25
N ASP C 150 7.30 -16.85 -2.79
CA ASP C 150 7.47 -15.65 -1.95
C ASP C 150 6.14 -15.22 -1.34
N ARG C 151 5.05 -15.22 -2.12
CA ARG C 151 3.74 -14.83 -1.60
C ARG C 151 3.27 -15.77 -0.50
N ALA C 152 3.36 -17.09 -0.73
CA ALA C 152 2.90 -18.05 0.27
C ALA C 152 3.73 -17.93 1.54
N HIS C 153 5.04 -17.79 1.37
CA HIS C 153 5.93 -17.69 2.52
C HIS C 153 5.60 -16.46 3.34
N ARG C 154 5.45 -15.31 2.68
CA ARG C 154 5.16 -14.08 3.42
C ARG C 154 3.82 -14.16 4.11
N LEU C 155 2.81 -14.74 3.45
CA LEU C 155 1.49 -14.85 4.07
C LEU C 155 1.52 -15.71 5.33
N VAL C 156 2.13 -16.90 5.25
CA VAL C 156 2.16 -17.75 6.44
C VAL C 156 2.98 -17.09 7.54
N SER C 157 4.10 -16.44 7.18
N SER C 157 4.10 -16.45 7.18
CA SER C 157 4.90 -15.74 8.17
CA SER C 157 4.90 -15.75 8.17
C SER C 157 4.10 -14.62 8.83
C SER C 157 4.10 -14.62 8.83
N SER C 158 3.28 -13.92 8.04
CA SER C 158 2.46 -12.86 8.58
C SER C 158 1.36 -13.43 9.48
N MET C 159 0.81 -14.60 9.13
CA MET C 159 -0.14 -15.27 10.02
C MET C 159 0.45 -15.47 11.39
N ILE C 160 1.70 -15.93 11.43
CA ILE C 160 2.36 -16.19 12.70
C ILE C 160 2.64 -14.89 13.45
N ALA C 161 3.20 -13.91 12.74
CA ALA C 161 3.63 -12.67 13.39
C ALA C 161 2.45 -11.86 13.90
N ASN C 162 1.34 -11.88 13.21
CA ASN C 162 0.25 -10.97 13.53
C ASN C 162 -0.88 -11.62 14.32
N ASN C 163 -0.73 -12.91 14.66
CA ASN C 163 -1.70 -13.63 15.48
C ASN C 163 -0.96 -14.33 16.61
N PRO C 164 -0.46 -13.56 17.58
CA PRO C 164 0.19 -14.16 18.75
C PRO C 164 -0.73 -15.03 19.57
N ASP C 165 -2.05 -14.90 19.40
CA ASP C 165 -3.00 -15.83 20.01
C ASP C 165 -2.99 -17.18 19.31
N ARG C 166 -2.26 -17.29 18.19
CA ARG C 166 -2.09 -18.53 17.40
C ARG C 166 -3.41 -19.02 16.83
N GLN C 167 -4.28 -18.08 16.46
CA GLN C 167 -5.52 -18.43 15.77
C GLN C 167 -5.76 -17.44 14.66
N ALA C 168 -6.29 -17.94 13.55
CA ALA C 168 -6.63 -17.02 12.46
C ALA C 168 -7.55 -17.76 11.52
N ASP C 169 -8.17 -17.02 10.60
CA ASP C 169 -9.00 -17.61 9.56
C ASP C 169 -8.11 -18.00 8.38
N LEU C 170 -8.04 -19.28 8.08
CA LEU C 170 -7.22 -19.74 6.94
C LEU C 170 -7.61 -19.03 5.64
N VAL C 171 -8.90 -18.76 5.43
CA VAL C 171 -9.34 -18.28 4.13
C VAL C 171 -8.89 -16.86 3.92
N SER C 172 -9.12 -16.00 4.91
CA SER C 172 -8.76 -14.61 4.73
C SER C 172 -7.25 -14.41 4.80
N GLU C 173 -6.52 -15.28 5.52
CA GLU C 173 -5.10 -15.01 5.75
C GLU C 173 -4.17 -15.77 4.82
N LEU C 174 -4.65 -16.80 4.13
CA LEU C 174 -3.78 -17.53 3.23
C LEU C 174 -4.51 -17.99 1.98
N ALA C 175 -5.59 -18.76 2.15
CA ALA C 175 -6.13 -19.46 0.98
C ALA C 175 -6.65 -18.50 -0.07
N GLY C 176 -7.28 -17.41 0.34
CA GLY C 176 -7.73 -16.34 -0.52
C GLY C 176 -6.61 -15.48 -1.09
N PRO C 177 -5.79 -14.89 -0.22
CA PRO C 177 -4.83 -13.86 -0.71
C PRO C 177 -3.69 -14.41 -1.54
N LEU C 178 -3.32 -15.71 -1.41
CA LEU C 178 -2.22 -16.22 -2.24
C LEU C 178 -2.63 -16.29 -3.71
N PRO C 179 -3.68 -17.04 -4.09
CA PRO C 179 -4.06 -17.06 -5.51
C PRO C 179 -4.48 -15.69 -6.02
N LEU C 180 -5.11 -14.88 -5.17
CA LEU C 180 -5.51 -13.53 -5.57
C LEU C 180 -4.29 -12.74 -6.06
N GLN C 181 -3.22 -12.68 -5.26
N GLN C 181 -3.23 -12.68 -5.24
CA GLN C 181 -2.11 -11.85 -5.71
CA GLN C 181 -2.06 -11.89 -5.66
C GLN C 181 -1.49 -12.41 -6.98
C GLN C 181 -1.50 -12.41 -6.97
N ILE C 182 -1.40 -13.73 -7.09
CA ILE C 182 -0.76 -14.31 -8.27
C ILE C 182 -1.51 -13.95 -9.55
N ILE C 183 -2.82 -14.18 -9.58
CA ILE C 183 -3.54 -13.88 -10.83
C ILE C 183 -3.60 -12.38 -11.07
N CYS C 184 -3.77 -11.57 -10.00
CA CYS C 184 -3.86 -10.13 -10.24
C CYS C 184 -2.55 -9.57 -10.76
N ASP C 185 -1.41 -10.07 -10.26
CA ASP C 185 -0.13 -9.61 -10.80
C ASP C 185 0.05 -10.08 -12.24
N MET C 186 -0.40 -11.31 -12.55
CA MET C 186 -0.32 -11.76 -13.95
C MET C 186 -1.12 -10.83 -14.87
N MET C 187 -2.28 -10.36 -14.41
CA MET C 187 -3.11 -9.45 -15.18
C MET C 187 -2.48 -8.07 -15.29
N GLY C 188 -1.61 -7.72 -14.35
CA GLY C 188 -1.06 -6.37 -14.29
C GLY C 188 -1.86 -5.43 -13.42
N ILE C 189 -2.74 -5.94 -12.56
CA ILE C 189 -3.51 -5.09 -11.66
C ILE C 189 -2.60 -4.59 -10.54
N PRO C 190 -2.57 -3.29 -10.24
CA PRO C 190 -1.70 -2.81 -9.16
C PRO C 190 -2.15 -3.40 -7.82
N LYS C 191 -1.17 -3.69 -6.96
N LYS C 191 -1.17 -3.68 -6.95
N LYS C 191 -1.17 -3.69 -6.96
CA LYS C 191 -1.43 -4.31 -5.66
CA LYS C 191 -1.46 -4.33 -5.67
CA LYS C 191 -1.44 -4.32 -5.66
C LYS C 191 -2.49 -3.57 -4.86
C LYS C 191 -2.51 -3.57 -4.86
C LYS C 191 -2.52 -3.57 -4.87
N ALA C 192 -2.55 -2.24 -4.97
CA ALA C 192 -3.51 -1.47 -4.19
C ALA C 192 -4.95 -1.83 -4.52
N ASP C 193 -5.21 -2.41 -5.69
CA ASP C 193 -6.56 -2.76 -6.10
C ASP C 193 -6.91 -4.24 -5.93
N HIS C 194 -6.00 -5.08 -5.42
CA HIS C 194 -6.31 -6.52 -5.44
C HIS C 194 -7.50 -6.85 -4.55
N GLN C 195 -7.60 -6.21 -3.37
CA GLN C 195 -8.74 -6.54 -2.51
C GLN C 195 -10.06 -6.08 -3.12
N ARG C 196 -10.06 -4.96 -3.87
N ARG C 196 -10.08 -4.98 -3.88
CA ARG C 196 -11.25 -4.55 -4.60
CA ARG C 196 -11.33 -4.61 -4.54
C ARG C 196 -11.67 -5.63 -5.58
C ARG C 196 -11.69 -5.62 -5.62
N ILE C 197 -10.69 -6.15 -6.34
CA ILE C 197 -10.95 -7.23 -7.30
C ILE C 197 -11.54 -8.42 -6.56
N PHE C 198 -10.94 -8.77 -5.42
CA PHE C 198 -11.39 -9.95 -4.67
C PHE C 198 -12.83 -9.79 -4.17
N HIS C 199 -13.17 -8.60 -3.67
CA HIS C 199 -14.56 -8.38 -3.27
C HIS C 199 -15.50 -8.58 -4.45
N TRP C 200 -15.12 -8.03 -5.62
CA TRP C 200 -15.97 -8.22 -6.80
C TRP C 200 -16.11 -9.69 -7.18
N THR C 201 -15.01 -10.46 -7.23
CA THR C 201 -15.16 -11.85 -7.67
C THR C 201 -15.86 -12.68 -6.61
N ASN C 202 -15.73 -12.31 -5.32
CA ASN C 202 -16.47 -13.01 -4.27
C ASN C 202 -17.97 -12.85 -4.46
N VAL C 203 -18.39 -11.64 -4.82
CA VAL C 203 -19.82 -11.45 -5.06
C VAL C 203 -20.24 -12.16 -6.35
N ILE C 204 -19.42 -12.08 -7.39
CA ILE C 204 -19.83 -12.64 -8.68
C ILE C 204 -20.12 -14.13 -8.54
N LEU C 205 -19.29 -14.85 -7.76
CA LEU C 205 -19.50 -16.28 -7.56
C LEU C 205 -20.02 -16.57 -6.17
N GLY C 206 -20.70 -15.61 -5.53
CA GLY C 206 -21.30 -15.86 -4.22
C GLY C 206 -22.77 -15.50 -4.19
N PHE C 207 -23.36 -15.27 -5.37
CA PHE C 207 -24.70 -14.70 -5.41
C PHE C 207 -25.72 -15.73 -4.96
N GLY C 208 -26.59 -15.33 -4.05
CA GLY C 208 -27.51 -16.25 -3.43
C GLY C 208 -27.15 -16.59 -2.00
N ASP C 209 -25.90 -16.41 -1.60
CA ASP C 209 -25.53 -16.59 -0.21
C ASP C 209 -25.67 -15.23 0.49
N PRO C 210 -26.52 -15.11 1.51
CA PRO C 210 -26.71 -13.80 2.18
C PRO C 210 -25.44 -13.21 2.76
N ASP C 211 -24.41 -14.02 3.01
CA ASP C 211 -23.15 -13.46 3.47
C ASP C 211 -22.42 -12.72 2.36
N LEU C 212 -22.77 -12.98 1.10
CA LEU C 212 -22.09 -12.39 -0.04
C LEU C 212 -22.99 -11.35 -0.72
N ALA C 213 -24.07 -11.80 -1.36
CA ALA C 213 -25.03 -10.89 -1.97
C ALA C 213 -26.28 -11.67 -2.36
N THR C 214 -27.45 -11.05 -2.18
CA THR C 214 -28.70 -11.64 -2.62
C THR C 214 -29.54 -10.66 -3.42
N ASP C 215 -29.12 -9.40 -3.53
CA ASP C 215 -29.86 -8.36 -4.23
C ASP C 215 -29.28 -8.29 -5.64
N PHE C 216 -30.10 -8.59 -6.63
CA PHE C 216 -29.60 -8.61 -8.02
C PHE C 216 -29.08 -7.24 -8.44
N ASP C 217 -29.64 -6.14 -7.92
CA ASP C 217 -29.13 -4.83 -8.29
C ASP C 217 -27.68 -4.67 -7.87
N GLU C 218 -27.35 -5.15 -6.66
CA GLU C 218 -25.97 -5.11 -6.18
C GLU C 218 -25.09 -5.99 -7.05
N PHE C 219 -25.61 -7.15 -7.48
CA PHE C 219 -24.82 -7.99 -8.38
C PHE C 219 -24.51 -7.26 -9.69
N MET C 220 -25.51 -6.57 -10.23
CA MET C 220 -25.31 -5.89 -11.50
C MET C 220 -24.37 -4.70 -11.33
N GLN C 221 -24.38 -4.07 -10.15
CA GLN C 221 -23.45 -2.98 -9.91
C GLN C 221 -22.02 -3.50 -9.77
N VAL C 222 -21.83 -4.63 -9.09
CA VAL C 222 -20.51 -5.26 -9.02
C VAL C 222 -20.01 -5.60 -10.41
N SER C 223 -20.83 -6.27 -11.20
CA SER C 223 -20.47 -6.62 -12.57
C SER C 223 -20.05 -5.39 -13.37
N ALA C 224 -20.87 -4.34 -13.32
CA ALA C 224 -20.54 -3.12 -14.05
C ALA C 224 -19.24 -2.51 -13.53
N ASP C 225 -19.03 -2.54 -12.22
CA ASP C 225 -17.84 -1.91 -11.65
C ASP C 225 -16.57 -2.65 -12.06
N ILE C 226 -16.59 -3.98 -12.05
CA ILE C 226 -15.36 -4.66 -12.40
C ILE C 226 -15.14 -4.58 -13.92
N GLY C 227 -16.22 -4.53 -14.71
CA GLY C 227 -16.04 -4.28 -16.13
C GLY C 227 -15.43 -2.92 -16.41
N ALA C 228 -15.85 -1.88 -15.66
CA ALA C 228 -15.27 -0.56 -15.89
C ALA C 228 -13.82 -0.54 -15.44
N TYR C 229 -13.49 -1.26 -14.37
CA TYR C 229 -12.12 -1.37 -13.92
C TYR C 229 -11.25 -1.98 -15.01
N ALA C 230 -11.71 -3.12 -15.58
CA ALA C 230 -11.00 -3.76 -16.68
C ALA C 230 -10.79 -2.80 -17.84
N THR C 231 -11.83 -2.08 -18.23
CA THR C 231 -11.70 -1.19 -19.38
C THR C 231 -10.70 -0.07 -19.10
N ALA C 232 -10.70 0.46 -17.87
CA ALA C 232 -9.76 1.52 -17.52
C ALA C 232 -8.32 1.02 -17.55
N LEU C 233 -8.08 -0.18 -17.01
CA LEU C 233 -6.73 -0.74 -17.05
C LEU C 233 -6.32 -1.03 -18.48
N ALA C 234 -7.24 -1.57 -19.29
CA ALA C 234 -6.97 -1.75 -20.71
C ALA C 234 -6.59 -0.45 -21.40
N GLU C 235 -7.29 0.66 -21.12
CA GLU C 235 -6.91 1.93 -21.72
C GLU C 235 -5.50 2.33 -21.30
N ASP C 236 -5.17 2.14 -20.01
N ASP C 236 -5.15 2.10 -20.04
CA ASP C 236 -3.81 2.36 -19.52
CA ASP C 236 -3.78 2.45 -19.65
C ASP C 236 -2.81 1.61 -20.39
C ASP C 236 -2.75 1.61 -20.39
N ARG C 237 -3.04 0.31 -20.60
CA ARG C 237 -2.08 -0.51 -21.33
C ARG C 237 -2.05 -0.16 -22.81
N ARG C 238 -3.15 0.36 -23.38
CA ARG C 238 -3.11 0.82 -24.76
C ARG C 238 -2.11 1.93 -24.92
N VAL C 239 -1.96 2.78 -23.90
CA VAL C 239 -0.94 3.79 -24.09
C VAL C 239 0.43 3.32 -23.60
N ASN C 240 0.52 2.63 -22.47
CA ASN C 240 1.80 2.21 -21.91
C ASN C 240 1.78 0.69 -21.74
N HIS C 241 2.47 -0.01 -22.65
CA HIS C 241 2.59 -1.46 -22.57
C HIS C 241 3.30 -1.91 -21.30
N HIS C 242 2.80 -2.97 -20.67
CA HIS C 242 3.52 -3.72 -19.65
C HIS C 242 3.54 -5.19 -20.03
N ASP C 243 4.44 -5.98 -19.44
N ASP C 243 4.51 -5.94 -19.47
CA ASP C 243 4.48 -7.42 -19.77
CA ASP C 243 4.49 -7.40 -19.62
C ASP C 243 3.49 -8.21 -18.90
C ASP C 243 3.44 -7.96 -18.67
N ASP C 244 2.19 -7.94 -19.14
CA ASP C 244 1.09 -8.49 -18.35
C ASP C 244 -0.02 -8.91 -19.29
N LEU C 245 -0.96 -9.67 -18.76
CA LEU C 245 -2.00 -10.22 -19.62
C LEU C 245 -2.95 -9.16 -20.14
N THR C 246 -3.17 -8.07 -19.40
CA THR C 246 -4.04 -7.02 -19.93
C THR C 246 -3.42 -6.40 -21.17
N SER C 247 -2.10 -6.17 -21.17
CA SER C 247 -1.48 -5.68 -22.39
C SER C 247 -1.61 -6.69 -23.53
N SER C 248 -1.44 -7.98 -23.23
N SER C 248 -1.46 -7.98 -23.22
CA SER C 248 -1.67 -8.97 -24.27
CA SER C 248 -1.67 -8.99 -24.26
C SER C 248 -3.07 -8.84 -24.87
C SER C 248 -3.07 -8.87 -24.86
N LEU C 249 -4.08 -8.65 -24.01
CA LEU C 249 -5.45 -8.55 -24.51
C LEU C 249 -5.64 -7.34 -25.40
N VAL C 250 -5.08 -6.19 -25.03
CA VAL C 250 -5.31 -5.00 -25.86
C VAL C 250 -4.50 -5.04 -27.14
N GLU C 251 -3.37 -5.76 -27.14
CA GLU C 251 -2.48 -5.84 -28.28
C GLU C 251 -2.87 -6.93 -29.29
N ALA C 252 -3.74 -7.86 -28.89
CA ALA C 252 -4.06 -8.99 -29.75
C ALA C 252 -4.87 -8.60 -30.98
N GLU C 253 -4.65 -9.33 -32.06
CA GLU C 253 -5.50 -9.26 -33.24
C GLU C 253 -5.92 -10.66 -33.61
N VAL C 254 -7.21 -10.85 -33.85
CA VAL C 254 -7.70 -12.12 -34.39
C VAL C 254 -8.12 -11.85 -35.82
N ASP C 255 -7.34 -12.39 -36.77
CA ASP C 255 -7.55 -12.16 -38.18
C ASP C 255 -7.71 -10.66 -38.46
N GLY C 256 -6.77 -9.89 -37.89
CA GLY C 256 -6.69 -8.48 -38.18
C GLY C 256 -7.69 -7.61 -37.46
N GLU C 257 -8.40 -8.16 -36.47
CA GLU C 257 -9.42 -7.45 -35.73
C GLU C 257 -9.00 -7.41 -34.26
N ARG C 258 -8.97 -6.21 -33.68
CA ARG C 258 -8.74 -6.12 -32.24
C ARG C 258 -9.94 -6.68 -31.49
N LEU C 259 -9.70 -7.11 -30.25
CA LEU C 259 -10.82 -7.41 -29.37
C LEU C 259 -11.62 -6.14 -29.09
N SER C 260 -12.93 -6.29 -29.00
CA SER C 260 -13.82 -5.21 -28.62
C SER C 260 -13.69 -4.96 -27.12
N SER C 261 -14.23 -3.84 -26.66
N SER C 261 -14.23 -3.82 -26.67
CA SER C 261 -14.12 -3.53 -25.24
CA SER C 261 -14.16 -3.50 -25.25
C SER C 261 -14.89 -4.54 -24.40
C SER C 261 -14.87 -4.55 -24.42
N ARG C 262 -16.04 -5.03 -24.88
N ARG C 262 -16.03 -5.02 -24.88
CA ARG C 262 -16.72 -6.05 -24.09
CA ARG C 262 -16.72 -6.05 -24.09
C ARG C 262 -15.97 -7.37 -24.12
C ARG C 262 -15.95 -7.37 -24.11
N GLU C 263 -15.28 -7.69 -25.23
CA GLU C 263 -14.45 -8.90 -25.25
C GLU C 263 -13.29 -8.80 -24.27
N ILE C 264 -12.63 -7.64 -24.23
CA ILE C 264 -11.52 -7.47 -23.30
C ILE C 264 -12.02 -7.53 -21.86
N ALA C 265 -13.12 -6.82 -21.56
CA ALA C 265 -13.65 -6.86 -20.19
C ALA C 265 -14.10 -8.26 -19.77
N SER C 266 -14.80 -9.00 -20.65
N SER C 266 -14.80 -8.99 -20.64
CA SER C 266 -15.22 -10.33 -20.25
CA SER C 266 -15.22 -10.34 -20.25
C SER C 266 -14.05 -11.29 -20.12
C SER C 266 -14.03 -11.29 -20.10
N PHE C 267 -12.98 -11.11 -20.92
CA PHE C 267 -11.78 -11.95 -20.77
C PHE C 267 -11.11 -11.66 -19.42
N PHE C 268 -10.92 -10.37 -19.12
CA PHE C 268 -10.34 -9.95 -17.84
C PHE C 268 -11.12 -10.55 -16.69
N ILE C 269 -12.43 -10.40 -16.73
CA ILE C 269 -13.29 -10.89 -15.65
C ILE C 269 -13.19 -12.40 -15.53
N LEU C 270 -13.17 -13.11 -16.66
CA LEU C 270 -13.07 -14.57 -16.60
C LEU C 270 -11.79 -14.99 -15.89
N LEU C 271 -10.68 -14.32 -16.20
CA LEU C 271 -9.40 -14.75 -15.65
C LEU C 271 -9.33 -14.45 -14.15
N VAL C 272 -9.78 -13.27 -13.70
CA VAL C 272 -9.66 -13.03 -12.25
C VAL C 272 -10.73 -13.80 -11.47
N VAL C 273 -11.90 -14.02 -12.04
CA VAL C 273 -12.90 -14.80 -11.32
C VAL C 273 -12.42 -16.23 -11.15
N ALA C 274 -11.96 -16.85 -12.24
CA ALA C 274 -11.47 -18.23 -12.15
C ALA C 274 -10.25 -18.32 -11.24
N GLY C 275 -9.35 -17.33 -11.30
CA GLY C 275 -8.13 -17.39 -10.51
C GLY C 275 -8.40 -17.20 -9.03
N ASN C 276 -9.47 -16.48 -8.69
CA ASN C 276 -9.76 -16.07 -7.30
C ASN C 276 -10.72 -16.99 -6.57
N GLU C 277 -11.49 -17.81 -7.27
CA GLU C 277 -12.64 -18.47 -6.66
C GLU C 277 -12.57 -19.99 -6.82
N THR C 278 -11.35 -20.54 -6.97
CA THR C 278 -11.17 -21.96 -7.21
C THR C 278 -10.09 -22.49 -6.28
N THR C 279 -8.84 -22.10 -6.52
CA THR C 279 -7.71 -22.62 -5.77
C THR C 279 -7.92 -22.39 -4.28
N ARG C 280 -8.49 -21.24 -3.90
CA ARG C 280 -8.66 -20.98 -2.48
C ARG C 280 -9.52 -22.06 -1.82
N ASN C 281 -10.48 -22.62 -2.56
CA ASN C 281 -11.28 -23.69 -1.98
C ASN C 281 -10.56 -25.02 -2.01
N ALA C 282 -9.69 -25.28 -2.99
CA ALA C 282 -8.88 -26.49 -2.89
C ALA C 282 -7.99 -26.44 -1.66
N ILE C 283 -7.34 -25.30 -1.44
CA ILE C 283 -6.49 -25.16 -0.26
C ILE C 283 -7.30 -25.34 1.02
N THR C 284 -8.46 -24.66 1.12
CA THR C 284 -9.19 -24.71 2.40
C THR C 284 -9.76 -26.09 2.65
N HIS C 285 -10.33 -26.72 1.62
CA HIS C 285 -10.78 -28.11 1.82
C HIS C 285 -9.62 -29.02 2.16
N GLY C 286 -8.45 -28.76 1.58
CA GLY C 286 -7.29 -29.58 1.90
C GLY C 286 -6.90 -29.48 3.36
N VAL C 287 -6.90 -28.28 3.93
CA VAL C 287 -6.56 -28.15 5.35
C VAL C 287 -7.65 -28.79 6.21
N LEU C 288 -8.92 -28.65 5.81
CA LEU C 288 -10.00 -29.36 6.48
C LEU C 288 -9.75 -30.86 6.45
N ALA C 289 -9.31 -31.38 5.31
CA ALA C 289 -9.09 -32.81 5.22
C ALA C 289 -7.92 -33.24 6.09
N LEU C 290 -6.82 -32.50 6.04
N LEU C 290 -6.82 -32.50 6.04
CA LEU C 290 -5.70 -32.83 6.92
CA LEU C 290 -5.69 -32.81 6.93
C LEU C 290 -6.12 -32.81 8.39
C LEU C 290 -6.11 -32.79 8.39
N SER C 291 -7.04 -31.89 8.74
CA SER C 291 -7.51 -31.78 10.12
C SER C 291 -8.34 -33.00 10.49
N ARG C 292 -9.12 -33.50 9.51
CA ARG C 292 -9.96 -34.67 9.76
C ARG C 292 -9.20 -35.99 9.67
N TYR C 293 -8.11 -36.03 8.90
CA TYR C 293 -7.36 -37.28 8.64
C TYR C 293 -5.89 -37.09 8.97
N PRO C 294 -5.54 -36.99 10.26
CA PRO C 294 -4.16 -36.66 10.63
C PRO C 294 -3.11 -37.65 10.11
N GLU C 295 -3.48 -38.93 9.88
N GLU C 295 -3.49 -38.91 9.87
CA GLU C 295 -2.53 -39.87 9.30
CA GLU C 295 -2.55 -39.86 9.30
C GLU C 295 -2.06 -39.41 7.91
C GLU C 295 -2.06 -39.40 7.92
N GLN C 296 -2.94 -38.76 7.14
CA GLN C 296 -2.54 -38.27 5.83
C GLN C 296 -1.60 -37.08 5.95
N ARG C 297 -1.89 -36.17 6.91
CA ARG C 297 -0.94 -35.10 7.20
C ARG C 297 0.42 -35.69 7.52
N ASP C 298 0.44 -36.69 8.41
CA ASP C 298 1.71 -37.24 8.88
C ASP C 298 2.50 -37.83 7.73
N ARG C 299 1.83 -38.62 6.88
N ARG C 299 1.83 -38.61 6.88
CA ARG C 299 2.50 -39.22 5.74
CA ARG C 299 2.49 -39.22 5.72
C ARG C 299 3.05 -38.15 4.79
C ARG C 299 3.04 -38.17 4.77
N TRP C 300 2.25 -37.12 4.49
CA TRP C 300 2.75 -36.11 3.57
C TRP C 300 3.92 -35.36 4.19
N TRP C 301 3.81 -34.99 5.46
CA TRP C 301 4.89 -34.24 6.07
C TRP C 301 6.16 -35.07 6.17
N SER C 302 6.04 -36.40 6.21
N SER C 302 6.05 -36.39 6.20
CA SER C 302 7.25 -37.22 6.30
CA SER C 302 7.26 -37.23 6.30
C SER C 302 8.01 -37.25 4.99
C SER C 302 7.92 -37.49 4.95
N ASP C 303 7.33 -37.04 3.86
CA ASP C 303 8.00 -37.06 2.56
C ASP C 303 7.31 -36.04 1.66
N PHE C 304 7.52 -34.74 1.93
CA PHE C 304 6.69 -33.73 1.26
C PHE C 304 6.89 -33.75 -0.26
N ASP C 305 8.15 -33.66 -0.72
CA ASP C 305 8.38 -33.58 -2.15
C ASP C 305 8.00 -34.88 -2.84
N GLY C 306 8.18 -36.01 -2.14
CA GLY C 306 7.84 -37.29 -2.74
C GLY C 306 6.35 -37.42 -2.99
N LEU C 307 5.54 -37.05 -2.00
N LEU C 307 5.54 -37.04 -2.01
CA LEU C 307 4.10 -37.20 -2.10
CA LEU C 307 4.09 -37.18 -2.08
C LEU C 307 3.39 -35.99 -2.73
C LEU C 307 3.39 -35.99 -2.72
N ALA C 308 4.08 -34.86 -2.91
CA ALA C 308 3.36 -33.65 -3.34
C ALA C 308 2.60 -33.81 -4.65
N PRO C 309 3.13 -34.42 -5.70
CA PRO C 309 2.31 -34.53 -6.95
C PRO C 309 0.97 -35.22 -6.72
N THR C 310 1.01 -36.38 -6.04
CA THR C 310 -0.23 -37.10 -5.82
C THR C 310 -1.08 -36.41 -4.78
N ALA C 311 -0.45 -35.80 -3.77
CA ALA C 311 -1.24 -35.12 -2.74
C ALA C 311 -2.07 -33.99 -3.36
N VAL C 312 -1.44 -33.18 -4.19
CA VAL C 312 -2.14 -32.07 -4.84
C VAL C 312 -3.32 -32.59 -5.64
N GLU C 313 -3.09 -33.66 -6.43
CA GLU C 313 -4.21 -34.20 -7.21
C GLU C 313 -5.35 -34.69 -6.32
N GLU C 314 -5.01 -35.35 -5.21
CA GLU C 314 -6.07 -35.86 -4.35
C GLU C 314 -6.81 -34.73 -3.67
N ILE C 315 -6.12 -33.66 -3.31
CA ILE C 315 -6.82 -32.49 -2.76
C ILE C 315 -7.84 -31.97 -3.76
N VAL C 316 -7.48 -31.96 -5.05
CA VAL C 316 -8.45 -31.46 -6.03
C VAL C 316 -9.59 -32.46 -6.22
N ARG C 317 -9.29 -33.77 -6.26
CA ARG C 317 -10.39 -34.73 -6.39
C ARG C 317 -11.32 -34.62 -5.20
N TRP C 318 -10.74 -34.51 -4.01
CA TRP C 318 -11.54 -34.49 -2.79
C TRP C 318 -12.40 -33.22 -2.72
N ALA C 319 -11.79 -32.06 -2.97
CA ALA C 319 -12.46 -30.77 -2.85
C ALA C 319 -13.48 -30.54 -3.97
N SER C 320 -13.21 -31.03 -5.18
CA SER C 320 -13.91 -30.68 -6.42
C SER C 320 -14.43 -29.25 -6.39
N PRO C 321 -13.52 -28.28 -6.38
CA PRO C 321 -13.90 -26.89 -6.17
C PRO C 321 -14.96 -26.37 -7.10
N VAL C 322 -14.98 -26.83 -8.35
CA VAL C 322 -16.06 -26.51 -9.27
C VAL C 322 -16.98 -27.72 -9.30
N VAL C 323 -18.22 -27.52 -8.84
CA VAL C 323 -19.12 -28.63 -8.58
C VAL C 323 -19.61 -29.25 -9.88
N TYR C 324 -19.91 -28.39 -10.85
CA TYR C 324 -20.42 -28.85 -12.15
C TYR C 324 -20.14 -27.78 -13.19
N MET C 325 -20.31 -28.19 -14.46
CA MET C 325 -20.48 -27.22 -15.55
C MET C 325 -21.65 -27.64 -16.41
N ARG C 326 -22.31 -26.66 -17.03
N ARG C 326 -22.29 -26.68 -17.05
CA ARG C 326 -23.43 -26.95 -17.92
CA ARG C 326 -23.44 -27.02 -17.88
C ARG C 326 -23.00 -26.98 -19.38
C ARG C 326 -23.08 -26.92 -19.36
N ARG C 327 -23.75 -27.74 -20.16
CA ARG C 327 -23.64 -27.74 -21.60
C ARG C 327 -25.05 -27.69 -22.16
N THR C 328 -25.17 -27.54 -23.48
CA THR C 328 -26.47 -27.46 -24.13
C THR C 328 -26.42 -28.31 -25.39
N LEU C 329 -27.38 -29.23 -25.52
CA LEU C 329 -27.30 -30.22 -26.60
C LEU C 329 -27.61 -29.56 -27.94
N THR C 330 -26.83 -29.92 -28.96
CA THR C 330 -27.09 -29.45 -30.32
C THR C 330 -27.91 -30.45 -31.12
N GLN C 331 -28.13 -31.65 -30.59
CA GLN C 331 -28.84 -32.72 -31.29
C GLN C 331 -29.37 -33.69 -30.24
N ASP C 332 -30.36 -34.48 -30.61
CA ASP C 332 -30.82 -35.55 -29.72
C ASP C 332 -29.70 -36.54 -29.45
N ILE C 333 -29.66 -37.06 -28.23
N ILE C 333 -29.66 -37.05 -28.23
CA ILE C 333 -28.70 -38.13 -27.92
CA ILE C 333 -28.72 -38.12 -27.90
C ILE C 333 -29.25 -38.97 -26.78
C ILE C 333 -29.37 -39.01 -26.86
N GLU C 334 -28.98 -40.28 -26.85
CA GLU C 334 -29.40 -41.19 -25.82
C GLU C 334 -28.15 -41.68 -25.09
N LEU C 335 -28.16 -41.58 -23.76
CA LEU C 335 -27.05 -42.08 -22.93
C LEU C 335 -27.62 -42.92 -21.82
N ARG C 336 -27.07 -44.11 -21.61
CA ARG C 336 -27.50 -44.92 -20.49
C ARG C 336 -29.00 -45.16 -20.52
N GLY C 337 -29.57 -45.28 -21.72
CA GLY C 337 -31.00 -45.54 -21.85
C GLY C 337 -31.88 -44.31 -21.75
N THR C 338 -31.30 -43.13 -21.57
CA THR C 338 -32.05 -41.90 -21.37
C THR C 338 -31.95 -41.01 -22.60
N LYS C 339 -33.09 -40.78 -23.25
CA LYS C 339 -33.14 -39.92 -24.42
C LYS C 339 -33.22 -38.48 -23.98
N MET C 340 -32.32 -37.65 -24.50
CA MET C 340 -32.22 -36.23 -24.22
C MET C 340 -32.37 -35.51 -25.55
N ALA C 341 -33.08 -34.39 -25.54
CA ALA C 341 -33.47 -33.73 -26.77
C ALA C 341 -32.55 -32.57 -27.13
N ALA C 342 -32.41 -32.33 -28.44
CA ALA C 342 -31.73 -31.14 -28.94
C ALA C 342 -32.26 -29.90 -28.23
N GLY C 343 -31.33 -29.07 -27.74
CA GLY C 343 -31.68 -27.87 -27.02
C GLY C 343 -31.77 -28.06 -25.51
N ASP C 344 -31.84 -29.29 -25.01
CA ASP C 344 -31.84 -29.53 -23.56
C ASP C 344 -30.52 -29.14 -22.90
N LYS C 345 -30.62 -28.62 -21.66
CA LYS C 345 -29.46 -28.39 -20.82
C LYS C 345 -28.98 -29.71 -20.22
N VAL C 346 -27.68 -29.81 -20.01
CA VAL C 346 -27.03 -30.99 -19.44
C VAL C 346 -26.01 -30.51 -18.40
N SER C 347 -26.07 -31.07 -17.19
CA SER C 347 -25.11 -30.65 -16.17
C SER C 347 -24.12 -31.78 -15.92
N LEU C 348 -22.84 -31.43 -15.86
N LEU C 348 -22.86 -31.40 -15.81
CA LEU C 348 -21.75 -32.37 -15.68
CA LEU C 348 -21.72 -32.31 -15.69
C LEU C 348 -21.27 -32.21 -14.25
C LEU C 348 -21.23 -32.21 -14.24
N TRP C 349 -21.56 -33.21 -13.40
CA TRP C 349 -21.35 -33.11 -11.94
C TRP C 349 -19.99 -33.69 -11.61
N TYR C 350 -18.97 -32.83 -11.70
CA TYR C 350 -17.62 -33.24 -11.34
C TYR C 350 -17.56 -33.77 -9.93
N CYS C 351 -18.34 -33.18 -9.00
N CYS C 351 -18.31 -33.18 -8.99
CA CYS C 351 -18.32 -33.67 -7.63
CA CYS C 351 -18.26 -33.72 -7.63
C CYS C 351 -18.73 -35.13 -7.53
C CYS C 351 -18.63 -35.18 -7.59
N SER C 352 -19.55 -35.60 -8.46
CA SER C 352 -20.04 -36.96 -8.46
C SER C 352 -19.11 -37.88 -9.25
N ALA C 353 -18.65 -37.39 -10.40
CA ALA C 353 -17.66 -38.15 -11.15
C ALA C 353 -16.47 -38.49 -10.26
N ASN C 354 -16.12 -37.57 -9.35
CA ASN C 354 -14.93 -37.75 -8.51
C ASN C 354 -15.18 -38.65 -7.31
N ARG C 355 -16.36 -39.28 -7.26
CA ARG C 355 -16.65 -40.36 -6.31
C ARG C 355 -17.20 -41.60 -7.01
N ASP C 356 -17.05 -41.70 -8.33
CA ASP C 356 -17.75 -42.74 -9.06
C ASP C 356 -17.06 -44.08 -8.78
N GLU C 357 -17.82 -45.01 -8.21
CA GLU C 357 -17.34 -46.32 -7.79
C GLU C 357 -16.93 -47.18 -8.99
N SER C 358 -17.38 -46.81 -10.19
CA SER C 358 -16.97 -47.52 -11.38
C SER C 358 -15.55 -47.16 -11.78
N LYS C 359 -15.08 -46.00 -11.34
CA LYS C 359 -13.79 -45.46 -11.73
C LYS C 359 -12.74 -45.46 -10.61
N PHE C 360 -13.13 -45.08 -9.38
CA PHE C 360 -12.19 -44.87 -8.30
C PHE C 360 -12.33 -45.99 -7.28
N ALA C 361 -11.21 -46.64 -6.95
CA ALA C 361 -11.20 -47.51 -5.79
C ALA C 361 -11.29 -46.67 -4.53
N ASP C 362 -11.95 -47.20 -3.52
CA ASP C 362 -12.02 -46.53 -2.21
C ASP C 362 -12.32 -45.04 -2.41
N PRO C 363 -13.41 -44.70 -3.10
CA PRO C 363 -13.65 -43.28 -3.42
C PRO C 363 -13.80 -42.40 -2.19
N TRP C 364 -14.19 -42.97 -1.06
CA TRP C 364 -14.43 -42.19 0.17
C TRP C 364 -13.18 -42.09 1.00
N THR C 365 -12.05 -42.57 0.47
CA THR C 365 -10.77 -42.48 1.13
C THR C 365 -10.00 -41.28 0.58
N PHE C 366 -9.59 -40.39 1.49
CA PHE C 366 -8.71 -39.27 1.18
C PHE C 366 -7.29 -39.84 1.24
N ASP C 367 -6.69 -40.12 0.06
CA ASP C 367 -5.48 -40.94 -0.04
C ASP C 367 -4.43 -40.10 -0.75
N LEU C 368 -3.54 -39.44 -0.01
CA LEU C 368 -2.62 -38.53 -0.67
C LEU C 368 -1.58 -39.26 -1.53
N ALA C 369 -1.52 -40.59 -1.48
CA ALA C 369 -0.66 -41.36 -2.36
C ALA C 369 -1.41 -41.92 -3.56
N ARG C 370 -2.70 -41.53 -3.74
CA ARG C 370 -3.53 -42.12 -4.79
C ARG C 370 -2.87 -41.90 -6.13
N ASN C 371 -2.63 -42.99 -6.86
N ASN C 371 -2.63 -42.99 -6.86
CA ASN C 371 -1.93 -42.87 -8.13
CA ASN C 371 -1.92 -42.89 -8.13
C ASN C 371 -2.17 -44.13 -8.95
C ASN C 371 -2.17 -44.14 -8.95
N PRO C 372 -2.76 -44.00 -10.15
CA PRO C 372 -3.20 -42.79 -10.84
C PRO C 372 -4.41 -42.19 -10.20
N ASN C 373 -4.74 -40.97 -10.63
CA ASN C 373 -5.88 -40.23 -10.10
C ASN C 373 -6.44 -39.35 -11.21
N PRO C 374 -7.13 -39.91 -12.13
CA PRO C 374 -7.62 -39.19 -13.31
C PRO C 374 -8.90 -38.42 -13.00
N HIS C 375 -8.86 -37.64 -11.93
CA HIS C 375 -10.07 -36.96 -11.50
C HIS C 375 -10.51 -35.88 -12.49
N LEU C 376 -11.79 -35.51 -12.40
CA LEU C 376 -12.39 -34.48 -13.25
C LEU C 376 -12.52 -33.14 -12.54
N GLY C 377 -11.65 -32.87 -11.56
CA GLY C 377 -11.74 -31.61 -10.84
C GLY C 377 -11.45 -30.39 -11.71
N PHE C 378 -10.58 -30.55 -12.70
CA PHE C 378 -10.34 -29.52 -13.69
C PHE C 378 -11.22 -29.71 -14.94
N GLY C 379 -12.34 -30.42 -14.77
CA GLY C 379 -13.25 -30.78 -15.85
C GLY C 379 -12.88 -32.12 -16.45
N GLY C 380 -13.63 -32.48 -17.47
CA GLY C 380 -13.45 -33.75 -18.15
C GLY C 380 -12.40 -33.78 -19.23
N GLY C 381 -11.65 -32.70 -19.39
CA GLY C 381 -10.66 -32.63 -20.44
C GLY C 381 -11.25 -32.10 -21.74
N GLY C 382 -10.38 -31.86 -22.71
CA GLY C 382 -10.85 -31.38 -23.99
C GLY C 382 -10.70 -29.88 -24.19
N ALA C 383 -11.58 -29.32 -25.02
CA ALA C 383 -11.35 -27.98 -25.56
C ALA C 383 -11.25 -26.92 -24.47
N HIS C 384 -12.05 -27.03 -23.39
CA HIS C 384 -12.08 -26.01 -22.34
C HIS C 384 -11.27 -26.42 -21.11
N PHE C 385 -10.40 -27.42 -21.23
CA PHE C 385 -9.65 -27.90 -20.08
C PHE C 385 -9.03 -26.72 -19.33
N CYS C 386 -9.19 -26.73 -18.00
CA CYS C 386 -8.81 -25.60 -17.16
C CYS C 386 -7.50 -24.92 -17.59
N LEU C 387 -7.61 -23.63 -17.98
CA LEU C 387 -6.42 -22.89 -18.41
C LEU C 387 -5.43 -22.73 -17.26
N GLY C 388 -5.94 -22.64 -16.03
CA GLY C 388 -5.07 -22.41 -14.91
C GLY C 388 -4.58 -23.66 -14.19
N ALA C 389 -4.71 -24.88 -14.75
CA ALA C 389 -4.49 -26.07 -13.94
C ALA C 389 -3.06 -26.15 -13.42
N ASN C 390 -2.10 -25.83 -14.27
N ASN C 390 -2.09 -25.87 -14.30
CA ASN C 390 -0.73 -25.98 -13.81
CA ASN C 390 -0.68 -25.94 -13.87
C ASN C 390 -0.36 -24.87 -12.82
C ASN C 390 -0.39 -24.89 -12.80
N LEU C 391 -0.94 -23.68 -12.98
CA LEU C 391 -0.80 -22.64 -11.98
C LEU C 391 -1.45 -23.03 -10.66
N ALA C 392 -2.68 -23.55 -10.71
CA ALA C 392 -3.37 -23.95 -9.48
C ALA C 392 -2.57 -25.02 -8.74
N ARG C 393 -2.02 -25.98 -9.47
CA ARG C 393 -1.22 -27.03 -8.84
C ARG C 393 -0.02 -26.45 -8.11
N ARG C 394 0.66 -25.49 -8.72
CA ARG C 394 1.79 -24.86 -8.02
C ARG C 394 1.32 -24.08 -6.79
N GLU C 395 0.22 -23.32 -6.92
CA GLU C 395 -0.34 -22.60 -5.76
C GLU C 395 -0.63 -23.54 -4.60
N ILE C 396 -1.27 -24.67 -4.89
CA ILE C 396 -1.62 -25.62 -3.82
C ILE C 396 -0.38 -26.18 -3.19
N ARG C 397 0.53 -26.68 -4.03
CA ARG C 397 1.75 -27.29 -3.49
C ARG C 397 2.47 -26.32 -2.57
N VAL C 398 2.63 -25.07 -3.01
CA VAL C 398 3.47 -24.15 -2.24
C VAL C 398 2.75 -23.74 -0.95
N ALA C 399 1.41 -23.60 -1.01
CA ALA C 399 0.68 -23.26 0.21
C ALA C 399 0.89 -24.32 1.29
N PHE C 400 0.72 -25.62 0.91
CA PHE C 400 0.93 -26.67 1.90
C PHE C 400 2.39 -26.80 2.32
N ASP C 401 3.34 -26.53 1.42
N ASP C 401 3.33 -26.54 1.40
CA ASP C 401 4.73 -26.59 1.86
CA ASP C 401 4.74 -26.54 1.76
C ASP C 401 5.06 -25.50 2.86
C ASP C 401 5.05 -25.50 2.83
N GLU C 402 4.52 -24.28 2.67
CA GLU C 402 4.79 -23.24 3.66
C GLU C 402 4.10 -23.54 4.99
N LEU C 403 2.89 -24.11 4.96
CA LEU C 403 2.28 -24.54 6.23
C LEU C 403 3.14 -25.61 6.92
N ARG C 404 3.59 -26.62 6.18
CA ARG C 404 4.47 -27.63 6.73
C ARG C 404 5.74 -27.02 7.34
N ARG C 405 6.37 -26.08 6.62
CA ARG C 405 7.63 -25.53 7.10
C ARG C 405 7.45 -24.66 8.35
N GLN C 406 6.37 -23.90 8.41
CA GLN C 406 6.22 -22.86 9.43
C GLN C 406 5.24 -23.18 10.55
N MET C 407 4.19 -23.95 10.27
CA MET C 407 3.18 -24.32 11.27
C MET C 407 2.65 -25.71 10.98
N PRO C 408 3.50 -26.74 11.12
CA PRO C 408 3.14 -28.08 10.61
C PRO C 408 1.90 -28.67 11.23
N ASP C 409 1.55 -28.29 12.49
CA ASP C 409 0.36 -28.84 13.12
C ASP C 409 -0.89 -27.99 12.94
N VAL C 410 -0.89 -27.03 12.00
CA VAL C 410 -2.07 -26.18 11.78
C VAL C 410 -3.32 -27.06 11.63
N VAL C 411 -4.38 -26.70 12.35
CA VAL C 411 -5.59 -27.53 12.39
C VAL C 411 -6.82 -26.62 12.54
N ALA C 412 -7.92 -26.98 11.89
CA ALA C 412 -9.14 -26.23 11.99
C ALA C 412 -9.70 -26.34 13.40
N THR C 413 -10.28 -25.25 13.90
CA THR C 413 -10.88 -25.24 15.23
C THR C 413 -12.39 -25.07 15.17
N GLU C 414 -12.93 -24.80 13.99
CA GLU C 414 -14.36 -24.64 13.80
C GLU C 414 -14.65 -25.25 12.44
N GLU C 415 -15.81 -25.91 12.32
CA GLU C 415 -16.16 -26.44 11.01
C GLU C 415 -16.31 -25.28 10.01
N PRO C 416 -16.06 -25.52 8.74
CA PRO C 416 -16.17 -24.46 7.74
C PRO C 416 -17.58 -23.87 7.66
N ALA C 417 -17.63 -22.55 7.45
CA ALA C 417 -18.87 -21.89 7.03
C ALA C 417 -18.92 -22.10 5.53
N ARG C 418 -19.87 -22.89 5.07
N ARG C 418 -19.88 -22.88 5.07
CA ARG C 418 -19.89 -23.26 3.66
CA ARG C 418 -19.91 -23.26 3.66
C ARG C 418 -20.67 -22.26 2.81
C ARG C 418 -20.67 -22.25 2.81
N LEU C 419 -20.11 -21.94 1.64
CA LEU C 419 -20.78 -21.05 0.71
C LEU C 419 -22.08 -21.68 0.23
N LEU C 420 -23.17 -20.90 0.21
CA LEU C 420 -24.43 -21.40 -0.32
C LEU C 420 -24.35 -21.29 -1.84
N SER C 421 -23.99 -22.41 -2.48
CA SER C 421 -23.75 -22.41 -3.92
C SER C 421 -23.96 -23.81 -4.48
N GLN C 422 -24.56 -23.86 -5.68
CA GLN C 422 -24.68 -25.10 -6.44
C GLN C 422 -23.48 -25.31 -7.36
N PHE C 423 -22.68 -24.27 -7.59
CA PHE C 423 -21.66 -24.22 -8.65
C PHE C 423 -20.23 -24.32 -8.10
N ILE C 424 -20.00 -23.76 -6.91
CA ILE C 424 -18.66 -23.53 -6.34
C ILE C 424 -18.67 -24.19 -4.96
N HIS C 425 -17.74 -25.11 -4.72
CA HIS C 425 -17.69 -25.82 -3.44
C HIS C 425 -16.96 -24.95 -2.42
N GLY C 426 -17.56 -23.81 -2.11
CA GLY C 426 -16.84 -22.74 -1.43
C GLY C 426 -16.82 -22.89 0.09
N ILE C 427 -15.71 -22.52 0.71
CA ILE C 427 -15.65 -22.34 2.16
C ILE C 427 -15.41 -20.87 2.44
N LYS C 428 -16.31 -20.25 3.21
CA LYS C 428 -16.18 -18.83 3.45
C LYS C 428 -15.13 -18.52 4.52
N THR C 429 -15.09 -19.33 5.57
CA THR C 429 -14.20 -19.14 6.71
C THR C 429 -13.76 -20.52 7.20
N LEU C 430 -12.53 -20.60 7.70
CA LEU C 430 -12.04 -21.82 8.37
C LEU C 430 -11.04 -21.41 9.42
N PRO C 431 -11.51 -21.18 10.66
CA PRO C 431 -10.58 -20.84 11.75
C PRO C 431 -9.62 -21.98 11.99
N VAL C 432 -8.35 -21.64 12.16
CA VAL C 432 -7.32 -22.65 12.44
C VAL C 432 -6.46 -22.15 13.60
N THR C 433 -5.68 -23.08 14.13
CA THR C 433 -4.74 -22.77 15.21
C THR C 433 -3.47 -23.59 14.98
N TRP C 434 -2.38 -23.18 15.62
CA TRP C 434 -1.12 -23.87 15.39
C TRP C 434 -0.29 -23.71 16.65
N SER C 435 0.78 -24.49 16.76
CA SER C 435 1.72 -24.32 17.88
C SER C 435 2.78 -23.30 17.50
N HIS D 5 -14.76 -24.13 71.33
CA HIS D 5 -13.68 -23.30 71.84
C HIS D 5 -13.80 -23.14 73.36
N HIS D 6 -12.65 -23.05 74.03
CA HIS D 6 -12.63 -22.94 75.49
C HIS D 6 -13.06 -21.56 75.99
N HIS D 7 -13.08 -20.55 75.11
CA HIS D 7 -13.50 -19.21 75.52
C HIS D 7 -14.35 -18.65 74.40
N MET D 8 -15.44 -17.99 74.77
CA MET D 8 -16.16 -17.26 73.74
C MET D 8 -15.29 -16.11 73.21
N GLY D 9 -15.58 -15.69 71.99
CA GLY D 9 -14.85 -14.63 71.33
C GLY D 9 -15.53 -14.28 70.03
N LEU D 10 -14.81 -13.53 69.19
N LEU D 10 -14.74 -13.72 69.10
CA LEU D 10 -15.31 -13.31 67.84
CA LEU D 10 -15.31 -13.05 67.92
C LEU D 10 -15.37 -14.63 67.08
C LEU D 10 -15.73 -13.99 66.77
N ASN D 11 -16.11 -14.61 65.97
N ASN D 11 -15.02 -15.10 66.52
CA ASN D 11 -16.29 -15.80 65.15
CA ASN D 11 -15.26 -15.79 65.25
C ASN D 11 -14.95 -16.39 64.77
C ASN D 11 -15.08 -17.30 65.21
N THR D 12 -14.91 -17.72 64.75
N THR D 12 -13.88 -17.74 64.81
CA THR D 12 -13.76 -18.40 64.22
CA THR D 12 -13.49 -19.14 64.64
C THR D 12 -14.22 -19.20 62.99
C THR D 12 -14.01 -19.67 63.31
N ALA D 13 -13.41 -20.18 62.63
N ALA D 13 -13.28 -20.60 62.71
CA ALA D 13 -13.58 -20.91 61.37
CA ALA D 13 -13.54 -21.03 61.34
C ALA D 13 -15.00 -21.43 61.18
C ALA D 13 -14.97 -21.53 61.16
N ILE D 14 -15.48 -21.38 59.94
CA ILE D 14 -16.77 -21.97 59.54
C ILE D 14 -16.67 -23.48 59.65
N ALA D 15 -17.82 -24.15 59.56
CA ALA D 15 -17.84 -25.60 59.63
C ALA D 15 -17.13 -26.16 58.39
N THR D 16 -16.34 -27.22 58.60
CA THR D 16 -15.80 -27.93 57.43
C THR D 16 -16.86 -28.84 56.85
N ARG D 17 -16.60 -29.34 55.64
N ARG D 17 -16.61 -29.33 55.64
CA ARG D 17 -17.48 -30.29 54.99
CA ARG D 17 -17.49 -30.28 54.97
C ARG D 17 -16.69 -31.52 54.58
C ARG D 17 -16.70 -31.50 54.52
N VAL D 18 -17.38 -32.63 54.40
CA VAL D 18 -16.76 -33.86 53.92
C VAL D 18 -16.60 -33.72 52.41
N ASN D 19 -15.36 -33.70 51.96
CA ASN D 19 -15.12 -33.58 50.53
C ASN D 19 -15.73 -34.76 49.81
N GLY D 20 -16.25 -34.52 48.60
CA GLY D 20 -16.85 -35.60 47.83
C GLY D 20 -18.33 -35.86 48.08
N THR D 21 -18.97 -35.12 49.01
CA THR D 21 -20.37 -35.38 49.34
C THR D 21 -21.27 -34.82 48.25
N PRO D 22 -22.12 -35.64 47.62
CA PRO D 22 -23.06 -35.11 46.60
C PRO D 22 -24.12 -34.25 47.28
N PRO D 23 -24.74 -33.34 46.54
CA PRO D 23 -25.83 -32.54 47.10
C PRO D 23 -27.00 -33.44 47.45
N PRO D 24 -27.72 -33.14 48.53
CA PRO D 24 -28.95 -33.89 48.81
C PRO D 24 -29.86 -33.85 47.60
N GLU D 25 -30.62 -34.93 47.44
N GLU D 25 -30.59 -34.94 47.39
CA GLU D 25 -31.51 -35.06 46.29
CA GLU D 25 -31.40 -35.08 46.17
C GLU D 25 -32.45 -33.88 46.20
C GLU D 25 -32.50 -34.01 46.14
N VAL D 26 -32.66 -33.39 44.99
CA VAL D 26 -33.63 -32.31 44.77
C VAL D 26 -34.71 -32.84 43.83
N PRO D 27 -35.96 -32.99 44.29
CA PRO D 27 -37.01 -33.49 43.40
C PRO D 27 -37.22 -32.52 42.26
N ILE D 28 -37.51 -33.08 41.08
CA ILE D 28 -37.60 -32.22 39.90
C ILE D 28 -38.71 -31.19 40.07
N ALA D 29 -39.78 -31.52 40.80
CA ALA D 29 -40.87 -30.58 41.05
C ALA D 29 -40.42 -29.36 41.84
N ASP D 30 -39.30 -29.43 42.54
CA ASP D 30 -38.81 -28.30 43.31
C ASP D 30 -37.96 -27.33 42.50
N ILE D 31 -37.61 -27.66 41.27
CA ILE D 31 -36.64 -26.87 40.52
C ILE D 31 -37.40 -25.76 39.82
N GLU D 32 -37.00 -24.51 40.04
CA GLU D 32 -37.69 -23.35 39.49
C GLU D 32 -36.66 -22.42 38.87
N LEU D 33 -36.07 -22.81 37.74
CA LEU D 33 -35.03 -21.96 37.17
C LEU D 33 -35.58 -20.61 36.69
N GLY D 34 -36.90 -20.51 36.52
CA GLY D 34 -37.55 -19.27 36.10
C GLY D 34 -37.99 -18.39 37.24
N SER D 35 -37.59 -18.70 38.47
CA SER D 35 -37.99 -17.91 39.63
C SER D 35 -36.75 -17.29 40.23
N LEU D 36 -36.75 -15.97 40.40
CA LEU D 36 -35.57 -15.32 41.00
C LEU D 36 -35.29 -15.91 42.39
N ASP D 37 -36.36 -16.25 43.12
CA ASP D 37 -36.20 -16.77 44.47
C ASP D 37 -35.33 -18.02 44.48
N PHE D 38 -35.43 -18.85 43.44
CA PHE D 38 -34.62 -20.06 43.34
C PHE D 38 -33.13 -19.74 43.37
N TRP D 39 -32.72 -18.63 42.73
CA TRP D 39 -31.31 -18.29 42.62
C TRP D 39 -30.77 -17.74 43.93
N ALA D 40 -31.65 -17.44 44.87
CA ALA D 40 -31.23 -17.08 46.22
C ALA D 40 -30.91 -18.28 47.08
N LEU D 41 -31.38 -19.47 46.70
CA LEU D 41 -31.10 -20.69 47.49
C LEU D 41 -29.62 -21.07 47.42
N ASP D 42 -29.21 -21.88 48.39
CA ASP D 42 -27.78 -22.14 48.51
C ASP D 42 -27.31 -23.12 47.45
N ASP D 43 -25.99 -23.24 47.37
CA ASP D 43 -25.39 -24.01 46.29
C ASP D 43 -25.75 -25.47 46.36
N ASP D 44 -25.99 -26.00 47.56
N ASP D 44 -26.01 -26.01 47.55
CA ASP D 44 -26.39 -27.41 47.66
CA ASP D 44 -26.39 -27.42 47.60
C ASP D 44 -27.72 -27.63 46.93
C ASP D 44 -27.73 -27.64 46.91
N VAL D 45 -28.68 -26.72 47.12
CA VAL D 45 -29.95 -26.83 46.41
C VAL D 45 -29.73 -26.66 44.92
N ARG D 46 -28.94 -25.65 44.55
CA ARG D 46 -28.75 -25.37 43.13
C ARG D 46 -27.99 -26.49 42.43
N ASP D 47 -26.92 -26.99 43.06
CA ASP D 47 -26.14 -28.08 42.48
C ASP D 47 -26.98 -29.34 42.39
N GLY D 48 -27.78 -29.63 43.43
CA GLY D 48 -28.64 -30.81 43.33
C GLY D 48 -29.74 -30.66 42.28
N ALA D 49 -30.23 -29.43 42.07
CA ALA D 49 -31.19 -29.20 41.01
C ALA D 49 -30.59 -29.56 39.66
N PHE D 50 -29.40 -29.02 39.36
CA PHE D 50 -28.81 -29.38 38.07
C PHE D 50 -28.45 -30.87 37.98
N ALA D 51 -28.12 -31.51 39.10
CA ALA D 51 -27.86 -32.94 39.04
C ALA D 51 -29.12 -33.69 38.63
N THR D 52 -30.25 -33.25 39.19
CA THR D 52 -31.52 -33.88 38.84
C THR D 52 -31.85 -33.64 37.37
N LEU D 53 -31.63 -32.42 36.87
CA LEU D 53 -31.87 -32.15 35.45
C LEU D 53 -30.94 -32.96 34.56
N ARG D 54 -29.64 -33.05 34.89
CA ARG D 54 -28.76 -33.87 34.04
C ARG D 54 -29.28 -35.29 33.95
N ARG D 55 -29.83 -35.81 35.06
N ARG D 55 -29.85 -35.79 35.05
CA ARG D 55 -30.28 -37.19 35.07
CA ARG D 55 -30.28 -37.19 35.07
C ARG D 55 -31.62 -37.37 34.36
C ARG D 55 -31.64 -37.39 34.40
N GLU D 56 -32.59 -36.50 34.66
CA GLU D 56 -33.98 -36.74 34.26
C GLU D 56 -34.51 -35.82 33.18
N ALA D 57 -33.89 -34.69 32.93
CA ALA D 57 -34.40 -33.70 31.98
C ALA D 57 -33.24 -32.87 31.47
N PRO D 58 -32.29 -33.49 30.75
CA PRO D 58 -31.02 -32.80 30.48
C PRO D 58 -31.17 -31.62 29.53
N ILE D 59 -32.26 -31.54 28.76
CA ILE D 59 -32.61 -30.33 28.03
C ILE D 59 -34.06 -30.01 28.36
N SER D 60 -34.30 -28.83 28.92
CA SER D 60 -35.66 -28.46 29.34
C SER D 60 -35.88 -26.96 29.19
N PHE D 61 -37.15 -26.53 29.11
CA PHE D 61 -37.47 -25.14 28.76
C PHE D 61 -37.96 -24.35 29.96
N TRP D 62 -37.49 -23.10 30.13
CA TRP D 62 -37.75 -22.34 31.34
C TRP D 62 -38.03 -20.90 30.96
N PRO D 63 -38.85 -20.17 31.72
CA PRO D 63 -39.14 -18.78 31.38
C PRO D 63 -38.01 -17.84 31.79
N THR D 64 -37.93 -16.70 31.07
CA THR D 64 -37.03 -15.60 31.46
C THR D 64 -37.44 -15.05 32.80
N ILE D 65 -36.46 -14.73 33.66
CA ILE D 65 -36.77 -14.07 34.93
C ILE D 65 -36.94 -12.58 34.68
N GLU D 66 -38.08 -12.03 35.04
CA GLU D 66 -38.37 -10.62 34.86
C GLU D 66 -37.81 -9.81 36.01
N LEU D 67 -37.03 -8.78 35.70
CA LEU D 67 -36.65 -7.81 36.71
C LEU D 67 -37.16 -6.45 36.23
N PRO D 68 -37.24 -5.46 37.13
CA PRO D 68 -37.77 -4.15 36.74
C PRO D 68 -36.98 -3.60 35.57
N GLY D 69 -37.70 -3.17 34.54
CA GLY D 69 -37.05 -2.60 33.38
C GLY D 69 -36.67 -3.61 32.32
N PHE D 70 -36.81 -4.89 32.61
CA PHE D 70 -36.44 -5.88 31.61
C PHE D 70 -37.45 -5.90 30.47
N VAL D 71 -36.93 -6.24 29.29
CA VAL D 71 -37.78 -6.50 28.13
C VAL D 71 -38.45 -7.84 28.35
N THR D 72 -39.74 -7.94 28.02
N THR D 72 -39.75 -7.94 28.05
CA THR D 72 -40.41 -9.24 28.10
CA THR D 72 -40.39 -9.25 28.10
C THR D 72 -39.76 -10.22 27.12
C THR D 72 -39.66 -10.19 27.15
N GLY D 73 -39.42 -11.41 27.59
CA GLY D 73 -38.61 -12.33 26.80
C GLY D 73 -39.19 -13.72 26.78
N ASN D 74 -39.00 -14.40 25.65
CA ASN D 74 -39.33 -15.82 25.56
C ASN D 74 -38.41 -16.64 26.47
N GLY D 75 -38.83 -17.86 26.76
CA GLY D 75 -38.03 -18.76 27.60
C GLY D 75 -36.79 -19.30 26.88
N HIS D 76 -36.09 -20.20 27.56
CA HIS D 76 -34.83 -20.73 27.04
C HIS D 76 -34.72 -22.23 27.31
N TRP D 77 -34.03 -22.91 26.39
CA TRP D 77 -33.71 -24.33 26.56
C TRP D 77 -32.42 -24.45 27.36
N ALA D 78 -32.46 -25.07 28.54
CA ALA D 78 -31.28 -25.18 29.40
C ALA D 78 -30.46 -26.41 29.02
N LEU D 79 -29.22 -26.20 28.57
CA LEU D 79 -28.32 -27.29 28.28
C LEU D 79 -27.52 -27.56 29.54
N THR D 80 -27.75 -28.71 30.15
CA THR D 80 -27.11 -29.01 31.44
C THR D 80 -25.99 -30.02 31.30
N LYS D 81 -25.86 -30.68 30.14
CA LYS D 81 -24.83 -31.71 29.99
C LYS D 81 -23.58 -31.12 29.37
N TYR D 82 -22.43 -31.60 29.84
CA TYR D 82 -21.13 -31.15 29.36
C TYR D 82 -21.03 -31.24 27.83
N ASP D 83 -21.34 -32.40 27.27
N ASP D 83 -21.37 -32.41 27.26
CA ASP D 83 -21.19 -32.57 25.83
CA ASP D 83 -21.17 -32.57 25.82
C ASP D 83 -22.05 -31.58 25.04
C ASP D 83 -22.07 -31.63 25.01
N ASP D 84 -23.25 -31.28 25.53
CA ASP D 84 -24.13 -30.36 24.82
C ASP D 84 -23.60 -28.93 24.91
N VAL D 85 -23.07 -28.54 26.08
CA VAL D 85 -22.53 -27.19 26.21
C VAL D 85 -21.30 -27.04 25.33
N PHE D 86 -20.47 -28.07 25.29
CA PHE D 86 -19.27 -28.09 24.44
C PHE D 86 -19.65 -27.95 22.97
N TYR D 87 -20.58 -28.80 22.52
CA TYR D 87 -21.07 -28.73 21.15
C TYR D 87 -21.63 -27.35 20.83
N ALA D 88 -22.53 -26.83 21.67
CA ALA D 88 -23.16 -25.57 21.32
C ALA D 88 -22.13 -24.46 21.22
N SER D 89 -21.16 -24.46 22.15
CA SER D 89 -20.10 -23.44 22.14
C SER D 89 -19.32 -23.45 20.85
N ARG D 90 -19.08 -24.65 20.28
N ARG D 90 -19.10 -24.63 20.27
CA ARG D 90 -18.22 -24.82 19.12
CA ARG D 90 -18.21 -24.70 19.11
C ARG D 90 -18.92 -24.57 17.79
C ARG D 90 -18.93 -24.65 17.77
N HIS D 91 -20.24 -24.42 17.77
CA HIS D 91 -21.01 -24.27 16.53
C HIS D 91 -21.78 -22.96 16.54
N PRO D 92 -21.09 -21.83 16.46
CA PRO D 92 -21.80 -20.54 16.54
C PRO D 92 -22.59 -20.24 15.29
N ASP D 93 -22.34 -20.98 14.19
CA ASP D 93 -23.23 -20.89 13.05
C ASP D 93 -24.66 -21.28 13.42
N ILE D 94 -24.80 -22.24 14.33
CA ILE D 94 -26.12 -22.70 14.80
C ILE D 94 -26.55 -21.94 16.07
N PHE D 95 -25.62 -21.79 17.01
CA PHE D 95 -25.90 -21.15 18.32
C PHE D 95 -25.27 -19.75 18.33
N SER D 96 -26.02 -18.74 17.91
CA SER D 96 -25.47 -17.42 17.68
C SER D 96 -25.33 -16.70 19.03
N SER D 97 -24.30 -15.85 19.15
CA SER D 97 -24.19 -14.94 20.28
C SER D 97 -24.97 -13.64 20.08
N TYR D 98 -25.56 -13.44 18.90
CA TYR D 98 -26.47 -12.34 18.62
C TYR D 98 -27.92 -12.77 18.92
N PRO D 99 -28.75 -11.96 19.63
CA PRO D 99 -28.53 -10.56 19.95
C PRO D 99 -28.00 -10.32 21.35
N ASN D 100 -27.90 -11.36 22.16
CA ASN D 100 -27.43 -11.10 23.54
C ASN D 100 -26.98 -12.41 24.17
N ILE D 101 -26.19 -12.32 25.26
CA ILE D 101 -25.68 -13.53 25.88
C ILE D 101 -26.13 -13.70 27.34
N THR D 102 -27.02 -12.84 27.85
CA THR D 102 -27.85 -13.25 28.97
C THR D 102 -29.22 -13.63 28.44
N ILE D 103 -30.05 -14.19 29.33
CA ILE D 103 -31.33 -14.75 28.85
C ILE D 103 -32.30 -13.64 28.42
N ASN D 104 -32.34 -12.53 29.15
CA ASN D 104 -33.15 -11.40 28.72
C ASN D 104 -32.44 -10.67 27.57
N ASP D 105 -33.15 -9.75 26.92
CA ASP D 105 -32.62 -9.06 25.74
C ASP D 105 -32.31 -7.61 26.07
N GLN D 106 -31.44 -6.98 25.29
CA GLN D 106 -31.13 -5.57 25.54
C GLN D 106 -32.22 -4.67 24.94
N THR D 107 -32.51 -3.56 25.62
CA THR D 107 -33.25 -2.47 24.99
C THR D 107 -32.36 -1.73 24.00
N PRO D 108 -32.95 -0.91 23.12
CA PRO D 108 -32.10 -0.08 22.24
C PRO D 108 -31.20 0.86 23.03
N GLU D 109 -31.68 1.37 24.18
CA GLU D 109 -30.85 2.26 25.01
C GLU D 109 -29.62 1.54 25.54
N LEU D 110 -29.79 0.29 25.97
CA LEU D 110 -28.67 -0.48 26.53
C LEU D 110 -27.66 -0.85 25.45
N ALA D 111 -28.10 -1.00 24.20
CA ALA D 111 -27.20 -1.36 23.11
C ALA D 111 -26.12 -0.31 22.87
N GLU D 112 -26.34 0.92 23.34
N GLU D 112 -26.34 0.93 23.32
CA GLU D 112 -25.33 1.97 23.31
CA GLU D 112 -25.26 1.91 23.24
C GLU D 112 -24.13 1.65 24.18
C GLU D 112 -24.06 1.51 24.09
N TYR D 113 -24.29 0.81 25.20
CA TYR D 113 -23.24 0.50 26.15
C TYR D 113 -22.83 -0.96 26.14
N PHE D 114 -23.74 -1.85 25.70
CA PHE D 114 -23.47 -3.29 25.81
C PHE D 114 -23.42 -3.99 24.45
N GLY D 115 -23.34 -3.24 23.35
CA GLY D 115 -23.22 -3.86 22.04
C GLY D 115 -21.76 -4.08 21.70
N SER D 116 -21.08 -4.91 22.46
CA SER D 116 -19.67 -5.20 22.26
C SER D 116 -19.50 -6.47 21.43
N MET D 117 -18.25 -6.93 21.29
CA MET D 117 -18.00 -8.15 20.53
C MET D 117 -18.59 -9.39 21.16
N ILE D 118 -18.95 -9.35 22.46
CA ILE D 118 -19.44 -10.60 23.05
C ILE D 118 -20.86 -10.92 22.57
N VAL D 119 -21.58 -9.94 22.01
CA VAL D 119 -22.90 -10.18 21.44
C VAL D 119 -22.86 -10.07 19.93
N LEU D 120 -21.71 -10.37 19.34
CA LEU D 120 -21.59 -10.44 17.89
C LEU D 120 -21.04 -11.79 17.47
N ASP D 121 -21.37 -12.20 16.24
CA ASP D 121 -20.71 -13.33 15.63
C ASP D 121 -19.58 -12.85 14.74
N ASP D 122 -18.77 -13.79 14.29
CA ASP D 122 -17.78 -13.50 13.27
C ASP D 122 -18.47 -13.16 11.94
N PRO D 123 -17.83 -12.35 11.09
CA PRO D 123 -16.45 -11.85 11.18
C PRO D 123 -16.24 -10.68 12.12
N ARG D 124 -17.28 -9.88 12.40
CA ARG D 124 -17.03 -8.64 13.11
C ARG D 124 -16.46 -8.93 14.49
N HIS D 125 -16.96 -9.98 15.15
CA HIS D 125 -16.44 -10.31 16.47
C HIS D 125 -14.92 -10.51 16.47
N GLN D 126 -14.40 -11.34 15.54
N GLN D 126 -14.42 -11.33 15.55
CA GLN D 126 -12.97 -11.61 15.63
CA GLN D 126 -12.98 -11.62 15.57
C GLN D 126 -12.15 -10.40 15.20
C GLN D 126 -12.17 -10.39 15.20
N ARG D 127 -12.69 -9.56 14.29
CA ARG D 127 -11.99 -8.32 13.92
C ARG D 127 -11.86 -7.42 15.14
N LEU D 128 -12.90 -7.38 15.98
CA LEU D 128 -12.81 -6.57 17.21
C LEU D 128 -11.83 -7.20 18.18
N ARG D 129 -11.96 -8.50 18.41
CA ARG D 129 -11.14 -9.15 19.42
C ARG D 129 -9.66 -9.01 19.08
N SER D 130 -9.34 -9.01 17.78
CA SER D 130 -7.94 -8.88 17.39
C SER D 130 -7.33 -7.54 17.74
N ILE D 131 -8.13 -6.52 18.04
CA ILE D 131 -7.56 -5.23 18.45
C ILE D 131 -6.81 -5.36 19.77
N VAL D 132 -7.31 -6.19 20.68
CA VAL D 132 -6.75 -6.27 22.03
C VAL D 132 -6.12 -7.61 22.34
N SER D 133 -6.22 -8.60 21.45
CA SER D 133 -5.93 -9.94 21.98
C SER D 133 -4.44 -10.15 22.22
N ARG D 134 -3.55 -9.43 21.53
CA ARG D 134 -2.12 -9.54 21.82
C ARG D 134 -1.84 -9.26 23.31
N ALA D 135 -2.53 -8.26 23.85
CA ALA D 135 -2.28 -7.82 25.23
C ALA D 135 -2.70 -8.87 26.24
N PHE D 136 -3.50 -9.86 25.82
CA PHE D 136 -3.93 -10.92 26.74
C PHE D 136 -3.24 -12.26 26.52
N THR D 137 -2.26 -12.32 25.61
CA THR D 137 -1.57 -13.57 25.38
C THR D 137 -0.63 -13.88 26.55
N PRO D 138 -0.33 -15.15 26.80
CA PRO D 138 0.55 -15.49 27.93
C PRO D 138 1.88 -14.75 27.95
N LYS D 139 2.56 -14.61 26.81
CA LYS D 139 3.86 -13.95 26.82
C LYS D 139 3.74 -12.47 27.17
N VAL D 140 2.63 -11.82 26.82
CA VAL D 140 2.47 -10.42 27.18
C VAL D 140 1.99 -10.29 28.62
N VAL D 141 1.09 -11.18 29.07
CA VAL D 141 0.65 -11.10 30.47
C VAL D 141 1.80 -11.43 31.43
N ALA D 142 2.77 -12.23 30.96
CA ALA D 142 3.98 -12.49 31.76
C ALA D 142 4.71 -11.20 32.13
N ARG D 143 4.56 -10.14 31.34
CA ARG D 143 5.26 -8.90 31.60
C ARG D 143 4.63 -8.12 32.74
N ILE D 144 3.37 -8.38 33.08
CA ILE D 144 2.75 -7.73 34.22
C ILE D 144 2.60 -8.67 35.40
N GLU D 145 3.12 -9.89 35.31
CA GLU D 145 3.17 -10.76 36.49
C GLU D 145 3.74 -10.03 37.71
N ALA D 146 4.83 -9.28 37.54
CA ALA D 146 5.43 -8.56 38.67
C ALA D 146 4.44 -7.57 39.31
N ALA D 147 3.62 -6.92 38.49
CA ALA D 147 2.63 -5.98 39.02
C ALA D 147 1.47 -6.71 39.68
N VAL D 148 1.04 -7.84 39.12
CA VAL D 148 0.04 -8.67 39.79
C VAL D 148 0.57 -9.10 41.17
N ARG D 149 1.81 -9.57 41.21
CA ARG D 149 2.47 -9.94 42.46
C ARG D 149 2.53 -8.77 43.44
N ASP D 150 2.96 -7.60 42.96
CA ASP D 150 3.09 -6.46 43.85
C ASP D 150 1.74 -6.07 44.44
N ARG D 151 0.70 -6.07 43.61
CA ARG D 151 -0.64 -5.66 44.08
C ARG D 151 -1.15 -6.65 45.11
N ALA D 152 -1.04 -7.95 44.82
CA ALA D 152 -1.50 -8.95 45.80
C ALA D 152 -0.70 -8.87 47.09
N HIS D 153 0.62 -8.69 46.99
CA HIS D 153 1.45 -8.63 48.20
C HIS D 153 1.07 -7.43 49.06
N ARG D 154 0.91 -6.26 48.44
CA ARG D 154 0.57 -5.07 49.21
C ARG D 154 -0.80 -5.21 49.84
N LEU D 155 -1.75 -5.79 49.11
CA LEU D 155 -3.10 -5.92 49.63
C LEU D 155 -3.14 -6.85 50.85
N VAL D 156 -2.45 -7.99 50.77
CA VAL D 156 -2.47 -8.88 51.94
C VAL D 156 -1.73 -8.24 53.11
N SER D 157 -0.61 -7.56 52.83
N SER D 157 -0.61 -7.56 52.84
CA SER D 157 0.11 -6.85 53.89
CA SER D 157 0.10 -6.87 53.91
C SER D 157 -0.78 -5.82 54.57
C SER D 157 -0.77 -5.81 54.57
N SER D 158 -1.59 -5.14 53.77
CA SER D 158 -2.46 -4.09 54.30
C SER D 158 -3.57 -4.71 55.14
N MET D 159 -4.09 -5.87 54.72
CA MET D 159 -5.04 -6.62 55.56
C MET D 159 -4.48 -6.85 56.93
N ILE D 160 -3.22 -7.32 56.99
CA ILE D 160 -2.63 -7.60 58.29
C ILE D 160 -2.42 -6.31 59.10
N ALA D 161 -1.84 -5.29 58.46
CA ALA D 161 -1.52 -4.05 59.17
C ALA D 161 -2.75 -3.29 59.68
N ASN D 162 -3.85 -3.33 58.94
CA ASN D 162 -4.96 -2.46 59.25
C ASN D 162 -6.12 -3.16 59.95
N ASN D 163 -5.95 -4.45 60.30
CA ASN D 163 -6.95 -5.21 61.03
C ASN D 163 -6.31 -5.94 62.20
N PRO D 164 -5.93 -5.22 63.25
CA PRO D 164 -5.26 -5.85 64.40
C PRO D 164 -6.15 -6.81 65.19
N ASP D 165 -7.47 -6.79 65.03
N ASP D 165 -7.47 -6.77 65.00
CA ASP D 165 -8.26 -7.90 65.55
CA ASP D 165 -8.36 -7.83 65.45
C ASP D 165 -8.20 -9.12 64.62
C ASP D 165 -8.21 -9.10 64.62
N ARG D 166 -7.46 -9.04 63.52
CA ARG D 166 -7.28 -10.16 62.56
C ARG D 166 -8.60 -10.62 61.96
N GLN D 167 -9.48 -9.65 61.69
N GLN D 167 -9.49 -9.68 61.66
CA GLN D 167 -10.78 -9.81 61.03
CA GLN D 167 -10.74 -9.98 60.97
C GLN D 167 -10.77 -8.94 59.78
C GLN D 167 -10.91 -8.98 59.83
N ALA D 168 -11.22 -9.48 58.64
CA ALA D 168 -11.42 -8.61 57.49
C ALA D 168 -12.34 -9.31 56.50
N ASP D 169 -12.96 -8.51 55.62
CA ASP D 169 -13.73 -9.05 54.50
C ASP D 169 -12.78 -9.39 53.34
N LEU D 170 -12.64 -10.67 53.01
CA LEU D 170 -11.75 -11.03 51.90
C LEU D 170 -12.12 -10.32 50.59
N VAL D 171 -13.40 -10.09 50.35
CA VAL D 171 -13.80 -9.56 49.04
C VAL D 171 -13.34 -8.12 48.92
N SER D 172 -13.60 -7.27 49.94
CA SER D 172 -13.22 -5.88 49.77
C SER D 172 -11.73 -5.65 49.95
N GLU D 173 -11.01 -6.53 50.64
N GLU D 173 -11.03 -6.52 50.68
CA GLU D 173 -9.63 -6.23 50.94
CA GLU D 173 -9.64 -6.29 50.99
C GLU D 173 -8.63 -7.00 50.08
C GLU D 173 -8.67 -6.90 49.97
N LEU D 174 -9.09 -7.98 49.30
CA LEU D 174 -8.19 -8.69 48.41
C LEU D 174 -8.87 -9.11 47.11
N ALA D 175 -9.98 -9.88 47.20
CA ALA D 175 -10.45 -10.58 46.02
C ALA D 175 -11.00 -9.61 44.99
N GLY D 176 -11.65 -8.55 45.44
CA GLY D 176 -12.05 -7.45 44.61
C GLY D 176 -10.93 -6.57 44.08
N PRO D 177 -10.13 -5.98 44.97
CA PRO D 177 -9.21 -4.93 44.53
C PRO D 177 -8.01 -5.42 43.73
N LEU D 178 -7.63 -6.71 43.84
CA LEU D 178 -6.50 -7.19 43.06
C LEU D 178 -6.83 -7.22 41.57
N PRO D 179 -7.86 -7.95 41.13
CA PRO D 179 -8.19 -7.93 39.69
C PRO D 179 -8.63 -6.55 39.21
N LEU D 180 -9.28 -5.77 40.09
CA LEU D 180 -9.70 -4.42 39.73
C LEU D 180 -8.51 -3.59 39.28
N GLN D 181 -7.44 -3.58 40.09
CA GLN D 181 -6.32 -2.74 39.74
C GLN D 181 -5.65 -3.24 38.47
N ILE D 182 -5.54 -4.56 38.32
CA ILE D 182 -4.81 -5.07 37.16
C ILE D 182 -5.53 -4.71 35.85
N ILE D 183 -6.83 -4.95 35.77
CA ILE D 183 -7.50 -4.65 34.50
C ILE D 183 -7.61 -3.12 34.31
N CYS D 184 -7.83 -2.36 35.39
CA CYS D 184 -7.92 -0.92 35.20
C CYS D 184 -6.60 -0.33 34.73
N ASP D 185 -5.47 -0.84 35.25
CA ASP D 185 -4.17 -0.35 34.78
C ASP D 185 -3.91 -0.79 33.34
N MET D 186 -4.34 -2.00 32.96
CA MET D 186 -4.20 -2.37 31.54
C MET D 186 -5.00 -1.42 30.64
N MET D 187 -6.16 -0.97 31.10
CA MET D 187 -6.95 -0.05 30.30
C MET D 187 -6.36 1.34 30.25
N GLY D 188 -5.50 1.67 31.22
CA GLY D 188 -5.01 3.04 31.34
C GLY D 188 -5.83 3.96 32.21
N ILE D 189 -6.72 3.41 33.04
CA ILE D 189 -7.55 4.25 33.91
C ILE D 189 -6.71 4.71 35.09
N PRO D 190 -6.67 6.00 35.40
CA PRO D 190 -5.88 6.43 36.56
C PRO D 190 -6.37 5.77 37.85
N LYS D 191 -5.40 5.43 38.72
CA LYS D 191 -5.69 4.83 40.02
C LYS D 191 -6.80 5.56 40.78
N ALA D 192 -6.84 6.89 40.69
CA ALA D 192 -7.84 7.64 41.44
C ALA D 192 -9.26 7.22 41.09
N ASP D 193 -9.48 6.64 39.90
CA ASP D 193 -10.83 6.31 39.46
C ASP D 193 -11.17 4.81 39.55
N HIS D 194 -10.26 3.98 40.05
CA HIS D 194 -10.53 2.54 40.03
C HIS D 194 -11.75 2.20 40.87
N GLN D 195 -11.89 2.80 42.06
CA GLN D 195 -13.06 2.45 42.86
C GLN D 195 -14.37 2.91 42.21
N ARG D 196 -14.36 4.02 41.47
N ARG D 196 -14.37 4.02 41.49
CA ARG D 196 -15.57 4.41 40.75
CA ARG D 196 -15.56 4.42 40.75
C ARG D 196 -15.92 3.38 39.69
C ARG D 196 -15.92 3.37 39.70
N ILE D 197 -14.91 2.92 38.95
CA ILE D 197 -15.13 1.86 37.96
C ILE D 197 -15.73 0.64 38.62
N PHE D 198 -15.16 0.25 39.78
CA PHE D 198 -15.61 -0.95 40.48
C PHE D 198 -17.05 -0.79 40.95
N HIS D 199 -17.44 0.40 41.44
CA HIS D 199 -18.84 0.57 41.82
C HIS D 199 -19.73 0.36 40.61
N TRP D 200 -19.35 0.96 39.47
CA TRP D 200 -20.18 0.80 38.28
C TRP D 200 -20.29 -0.67 37.86
N THR D 201 -19.18 -1.40 37.84
CA THR D 201 -19.26 -2.79 37.37
C THR D 201 -19.99 -3.66 38.37
N ASN D 202 -19.88 -3.35 39.67
CA ASN D 202 -20.65 -4.09 40.67
C ASN D 202 -22.14 -3.93 40.42
N VAL D 203 -22.56 -2.72 40.05
CA VAL D 203 -23.98 -2.50 39.78
C VAL D 203 -24.38 -3.20 38.48
N ILE D 204 -23.53 -3.08 37.46
CA ILE D 204 -23.92 -3.60 36.14
C ILE D 204 -24.19 -5.09 36.21
N LEU D 205 -23.36 -5.82 36.95
CA LEU D 205 -23.57 -7.25 37.12
C LEU D 205 -24.12 -7.61 38.50
N GLY D 206 -24.82 -6.69 39.15
CA GLY D 206 -25.48 -7.01 40.40
C GLY D 206 -26.96 -6.66 40.42
N PHE D 207 -27.51 -6.35 39.25
CA PHE D 207 -28.87 -5.82 39.18
C PHE D 207 -29.87 -6.89 39.55
N GLY D 208 -30.83 -6.53 40.43
CA GLY D 208 -31.77 -7.46 41.01
C GLY D 208 -31.45 -7.86 42.45
N ASP D 209 -30.19 -7.68 42.88
CA ASP D 209 -29.85 -7.90 44.29
C ASP D 209 -30.05 -6.60 45.04
N PRO D 210 -30.87 -6.56 46.07
CA PRO D 210 -31.14 -5.28 46.73
C PRO D 210 -29.91 -4.68 47.38
N ASP D 211 -28.85 -5.47 47.62
CA ASP D 211 -27.62 -4.90 48.17
C ASP D 211 -26.83 -4.14 47.12
N LEU D 212 -27.13 -4.37 45.83
CA LEU D 212 -26.43 -3.72 44.74
C LEU D 212 -27.33 -2.67 44.08
N ALA D 213 -28.37 -3.09 43.35
CA ALA D 213 -29.31 -2.14 42.75
C ALA D 213 -30.54 -2.91 42.29
N THR D 214 -31.71 -2.30 42.49
CA THR D 214 -32.94 -2.84 41.97
C THR D 214 -33.74 -1.82 41.17
N ASP D 215 -33.33 -0.56 41.14
CA ASP D 215 -34.04 0.49 40.43
C ASP D 215 -33.46 0.57 39.03
N PHE D 216 -34.30 0.36 38.00
CA PHE D 216 -33.78 0.35 36.63
C PHE D 216 -33.24 1.72 36.24
N ASP D 217 -33.78 2.81 36.80
CA ASP D 217 -33.22 4.14 36.51
C ASP D 217 -31.78 4.26 37.00
N GLU D 218 -31.49 3.71 38.17
CA GLU D 218 -30.13 3.69 38.68
C GLU D 218 -29.21 2.88 37.77
N PHE D 219 -29.68 1.72 37.29
CA PHE D 219 -28.89 0.92 36.37
C PHE D 219 -28.57 1.72 35.13
N MET D 220 -29.59 2.41 34.58
CA MET D 220 -29.36 3.16 33.35
C MET D 220 -28.42 4.34 33.58
N GLN D 221 -28.47 4.96 34.77
CA GLN D 221 -27.57 6.05 35.10
C GLN D 221 -26.13 5.56 35.23
N VAL D 222 -25.95 4.42 35.89
CA VAL D 222 -24.63 3.82 35.99
C VAL D 222 -24.10 3.51 34.60
N SER D 223 -24.96 2.93 33.75
CA SER D 223 -24.49 2.58 32.40
C SER D 223 -24.06 3.82 31.63
N ALA D 224 -24.88 4.87 31.69
CA ALA D 224 -24.52 6.13 31.05
C ALA D 224 -23.22 6.70 31.63
N ASP D 225 -23.05 6.61 32.96
CA ASP D 225 -21.88 7.25 33.55
C ASP D 225 -20.59 6.51 33.18
N ILE D 226 -20.61 5.18 33.18
CA ILE D 226 -19.38 4.51 32.81
C ILE D 226 -19.14 4.67 31.31
N GLY D 227 -20.20 4.71 30.49
CA GLY D 227 -20.01 5.03 29.07
C GLY D 227 -19.37 6.40 28.85
N ALA D 228 -19.83 7.39 29.61
CA ALA D 228 -19.26 8.74 29.48
C ALA D 228 -17.80 8.75 29.94
N TYR D 229 -17.51 8.06 31.04
CA TYR D 229 -16.12 7.93 31.49
C TYR D 229 -15.24 7.33 30.38
N ALA D 230 -15.68 6.21 29.80
CA ALA D 230 -14.92 5.56 28.73
C ALA D 230 -14.66 6.53 27.61
N THR D 231 -15.70 7.25 27.18
CA THR D 231 -15.54 8.19 26.08
C THR D 231 -14.56 9.29 26.45
N ALA D 232 -14.64 9.83 27.67
CA ALA D 232 -13.72 10.92 28.04
C ALA D 232 -12.28 10.42 28.04
N LEU D 233 -12.06 9.19 28.53
CA LEU D 233 -10.70 8.65 28.54
C LEU D 233 -10.23 8.39 27.11
N ALA D 234 -11.11 7.87 26.27
CA ALA D 234 -10.78 7.69 24.86
C ALA D 234 -10.40 9.02 24.20
N GLU D 235 -11.08 10.10 24.55
N GLU D 235 -11.17 10.07 24.46
CA GLU D 235 -10.72 11.39 23.96
CA GLU D 235 -10.89 11.34 23.81
C GLU D 235 -9.35 11.85 24.45
C GLU D 235 -9.52 11.84 24.20
N ASP D 236 -9.05 11.59 25.73
N ASP D 236 -9.12 11.62 25.45
CA ASP D 236 -7.70 11.83 26.22
CA ASP D 236 -7.76 12.05 25.79
C ASP D 236 -6.66 11.09 25.37
C ASP D 236 -6.68 11.13 25.21
N ARG D 237 -6.93 9.82 25.08
CA ARG D 237 -5.92 8.99 24.37
C ARG D 237 -5.86 9.34 22.87
N ARG D 238 -6.95 9.85 22.30
N ARG D 238 -6.95 9.87 22.32
CA ARG D 238 -6.90 10.30 20.91
CA ARG D 238 -6.93 10.29 20.92
C ARG D 238 -5.86 11.37 20.70
C ARG D 238 -5.96 11.43 20.68
N VAL D 239 -5.64 12.23 21.69
CA VAL D 239 -4.67 13.30 21.54
C VAL D 239 -3.31 12.89 22.11
N ASN D 240 -3.29 12.09 23.16
N ASN D 240 -3.29 12.11 23.19
CA ASN D 240 -2.03 11.74 23.81
CA ASN D 240 -2.04 11.72 23.83
C ASN D 240 -1.98 10.21 23.99
C ASN D 240 -2.02 10.20 23.96
N HIS D 241 -1.30 9.55 23.06
CA HIS D 241 -1.17 8.09 23.12
C HIS D 241 -0.52 7.66 24.43
N HIS D 242 -1.06 6.62 25.08
CA HIS D 242 -0.36 5.85 26.10
C HIS D 242 -0.27 4.40 25.67
N ASP D 243 0.62 3.63 26.31
N ASP D 243 0.68 3.67 26.28
CA ASP D 243 0.70 2.21 26.01
CA ASP D 243 0.72 2.23 26.12
C ASP D 243 -0.32 1.44 26.86
C ASP D 243 -0.36 1.63 27.02
N ASP D 244 -1.60 1.64 26.51
CA ASP D 244 -2.69 1.03 27.25
C ASP D 244 -3.76 0.58 26.26
N LEU D 245 -4.74 -0.17 26.78
CA LEU D 245 -5.77 -0.71 25.90
C LEU D 245 -6.70 0.37 25.37
N THR D 246 -7.00 1.42 26.15
CA THR D 246 -7.87 2.46 25.62
C THR D 246 -7.23 3.12 24.39
N SER D 247 -5.90 3.32 24.43
CA SER D 247 -5.22 3.83 23.25
C SER D 247 -5.33 2.87 22.06
N SER D 248 -5.14 1.56 22.30
N SER D 248 -5.18 1.56 22.30
CA SER D 248 -5.32 0.60 21.20
CA SER D 248 -5.31 0.63 21.18
C SER D 248 -6.71 0.75 20.59
C SER D 248 -6.71 0.69 20.59
N LEU D 249 -7.73 0.86 21.43
CA LEU D 249 -9.11 0.98 20.92
C LEU D 249 -9.30 2.22 20.04
N VAL D 250 -8.79 3.37 20.49
CA VAL D 250 -9.02 4.57 19.69
C VAL D 250 -8.15 4.58 18.44
N GLU D 251 -7.02 3.87 18.45
CA GLU D 251 -6.13 3.92 17.29
C GLU D 251 -6.43 2.85 16.25
N ALA D 252 -7.19 1.82 16.62
CA ALA D 252 -7.46 0.71 15.71
C ALA D 252 -8.22 1.12 14.46
N GLU D 253 -7.88 0.45 13.36
CA GLU D 253 -8.67 0.51 12.13
C GLU D 253 -9.02 -0.91 11.74
N VAL D 254 -10.29 -1.16 11.43
CA VAL D 254 -10.73 -2.41 10.84
C VAL D 254 -11.08 -2.14 9.38
N ASP D 255 -10.23 -2.60 8.47
CA ASP D 255 -10.39 -2.33 7.04
C ASP D 255 -10.50 -0.83 6.79
N GLY D 256 -9.60 -0.08 7.41
CA GLY D 256 -9.52 1.37 7.22
C GLY D 256 -10.59 2.19 7.91
N GLU D 257 -11.36 1.60 8.82
CA GLU D 257 -12.41 2.29 9.53
C GLU D 257 -12.09 2.30 11.02
N ARG D 258 -12.07 3.48 11.62
CA ARG D 258 -11.92 3.56 13.06
C ARG D 258 -13.18 3.07 13.75
N LEU D 259 -13.04 2.66 15.01
CA LEU D 259 -14.22 2.32 15.82
C LEU D 259 -15.00 3.58 16.12
N SER D 260 -16.32 3.44 16.21
CA SER D 260 -17.20 4.52 16.64
C SER D 260 -17.10 4.69 18.15
N SER D 261 -17.54 5.85 18.65
N SER D 261 -17.61 5.82 18.64
CA SER D 261 -17.50 6.08 20.09
CA SER D 261 -17.57 6.07 20.08
C SER D 261 -18.35 5.05 20.82
C SER D 261 -18.36 5.03 20.85
N ARG D 262 -19.46 4.65 20.22
N ARG D 262 -19.50 4.57 20.30
CA ARG D 262 -20.32 3.60 20.77
CA ARG D 262 -20.25 3.55 21.01
C ARG D 262 -19.55 2.30 20.92
C ARG D 262 -19.53 2.22 20.96
N GLU D 263 -18.80 1.93 19.88
CA GLU D 263 -18.03 0.68 19.89
C GLU D 263 -16.88 0.76 20.89
N ILE D 264 -16.22 1.89 20.98
N ILE D 264 -16.22 1.90 20.95
CA ILE D 264 -15.13 2.04 21.93
CA ILE D 264 -15.14 2.11 21.93
C ILE D 264 -15.67 1.95 23.35
C ILE D 264 -15.67 1.95 23.34
N ALA D 265 -16.77 2.64 23.65
CA ALA D 265 -17.32 2.59 25.01
C ALA D 265 -17.78 1.20 25.36
N SER D 266 -18.46 0.51 24.41
N SER D 266 -18.44 0.49 24.42
CA SER D 266 -18.92 -0.84 24.73
CA SER D 266 -18.91 -0.85 24.75
C SER D 266 -17.75 -1.80 24.91
C SER D 266 -17.75 -1.82 24.91
N PHE D 267 -16.66 -1.62 24.16
CA PHE D 267 -15.49 -2.48 24.34
C PHE D 267 -14.85 -2.24 25.71
N PHE D 268 -14.69 -0.96 26.07
CA PHE D 268 -14.13 -0.58 27.37
C PHE D 268 -14.95 -1.19 28.48
N ILE D 269 -16.27 -1.06 28.38
CA ILE D 269 -17.16 -1.57 29.41
C ILE D 269 -17.07 -3.08 29.52
N LEU D 270 -17.04 -3.77 28.39
CA LEU D 270 -16.91 -5.22 28.43
C LEU D 270 -15.64 -5.64 29.14
N LEU D 271 -14.54 -4.97 28.85
CA LEU D 271 -13.27 -5.37 29.44
C LEU D 271 -13.26 -5.14 30.97
N VAL D 272 -13.73 -3.98 31.42
CA VAL D 272 -13.65 -3.75 32.88
C VAL D 272 -14.71 -4.53 33.62
N VAL D 273 -15.88 -4.75 33.03
CA VAL D 273 -16.88 -5.57 33.68
C VAL D 273 -16.39 -6.99 33.82
N ALA D 274 -15.91 -7.59 32.71
CA ALA D 274 -15.42 -8.96 32.76
C ALA D 274 -14.23 -9.08 33.71
N GLY D 275 -13.29 -8.13 33.67
CA GLY D 275 -12.13 -8.22 34.55
C GLY D 275 -12.47 -8.03 36.02
N ASN D 276 -13.58 -7.33 36.32
CA ASN D 276 -13.90 -6.94 37.71
C ASN D 276 -14.86 -7.89 38.39
N GLU D 277 -15.58 -8.73 37.64
CA GLU D 277 -16.74 -9.43 38.19
C GLU D 277 -16.65 -10.94 37.98
N THR D 278 -15.44 -11.47 37.80
CA THR D 278 -15.21 -12.88 37.57
C THR D 278 -14.13 -13.44 38.49
N THR D 279 -12.88 -13.02 38.29
CA THR D 279 -11.78 -13.53 39.10
C THR D 279 -12.02 -13.34 40.60
N ARG D 280 -12.62 -12.22 40.99
CA ARG D 280 -12.85 -12.01 42.43
C ARG D 280 -13.68 -13.15 43.01
N ASN D 281 -14.61 -13.68 42.22
CA ASN D 281 -15.42 -14.78 42.73
C ASN D 281 -14.68 -16.09 42.69
N ALA D 282 -13.82 -16.31 41.68
CA ALA D 282 -12.97 -17.49 41.77
C ALA D 282 -12.10 -17.48 43.04
N ILE D 283 -11.53 -16.31 43.38
CA ILE D 283 -10.67 -16.25 44.57
C ILE D 283 -11.51 -16.49 45.82
N THR D 284 -12.68 -15.86 45.89
CA THR D 284 -13.46 -15.95 47.12
C THR D 284 -14.03 -17.36 47.32
N HIS D 285 -14.56 -17.96 46.25
CA HIS D 285 -14.98 -19.34 46.35
C HIS D 285 -13.81 -20.24 46.67
N GLY D 286 -12.63 -19.94 46.14
CA GLY D 286 -11.46 -20.76 46.47
C GLY D 286 -11.14 -20.72 47.95
N VAL D 287 -11.18 -19.54 48.57
CA VAL D 287 -10.89 -19.46 50.01
C VAL D 287 -11.99 -20.15 50.81
N LEU D 288 -13.25 -20.02 50.37
CA LEU D 288 -14.33 -20.79 50.96
C LEU D 288 -14.02 -22.29 50.91
N ALA D 289 -13.64 -22.78 49.74
CA ALA D 289 -13.35 -24.22 49.60
C ALA D 289 -12.17 -24.63 50.47
N LEU D 290 -11.11 -23.83 50.52
CA LEU D 290 -10.00 -24.18 51.39
C LEU D 290 -10.45 -24.23 52.84
N SER D 291 -11.39 -23.35 53.21
CA SER D 291 -11.90 -23.34 54.58
C SER D 291 -12.73 -24.59 54.86
N ARG D 292 -13.51 -25.03 53.87
CA ARG D 292 -14.32 -26.22 54.06
C ARG D 292 -13.52 -27.54 53.96
N TYR D 293 -12.42 -27.54 53.21
CA TYR D 293 -11.63 -28.75 52.95
C TYR D 293 -10.17 -28.48 53.32
N PRO D 294 -9.85 -28.45 54.61
CA PRO D 294 -8.49 -28.05 55.00
C PRO D 294 -7.41 -29.00 54.48
N GLU D 295 -7.76 -30.27 54.25
CA GLU D 295 -6.76 -31.20 53.75
C GLU D 295 -6.26 -30.76 52.36
N GLN D 296 -7.11 -30.07 51.60
CA GLN D 296 -6.69 -29.53 50.30
C GLN D 296 -5.79 -28.31 50.49
N ARG D 297 -6.11 -27.44 51.45
N ARG D 297 -6.09 -27.46 51.47
CA ARG D 297 -5.20 -26.34 51.79
CA ARG D 297 -5.20 -26.35 51.78
C ARG D 297 -3.83 -26.90 52.15
C ARG D 297 -3.83 -26.87 52.20
N ASP D 298 -3.80 -27.87 53.07
CA ASP D 298 -2.53 -28.43 53.54
C ASP D 298 -1.71 -29.00 52.39
N ARG D 299 -2.37 -29.76 51.50
CA ARG D 299 -1.64 -30.33 50.37
C ARG D 299 -1.05 -29.22 49.49
N TRP D 300 -1.84 -28.20 49.17
CA TRP D 300 -1.32 -27.14 48.32
C TRP D 300 -0.19 -26.38 49.01
N TRP D 301 -0.36 -26.07 50.29
CA TRP D 301 0.68 -25.32 51.00
C TRP D 301 1.97 -26.13 51.11
N SER D 302 1.86 -27.46 51.10
N SER D 302 1.87 -27.47 51.10
CA SER D 302 3.07 -28.30 51.16
CA SER D 302 3.07 -28.30 51.15
C SER D 302 3.82 -28.33 49.84
C SER D 302 3.86 -28.26 49.85
N ASP D 303 3.23 -27.86 48.75
CA ASP D 303 3.95 -27.86 47.48
C ASP D 303 3.27 -26.87 46.58
N PHE D 304 3.41 -25.59 46.91
CA PHE D 304 2.59 -24.60 46.23
C PHE D 304 2.85 -24.57 44.73
N ASP D 305 4.13 -24.46 44.33
CA ASP D 305 4.44 -24.32 42.91
C ASP D 305 4.11 -25.60 42.14
N GLY D 306 4.28 -26.76 42.77
CA GLY D 306 4.02 -28.01 42.07
C GLY D 306 2.54 -28.21 41.77
N LEU D 307 1.68 -27.88 42.72
N LEU D 307 1.68 -27.88 42.73
CA LEU D 307 0.25 -28.08 42.57
CA LEU D 307 0.24 -28.07 42.60
C LEU D 307 -0.49 -26.88 42.01
C LEU D 307 -0.48 -26.87 41.99
N ALA D 308 0.15 -25.71 41.91
CA ALA D 308 -0.59 -24.52 41.48
C ALA D 308 -1.29 -24.68 40.12
N PRO D 309 -0.69 -25.24 39.07
CA PRO D 309 -1.46 -25.34 37.80
C PRO D 309 -2.79 -26.07 37.93
N THR D 310 -2.78 -27.23 38.59
CA THR D 310 -4.04 -27.94 38.76
C THR D 310 -4.93 -27.31 39.83
N ALA D 311 -4.35 -26.68 40.85
CA ALA D 311 -5.19 -26.09 41.88
C ALA D 311 -5.98 -24.91 41.31
N VAL D 312 -5.32 -24.08 40.48
CA VAL D 312 -6.04 -22.97 39.84
C VAL D 312 -7.19 -23.47 38.97
N GLU D 313 -6.92 -24.50 38.15
CA GLU D 313 -8.01 -24.99 37.30
C GLU D 313 -9.14 -25.53 38.13
N GLU D 314 -8.83 -26.26 39.21
CA GLU D 314 -9.90 -26.81 40.04
C GLU D 314 -10.69 -25.72 40.75
N ILE D 315 -10.04 -24.64 41.18
CA ILE D 315 -10.79 -23.52 41.73
C ILE D 315 -11.76 -22.96 40.70
N VAL D 316 -11.36 -22.87 39.44
CA VAL D 316 -12.31 -22.36 38.44
C VAL D 316 -13.43 -23.37 38.20
N ARG D 317 -13.10 -24.67 38.09
CA ARG D 317 -14.19 -25.64 37.91
C ARG D 317 -15.15 -25.61 39.08
N TRP D 318 -14.62 -25.51 40.28
CA TRP D 318 -15.45 -25.56 41.45
C TRP D 318 -16.33 -24.33 41.53
N ALA D 319 -15.73 -23.16 41.37
CA ALA D 319 -16.45 -21.89 41.52
C ALA D 319 -17.41 -21.61 40.36
N SER D 320 -17.08 -22.07 39.13
CA SER D 320 -17.73 -21.67 37.88
C SER D 320 -18.26 -20.23 37.97
N PRO D 321 -17.36 -19.24 38.01
CA PRO D 321 -17.79 -17.84 38.30
C PRO D 321 -18.84 -17.32 37.36
N VAL D 322 -18.80 -17.73 36.09
CA VAL D 322 -19.86 -17.42 35.14
C VAL D 322 -20.77 -18.63 35.10
N VAL D 323 -22.04 -18.46 35.50
CA VAL D 323 -22.92 -19.63 35.71
C VAL D 323 -23.38 -20.18 34.36
N TYR D 324 -23.73 -19.30 33.43
CA TYR D 324 -24.20 -19.70 32.10
C TYR D 324 -23.86 -18.62 31.11
N MET D 325 -23.97 -18.98 29.82
CA MET D 325 -24.10 -17.97 28.74
C MET D 325 -25.22 -18.39 27.83
N ARG D 326 -25.88 -17.42 27.20
N ARG D 326 -25.92 -17.41 27.23
CA ARG D 326 -27.03 -17.70 26.35
CA ARG D 326 -27.03 -17.66 26.32
C ARG D 326 -26.63 -17.57 24.88
C ARG D 326 -26.55 -17.66 24.89
N ARG D 327 -27.30 -18.37 24.05
CA ARG D 327 -27.15 -18.34 22.60
C ARG D 327 -28.55 -18.27 22.02
N THR D 328 -28.64 -18.05 20.70
CA THR D 328 -29.92 -18.04 20.02
C THR D 328 -29.82 -18.86 18.74
N LEU D 329 -30.75 -19.79 18.55
CA LEU D 329 -30.68 -20.67 17.40
C LEU D 329 -30.93 -19.94 16.10
N THR D 330 -30.09 -20.26 15.10
CA THR D 330 -30.28 -19.75 13.74
C THR D 330 -31.05 -20.72 12.88
N GLN D 331 -31.29 -21.94 13.35
CA GLN D 331 -31.97 -22.97 12.59
C GLN D 331 -32.58 -23.95 13.59
N ASP D 332 -33.59 -24.72 13.14
CA ASP D 332 -34.07 -25.82 13.96
C ASP D 332 -32.95 -26.84 14.19
N ILE D 333 -32.92 -27.41 15.40
N ILE D 333 -32.93 -27.41 15.38
CA ILE D 333 -31.95 -28.46 15.76
CA ILE D 333 -32.03 -28.52 15.66
C ILE D 333 -32.56 -29.41 16.77
C ILE D 333 -32.80 -29.52 16.52
N GLU D 334 -32.22 -30.69 16.67
CA GLU D 334 -32.67 -31.67 17.63
C GLU D 334 -31.45 -32.15 18.40
N LEU D 335 -31.52 -32.05 19.72
N LEU D 335 -31.50 -32.01 19.73
CA LEU D 335 -30.41 -32.44 20.57
CA LEU D 335 -30.40 -32.45 20.57
C LEU D 335 -30.95 -33.35 21.66
C LEU D 335 -30.97 -33.35 21.65
N ARG D 336 -30.38 -34.54 21.81
CA ARG D 336 -30.75 -35.43 22.91
C ARG D 336 -32.25 -35.73 22.86
N GLY D 337 -32.79 -35.84 21.64
CA GLY D 337 -34.20 -36.10 21.43
C GLY D 337 -35.14 -34.92 21.59
N THR D 338 -34.63 -33.71 21.84
CA THR D 338 -35.44 -32.52 22.09
C THR D 338 -35.34 -31.59 20.90
N LYS D 339 -36.47 -31.36 20.23
CA LYS D 339 -36.53 -30.46 19.07
C LYS D 339 -36.59 -29.03 19.53
N MET D 340 -35.66 -28.22 19.06
CA MET D 340 -35.57 -26.80 19.39
C MET D 340 -35.69 -26.02 18.10
N ALA D 341 -36.44 -24.91 18.14
CA ALA D 341 -36.79 -24.20 16.92
C ALA D 341 -35.85 -23.03 16.65
N ALA D 342 -35.65 -22.73 15.35
CA ALA D 342 -34.94 -21.52 14.96
C ALA D 342 -35.50 -20.32 15.70
N GLY D 343 -34.61 -19.48 16.24
CA GLY D 343 -34.97 -18.33 17.01
C GLY D 343 -35.14 -18.58 18.50
N ASP D 344 -35.25 -19.85 18.93
CA ASP D 344 -35.28 -20.15 20.37
C ASP D 344 -33.96 -19.79 21.06
N LYS D 345 -34.07 -19.36 22.33
CA LYS D 345 -32.93 -19.14 23.20
C LYS D 345 -32.45 -20.45 23.79
N VAL D 346 -31.14 -20.54 23.95
CA VAL D 346 -30.50 -21.73 24.53
C VAL D 346 -29.54 -21.24 25.61
N SER D 347 -29.60 -21.82 26.81
CA SER D 347 -28.70 -21.43 27.87
C SER D 347 -27.69 -22.55 28.15
N LEU D 348 -26.42 -22.17 28.22
N LEU D 348 -26.43 -22.18 28.24
CA LEU D 348 -25.31 -23.09 28.39
CA LEU D 348 -25.33 -23.11 28.40
C LEU D 348 -24.89 -23.02 29.85
C LEU D 348 -24.89 -23.02 29.85
N TRP D 349 -25.22 -24.04 30.64
CA TRP D 349 -25.01 -24.01 32.12
C TRP D 349 -23.65 -24.59 32.46
N TYR D 350 -22.65 -23.70 32.49
CA TYR D 350 -21.30 -24.10 32.87
C TYR D 350 -21.25 -24.67 34.27
N CYS D 351 -22.05 -24.10 35.19
N CYS D 351 -22.06 -24.11 35.19
CA CYS D 351 -22.10 -24.64 36.54
CA CYS D 351 -22.10 -24.64 36.54
C CYS D 351 -22.49 -26.11 36.56
C CYS D 351 -22.52 -26.10 36.57
N SER D 352 -23.30 -26.54 35.58
CA SER D 352 -23.77 -27.92 35.51
C SER D 352 -22.80 -28.81 34.73
N ALA D 353 -22.29 -28.29 33.60
CA ALA D 353 -21.28 -29.03 32.85
C ALA D 353 -20.12 -29.40 33.75
N ASN D 354 -19.79 -28.51 34.68
CA ASN D 354 -18.64 -28.68 35.56
C ASN D 354 -18.91 -29.60 36.73
N ARG D 355 -20.09 -30.23 36.77
CA ARG D 355 -20.36 -31.33 37.69
C ARG D 355 -20.87 -32.56 36.94
N ASP D 356 -20.68 -32.61 35.62
CA ASP D 356 -21.37 -33.63 34.85
C ASP D 356 -20.71 -34.99 35.10
N GLU D 357 -21.50 -35.94 35.65
CA GLU D 357 -21.01 -37.22 36.10
C GLU D 357 -20.64 -38.13 34.94
N SER D 358 -21.11 -37.79 33.73
CA SER D 358 -20.69 -38.50 32.51
C SER D 358 -19.29 -38.12 32.06
N LYS D 359 -18.78 -36.99 32.55
N LYS D 359 -18.78 -36.98 32.53
CA LYS D 359 -17.50 -36.44 32.13
CA LYS D 359 -17.47 -36.47 32.13
C LYS D 359 -16.45 -36.42 33.23
C LYS D 359 -16.44 -36.47 33.25
N PHE D 360 -16.81 -36.03 34.45
CA PHE D 360 -15.84 -35.88 35.53
C PHE D 360 -15.95 -37.01 36.52
N ALA D 361 -14.82 -37.66 36.79
CA ALA D 361 -14.74 -38.54 37.94
C ALA D 361 -14.88 -37.71 39.20
N ASP D 362 -15.44 -38.32 40.24
N ASP D 362 -15.49 -38.30 40.21
CA ASP D 362 -15.57 -37.70 41.56
CA ASP D 362 -15.54 -37.69 41.53
C ASP D 362 -15.94 -36.22 41.42
C ASP D 362 -15.96 -36.23 41.45
N PRO D 363 -17.03 -35.91 40.73
CA PRO D 363 -17.32 -34.48 40.44
C PRO D 363 -17.57 -33.64 41.69
N TRP D 364 -17.94 -34.28 42.80
CA TRP D 364 -18.25 -33.52 44.02
C TRP D 364 -17.03 -33.39 44.92
N THR D 365 -15.86 -33.82 44.44
CA THR D 365 -14.61 -33.69 45.17
C THR D 365 -13.86 -32.47 44.65
N PHE D 366 -13.58 -31.55 45.56
CA PHE D 366 -12.66 -30.44 45.35
C PHE D 366 -11.24 -31.02 45.42
N ASP D 367 -10.66 -31.31 44.25
CA ASP D 367 -9.39 -32.06 44.13
C ASP D 367 -8.34 -31.15 43.49
N LEU D 368 -7.45 -30.57 44.31
CA LEU D 368 -6.50 -29.58 43.77
C LEU D 368 -5.45 -30.22 42.88
N ALA D 369 -5.36 -31.56 42.87
CA ALA D 369 -4.48 -32.32 41.97
C ALA D 369 -5.19 -32.84 40.72
N ARG D 370 -6.45 -32.45 40.49
CA ARG D 370 -7.23 -33.05 39.39
C ARG D 370 -6.55 -32.76 38.05
N ASN D 371 -6.28 -33.81 37.29
N ASN D 371 -6.28 -33.83 37.30
CA ASN D 371 -5.53 -33.66 36.04
CA ASN D 371 -5.49 -33.74 36.07
C ASN D 371 -5.74 -34.93 35.22
C ASN D 371 -5.74 -34.97 35.22
N PRO D 372 -6.34 -34.84 34.02
CA PRO D 372 -6.81 -33.63 33.35
C PRO D 372 -7.98 -32.99 34.01
N ASN D 373 -8.32 -31.76 33.59
CA ASN D 373 -9.47 -31.03 34.13
C ASN D 373 -10.03 -30.15 33.04
N PRO D 374 -10.73 -30.73 32.11
CA PRO D 374 -11.27 -30.02 30.94
C PRO D 374 -12.55 -29.26 31.28
N HIS D 375 -12.51 -28.50 32.37
CA HIS D 375 -13.70 -27.79 32.83
C HIS D 375 -14.07 -26.70 31.82
N LEU D 376 -15.33 -26.30 31.88
CA LEU D 376 -15.85 -25.26 31.00
C LEU D 376 -16.03 -23.95 31.72
N GLY D 377 -15.24 -23.69 32.78
CA GLY D 377 -15.40 -22.44 33.53
C GLY D 377 -15.14 -21.22 32.67
N PHE D 378 -14.24 -21.34 31.67
CA PHE D 378 -13.96 -20.26 30.75
C PHE D 378 -14.78 -20.44 29.45
N GLY D 379 -15.83 -21.23 29.51
CA GLY D 379 -16.65 -21.53 28.35
C GLY D 379 -16.28 -22.87 27.74
N GLY D 380 -17.07 -23.26 26.75
CA GLY D 380 -16.87 -24.55 26.11
C GLY D 380 -15.86 -24.58 24.98
N GLY D 381 -15.13 -23.50 24.75
CA GLY D 381 -14.23 -23.42 23.62
C GLY D 381 -14.88 -22.67 22.48
N GLY D 382 -14.13 -22.40 21.45
CA GLY D 382 -14.78 -21.72 20.35
C GLY D 382 -14.47 -20.24 20.36
N ALA D 383 -15.17 -19.54 19.47
CA ALA D 383 -14.79 -18.18 19.08
C ALA D 383 -14.72 -17.23 20.25
N HIS D 384 -15.55 -17.41 21.28
CA HIS D 384 -15.62 -16.45 22.37
C HIS D 384 -14.88 -16.89 23.64
N PHE D 385 -14.05 -17.92 23.57
CA PHE D 385 -13.34 -18.42 24.73
C PHE D 385 -12.67 -17.30 25.51
N CYS D 386 -12.89 -17.29 26.82
CA CYS D 386 -12.52 -16.18 27.69
C CYS D 386 -11.22 -15.49 27.27
N LEU D 387 -11.30 -14.20 26.95
CA LEU D 387 -10.11 -13.44 26.58
C LEU D 387 -9.14 -13.31 27.74
N GLY D 388 -9.68 -13.26 28.94
CA GLY D 388 -8.90 -13.00 30.12
C GLY D 388 -8.34 -14.23 30.80
N ALA D 389 -8.40 -15.42 30.17
CA ALA D 389 -8.18 -16.64 30.93
C ALA D 389 -6.76 -16.72 31.49
N ASN D 390 -5.75 -16.36 30.70
N ASN D 390 -5.76 -16.37 30.69
CA ASN D 390 -4.39 -16.42 31.25
CA ASN D 390 -4.39 -16.38 31.19
C ASN D 390 -4.21 -15.39 32.37
C ASN D 390 -4.21 -15.40 32.34
N LEU D 391 -4.76 -14.18 32.17
CA LEU D 391 -4.69 -13.18 33.20
C LEU D 391 -5.36 -13.66 34.48
N ALA D 392 -6.56 -14.25 34.34
CA ALA D 392 -7.28 -14.71 35.53
C ALA D 392 -6.50 -15.80 36.24
N ARG D 393 -5.92 -16.75 35.46
CA ARG D 393 -5.10 -17.79 36.11
C ARG D 393 -3.96 -17.18 36.93
N ARG D 394 -3.29 -16.15 36.38
N ARG D 394 -3.31 -16.14 36.38
CA ARG D 394 -2.19 -15.56 37.15
CA ARG D 394 -2.21 -15.52 37.10
C ARG D 394 -2.71 -14.84 38.38
C ARG D 394 -2.70 -14.82 38.35
N GLU D 395 -3.82 -14.11 38.24
CA GLU D 395 -4.41 -13.42 39.39
C GLU D 395 -4.74 -14.40 40.50
N ILE D 396 -5.33 -15.54 40.13
CA ILE D 396 -5.74 -16.52 41.15
C ILE D 396 -4.51 -17.10 41.81
N ARG D 397 -3.52 -17.48 41.01
N ARG D 397 -3.51 -17.48 41.01
CA ARG D 397 -2.32 -18.10 41.56
CA ARG D 397 -2.32 -18.11 41.54
C ARG D 397 -1.59 -17.16 42.51
C ARG D 397 -1.60 -17.19 42.53
N VAL D 398 -1.46 -15.88 42.13
N VAL D 398 -1.41 -15.92 42.16
CA VAL D 398 -0.71 -14.96 42.96
CA VAL D 398 -0.65 -15.07 43.06
C VAL D 398 -1.47 -14.64 44.23
C VAL D 398 -1.47 -14.66 44.27
N ALA D 399 -2.80 -14.55 44.14
CA ALA D 399 -3.60 -14.29 45.33
C ALA D 399 -3.40 -15.39 46.37
N PHE D 400 -3.51 -16.65 45.93
CA PHE D 400 -3.31 -17.74 46.92
C PHE D 400 -1.88 -17.80 47.40
N ASP D 401 -0.92 -17.50 46.54
CA ASP D 401 0.46 -17.56 47.00
C ASP D 401 0.72 -16.51 48.07
N GLU D 402 0.15 -15.31 47.90
CA GLU D 402 0.40 -14.28 48.92
C GLU D 402 -0.34 -14.61 50.21
N LEU D 403 -1.53 -15.22 50.12
CA LEU D 403 -2.16 -15.68 51.37
C LEU D 403 -1.31 -16.75 52.05
N ARG D 404 -0.80 -17.72 51.27
CA ARG D 404 0.08 -18.74 51.82
C ARG D 404 1.30 -18.11 52.48
N ARG D 405 1.87 -17.09 51.85
CA ARG D 405 3.12 -16.54 52.38
C ARG D 405 2.90 -15.75 53.66
N GLN D 406 1.80 -14.99 53.73
CA GLN D 406 1.63 -14.01 54.78
C GLN D 406 0.65 -14.43 55.86
N MET D 407 -0.41 -15.17 55.50
CA MET D 407 -1.40 -15.59 56.48
C MET D 407 -1.90 -16.97 56.11
N PRO D 408 -1.03 -17.99 56.19
CA PRO D 408 -1.37 -19.29 55.60
C PRO D 408 -2.62 -19.95 56.18
N ASP D 409 -2.98 -19.65 57.44
CA ASP D 409 -4.19 -20.24 58.01
C ASP D 409 -5.45 -19.36 57.81
N VAL D 410 -5.43 -18.42 56.86
CA VAL D 410 -6.60 -17.58 56.60
C VAL D 410 -7.81 -18.49 56.37
N VAL D 411 -8.92 -18.19 57.06
CA VAL D 411 -10.09 -19.06 56.99
C VAL D 411 -11.36 -18.23 57.12
N ALA D 412 -12.42 -18.63 56.40
CA ALA D 412 -13.69 -17.92 56.50
C ALA D 412 -14.27 -18.08 57.91
N THR D 413 -14.88 -17.01 58.44
CA THR D 413 -15.50 -17.06 59.75
C THR D 413 -17.02 -17.02 59.72
N GLU D 414 -17.62 -16.79 58.56
N GLU D 414 -17.62 -16.79 58.55
CA GLU D 414 -19.05 -17.02 58.45
CA GLU D 414 -19.06 -16.87 58.39
C GLU D 414 -19.35 -17.41 57.01
C GLU D 414 -19.34 -17.40 57.00
N GLU D 415 -20.50 -18.04 56.83
CA GLU D 415 -20.90 -18.42 55.48
C GLU D 415 -21.03 -17.17 54.61
N PRO D 416 -20.64 -17.22 53.34
CA PRO D 416 -20.63 -16.01 52.51
C PRO D 416 -22.04 -15.48 52.25
N ALA D 417 -22.13 -14.16 52.05
CA ALA D 417 -23.35 -13.53 51.54
C ALA D 417 -23.33 -13.69 50.03
N ARG D 418 -24.32 -14.37 49.47
CA ARG D 418 -24.31 -14.70 48.04
C ARG D 418 -25.02 -13.63 47.22
N LEU D 419 -24.40 -13.27 46.11
CA LEU D 419 -25.04 -12.37 45.16
C LEU D 419 -26.32 -13.00 44.61
N LEU D 420 -27.41 -12.22 44.56
CA LEU D 420 -28.65 -12.69 43.96
C LEU D 420 -28.48 -12.53 42.45
N SER D 421 -28.07 -13.60 41.80
CA SER D 421 -27.79 -13.55 40.36
C SER D 421 -27.95 -14.94 39.79
N GLN D 422 -28.53 -14.99 38.58
CA GLN D 422 -28.61 -16.21 37.81
C GLN D 422 -27.38 -16.38 36.92
N PHE D 423 -26.59 -15.32 36.74
CA PHE D 423 -25.55 -15.25 35.72
C PHE D 423 -24.15 -15.32 36.30
N ILE D 424 -23.95 -14.78 37.50
CA ILE D 424 -22.64 -14.59 38.09
C ILE D 424 -22.67 -15.28 39.45
N HIS D 425 -21.71 -16.20 39.69
CA HIS D 425 -21.74 -16.95 40.94
C HIS D 425 -21.08 -16.10 42.04
N GLY D 426 -21.68 -14.95 42.36
CA GLY D 426 -20.98 -13.93 43.13
C GLY D 426 -21.06 -14.16 44.64
N ILE D 427 -19.97 -13.82 45.33
CA ILE D 427 -19.98 -13.69 46.79
C ILE D 427 -19.74 -12.23 47.09
N LYS D 428 -20.68 -11.64 47.83
CA LYS D 428 -20.62 -10.22 48.15
C LYS D 428 -19.61 -9.93 49.24
N THR D 429 -19.60 -10.75 50.28
CA THR D 429 -18.75 -10.58 51.45
C THR D 429 -18.31 -11.96 51.92
N LEU D 430 -17.08 -12.06 52.39
CA LEU D 430 -16.58 -13.28 53.01
C LEU D 430 -15.65 -12.89 54.14
N PRO D 431 -16.17 -12.74 55.37
CA PRO D 431 -15.32 -12.49 56.53
C PRO D 431 -14.33 -13.63 56.75
N VAL D 432 -13.07 -13.27 56.99
CA VAL D 432 -12.01 -14.23 57.26
C VAL D 432 -11.22 -13.76 58.49
N THR D 433 -10.47 -14.71 59.04
CA THR D 433 -9.54 -14.44 60.13
C THR D 433 -8.28 -15.25 59.87
N TRP D 434 -7.22 -14.91 60.59
CA TRP D 434 -5.90 -15.49 60.39
C TRP D 434 -5.15 -15.31 61.71
N SER D 435 -4.05 -16.07 61.86
CA SER D 435 -3.09 -15.85 62.96
C SER D 435 -2.03 -14.83 62.52
#